data_1DUH
# 
_entry.id   1DUH 
# 
_audit_conform.dict_name       mmcif_pdbx.dic 
_audit_conform.dict_version    5.385 
_audit_conform.dict_location   http://mmcif.pdb.org/dictionaries/ascii/mmcif_pdbx.dic 
# 
loop_
_database_2.database_id 
_database_2.database_code 
_database_2.pdbx_database_accession 
_database_2.pdbx_DOI 
PDB   1DUH         pdb_00001duh 10.2210/pdb1duh/pdb 
NDB   UR0009       ?            ?                   
RCSB  RCSB010379   ?            ?                   
WWPDB D_1000010379 ?            ?                   
# 
loop_
_pdbx_audit_revision_history.ordinal 
_pdbx_audit_revision_history.data_content_type 
_pdbx_audit_revision_history.major_revision 
_pdbx_audit_revision_history.minor_revision 
_pdbx_audit_revision_history.revision_date 
1 'Structure model' 1 0 2000-05-08 
2 'Structure model' 1 1 2008-04-27 
3 'Structure model' 1 2 2011-07-13 
4 'Structure model' 1 3 2024-02-07 
# 
_pdbx_audit_revision_details.ordinal             1 
_pdbx_audit_revision_details.revision_ordinal    1 
_pdbx_audit_revision_details.data_content_type   'Structure model' 
_pdbx_audit_revision_details.provider            repository 
_pdbx_audit_revision_details.type                'Initial release' 
_pdbx_audit_revision_details.description         ? 
_pdbx_audit_revision_details.details             ? 
# 
loop_
_pdbx_audit_revision_group.ordinal 
_pdbx_audit_revision_group.revision_ordinal 
_pdbx_audit_revision_group.data_content_type 
_pdbx_audit_revision_group.group 
1 2 'Structure model' 'Version format compliance' 
2 3 'Structure model' 'Version format compliance' 
3 4 'Structure model' 'Data collection'           
4 4 'Structure model' 'Database references'       
5 4 'Structure model' 'Derived calculations'      
# 
loop_
_pdbx_audit_revision_category.ordinal 
_pdbx_audit_revision_category.revision_ordinal 
_pdbx_audit_revision_category.data_content_type 
_pdbx_audit_revision_category.category 
1 4 'Structure model' chem_comp_atom         
2 4 'Structure model' chem_comp_bond         
3 4 'Structure model' database_2             
4 4 'Structure model' pdbx_struct_conn_angle 
5 4 'Structure model' struct_conn            
6 4 'Structure model' struct_conn_type       
7 4 'Structure model' struct_site            
# 
loop_
_pdbx_audit_revision_item.ordinal 
_pdbx_audit_revision_item.revision_ordinal 
_pdbx_audit_revision_item.data_content_type 
_pdbx_audit_revision_item.item 
1  4 'Structure model' '_database_2.pdbx_DOI'                        
2  4 'Structure model' '_database_2.pdbx_database_accession'         
3  4 'Structure model' '_pdbx_struct_conn_angle.ptnr1_auth_seq_id'   
4  4 'Structure model' '_pdbx_struct_conn_angle.ptnr1_label_atom_id' 
5  4 'Structure model' '_pdbx_struct_conn_angle.ptnr1_label_seq_id'  
6  4 'Structure model' '_pdbx_struct_conn_angle.ptnr3_auth_seq_id'   
7  4 'Structure model' '_pdbx_struct_conn_angle.ptnr3_label_atom_id' 
8  4 'Structure model' '_pdbx_struct_conn_angle.ptnr3_label_seq_id'  
9  4 'Structure model' '_struct_conn.conn_type_id'                   
10 4 'Structure model' '_struct_conn.id'                             
11 4 'Structure model' '_struct_conn.pdbx_dist_value'                
12 4 'Structure model' '_struct_conn.pdbx_leaving_atom_flag'         
13 4 'Structure model' '_struct_conn.ptnr1_auth_comp_id'             
14 4 'Structure model' '_struct_conn.ptnr1_auth_seq_id'              
15 4 'Structure model' '_struct_conn.ptnr1_label_asym_id'            
16 4 'Structure model' '_struct_conn.ptnr1_label_atom_id'            
17 4 'Structure model' '_struct_conn.ptnr1_label_comp_id'            
18 4 'Structure model' '_struct_conn.ptnr1_label_seq_id'             
19 4 'Structure model' '_struct_conn.ptnr2_auth_comp_id'             
20 4 'Structure model' '_struct_conn.ptnr2_auth_seq_id'              
21 4 'Structure model' '_struct_conn.ptnr2_label_atom_id'            
22 4 'Structure model' '_struct_conn.ptnr2_label_comp_id'            
23 4 'Structure model' '_struct_conn.ptnr2_label_seq_id'             
24 4 'Structure model' '_struct_conn_type.id'                        
25 4 'Structure model' '_struct_site.pdbx_auth_asym_id'              
26 4 'Structure model' '_struct_site.pdbx_auth_comp_id'              
27 4 'Structure model' '_struct_site.pdbx_auth_seq_id'               
# 
_pdbx_database_status.status_code                     REL 
_pdbx_database_status.entry_id                        1DUH 
_pdbx_database_status.recvd_initial_deposition_date   2000-01-17 
_pdbx_database_status.deposit_site                    RCSB 
_pdbx_database_status.process_site                    RCSB 
_pdbx_database_status.status_code_sf                  REL 
_pdbx_database_status.SG_entry                        . 
_pdbx_database_status.pdb_format_compatible           Y 
_pdbx_database_status.status_code_mr                  ? 
_pdbx_database_status.status_code_cs                  ? 
_pdbx_database_status.status_code_nmr_data            ? 
_pdbx_database_status.methods_development_category    ? 
# 
loop_
_audit_author.name 
_audit_author.pdbx_ordinal 
'Jovine, L.'     1 
'Hainzl, T.'     2 
'Oubridge, C.'   3 
'Scott, W.G.'    4 
'Li, J.'         5 
'Sixma, T.K.'    6 
'Wonacott, A.'   7 
'Skarzynski, T.' 8 
'Nagai, K.'      9 
# 
loop_
_citation.id 
_citation.title 
_citation.journal_abbrev 
_citation.journal_volume 
_citation.page_first 
_citation.page_last 
_citation.year 
_citation.journal_id_ASTM 
_citation.country 
_citation.journal_id_ISSN 
_citation.journal_id_CSD 
_citation.book_publisher 
_citation.pdbx_database_id_PubMed 
_citation.pdbx_database_id_DOI 
primary 'Crystal structure of the ffh and EF-G binding sites in the conserved domain IV of Escherichia coli 4.5S RNA.' 
'Structure Fold.Des.'      8  527  540  2000 FODEFH UK 0969-2126 1263 ? 10801497 '10.1016/S0969-2126(00)00137-4' 
1       'Crystallization and preliminary X-ray analysis of the conserved domain IV of E. coli 4.5S RNA'                
'Acta Crystallogr.,Sect.D' 56 1033 1037 2000 ABCRE6 DK 0907-4449 0766 ? ?        10.1107/S0907444900006910       
# 
loop_
_citation_author.citation_id 
_citation_author.name 
_citation_author.ordinal 
_citation_author.identifier_ORCID 
primary 'Jovine, L.'     1  ? 
primary 'Hainzl, T.'     2  ? 
primary 'Oubridge, C.'   3  ? 
primary 'Scott, W.G.'    4  ? 
primary 'Li, J.'         5  ? 
primary 'Sixma, T.K.'    6  ? 
primary 'Wonacott, A.'   7  ? 
primary 'Skarzynski, T.' 8  ? 
primary 'Nagai, K.'      9  ? 
1       'Jovine, L.'     10 ? 
1       'Hainzl, T.'     11 ? 
1       'Oubridge, C.'   12 ? 
1       'Nagai, K.'      13 ? 
# 
loop_
_entity.id 
_entity.type 
_entity.src_method 
_entity.pdbx_description 
_entity.formula_weight 
_entity.pdbx_number_of_molecules 
_entity.pdbx_ec 
_entity.pdbx_mutation 
_entity.pdbx_fragment 
_entity.details 
1 polymer     syn '4.5S RNA DOMAIN IV' 14663.736 1 ? ? 'DOMAIN IV' ? 
2 non-polymer syn 'LUTETIUM (III) ION' 174.967   1 ? ? ?           ? 
3 non-polymer syn 'MAGNESIUM ION'      24.305    1 ? ? ?           ? 
4 non-polymer syn 'SULFATE ION'        96.063    2 ? ? ?           ? 
5 water       nat water                18.015    6 ? ? ?           ? 
# 
_entity_poly.entity_id                      1 
_entity_poly.type                           polyribonucleotide 
_entity_poly.nstd_linkage                   no 
_entity_poly.nstd_monomer                   yes 
_entity_poly.pdbx_seq_one_letter_code       'CUCUGUUUACCAGGUCAGGUCCGGAAGGAAGCAGCCAAGGCAGA(PGP)' 
_entity_poly.pdbx_seq_one_letter_code_can   CUCUGUUUACCAGGUCAGGUCCGGAAGGAAGCAGCCAAGGCAGAG 
_entity_poly.pdbx_strand_id                 A 
_entity_poly.pdbx_target_identifier         ? 
# 
loop_
_pdbx_entity_nonpoly.entity_id 
_pdbx_entity_nonpoly.name 
_pdbx_entity_nonpoly.comp_id 
2 'LUTETIUM (III) ION' LU  
3 'MAGNESIUM ION'      MG  
4 'SULFATE ION'        SO4 
5 water                HOH 
# 
loop_
_entity_poly_seq.entity_id 
_entity_poly_seq.num 
_entity_poly_seq.mon_id 
_entity_poly_seq.hetero 
1 1  C   n 
1 2  U   n 
1 3  C   n 
1 4  U   n 
1 5  G   n 
1 6  U   n 
1 7  U   n 
1 8  U   n 
1 9  A   n 
1 10 C   n 
1 11 C   n 
1 12 A   n 
1 13 G   n 
1 14 G   n 
1 15 U   n 
1 16 C   n 
1 17 A   n 
1 18 G   n 
1 19 G   n 
1 20 U   n 
1 21 C   n 
1 22 C   n 
1 23 G   n 
1 24 G   n 
1 25 A   n 
1 26 A   n 
1 27 G   n 
1 28 G   n 
1 29 A   n 
1 30 A   n 
1 31 G   n 
1 32 C   n 
1 33 A   n 
1 34 G   n 
1 35 C   n 
1 36 C   n 
1 37 A   n 
1 38 A   n 
1 39 G   n 
1 40 G   n 
1 41 C   n 
1 42 A   n 
1 43 G   n 
1 44 A   n 
1 45 PGP n 
# 
_pdbx_entity_src_syn.entity_id              1 
_pdbx_entity_src_syn.pdbx_src_id            1 
_pdbx_entity_src_syn.pdbx_alt_source_flag   sample 
_pdbx_entity_src_syn.pdbx_beg_seq_num       ? 
_pdbx_entity_src_syn.pdbx_end_seq_num       ? 
_pdbx_entity_src_syn.organism_scientific    ? 
_pdbx_entity_src_syn.organism_common_name   ? 
_pdbx_entity_src_syn.ncbi_taxonomy_id       ? 
_pdbx_entity_src_syn.details                
;RNA SEQUENCE TAKEN FROM ESCHERICHIA COLI 4.5S RNA. THE RNA WAS PRODUCED BY T7 RNA POLYMERASE IN VITRO TRANSCRIPTION USING RIBOZYME TECHNOLOGY
;
# 
loop_
_chem_comp.id 
_chem_comp.type 
_chem_comp.mon_nstd_flag 
_chem_comp.name 
_chem_comp.pdbx_synonyms 
_chem_comp.formula 
_chem_comp.formula_weight 
A   'RNA linking' y "ADENOSINE-5'-MONOPHOSPHATE"  ?  'C10 H14 N5 O7 P'   347.221 
C   'RNA linking' y "CYTIDINE-5'-MONOPHOSPHATE"   ?  'C9 H14 N3 O8 P'    323.197 
G   'RNA linking' y "GUANOSINE-5'-MONOPHOSPHATE"  ?  'C10 H14 N5 O8 P'   363.221 
HOH non-polymer   . WATER                         ?  'H2 O'              18.015  
LU  non-polymer   . 'LUTETIUM (III) ION'          LU 'Lu 3'              174.967 
MG  non-polymer   . 'MAGNESIUM ION'               ?  'Mg 2'              24.305  
PGP 'RNA linking' n "GUANOSINE-3',5'-DIPHOSPHATE" ?  'C10 H15 N5 O11 P2' 443.201 
SO4 non-polymer   . 'SULFATE ION'                 ?  'O4 S -2'           96.063  
U   'RNA linking' y "URIDINE-5'-MONOPHOSPHATE"    ?  'C9 H13 N2 O9 P'    324.181 
# 
loop_
_pdbx_poly_seq_scheme.asym_id 
_pdbx_poly_seq_scheme.entity_id 
_pdbx_poly_seq_scheme.seq_id 
_pdbx_poly_seq_scheme.mon_id 
_pdbx_poly_seq_scheme.ndb_seq_num 
_pdbx_poly_seq_scheme.pdb_seq_num 
_pdbx_poly_seq_scheme.auth_seq_num 
_pdbx_poly_seq_scheme.pdb_mon_id 
_pdbx_poly_seq_scheme.auth_mon_id 
_pdbx_poly_seq_scheme.pdb_strand_id 
_pdbx_poly_seq_scheme.pdb_ins_code 
_pdbx_poly_seq_scheme.hetero 
A 1 1  C   1  31 31 C   C   A . n 
A 1 2  U   2  32 32 U   U   A . n 
A 1 3  C   3  33 33 C   C   A . n 
A 1 4  U   4  34 34 U   U   A . n 
A 1 5  G   5  35 35 G   G   A . n 
A 1 6  U   6  36 36 U   U   A . n 
A 1 7  U   7  37 37 U   U   A . n 
A 1 8  U   8  38 38 U   U   A . n 
A 1 9  A   9  39 39 A   A   A . n 
A 1 10 C   10 40 40 C   C   A . n 
A 1 11 C   11 41 41 C   C   A . n 
A 1 12 A   12 42 42 A   A   A . n 
A 1 13 G   13 43 43 G   G   A . n 
A 1 14 G   14 44 44 G   G   A . n 
A 1 15 U   15 45 45 U   U   A . n 
A 1 16 C   16 46 46 C   C   A . n 
A 1 17 A   17 47 47 A   A   A . n 
A 1 18 G   18 48 48 G   G   A . n 
A 1 19 G   19 49 49 G   G   A . n 
A 1 20 U   20 50 50 U   U   A . n 
A 1 21 C   21 51 51 C   C   A . n 
A 1 22 C   22 52 52 C   C   A . n 
A 1 23 G   23 53 53 G   G   A . n 
A 1 24 G   24 54 54 G   G   A . n 
A 1 25 A   25 55 55 A   A   A . n 
A 1 26 A   26 56 56 A   A   A . n 
A 1 27 G   27 57 57 G   G   A . n 
A 1 28 G   28 58 58 G   G   A . n 
A 1 29 A   29 59 59 A   A   A . n 
A 1 30 A   30 60 60 A   A   A . n 
A 1 31 G   31 61 61 G   G   A . n 
A 1 32 C   32 62 62 C   C   A . n 
A 1 33 A   33 63 63 A   A   A . n 
A 1 34 G   34 64 64 G   G   A . n 
A 1 35 C   35 65 65 C   C   A . n 
A 1 36 C   36 66 66 C   C   A . n 
A 1 37 A   37 67 67 A   A   A . n 
A 1 38 A   38 68 68 A   A   A . n 
A 1 39 G   39 69 69 G   G   A . n 
A 1 40 G   40 70 70 G   G   A . n 
A 1 41 C   41 71 71 C   C   A . n 
A 1 42 A   42 72 72 A   A   A . n 
A 1 43 G   43 73 73 G   G   A . n 
A 1 44 A   44 74 74 A   A   A . n 
A 1 45 PGP 45 75 75 PGP PGP A . n 
# 
loop_
_pdbx_nonpoly_scheme.asym_id 
_pdbx_nonpoly_scheme.entity_id 
_pdbx_nonpoly_scheme.mon_id 
_pdbx_nonpoly_scheme.ndb_seq_num 
_pdbx_nonpoly_scheme.pdb_seq_num 
_pdbx_nonpoly_scheme.auth_seq_num 
_pdbx_nonpoly_scheme.pdb_mon_id 
_pdbx_nonpoly_scheme.auth_mon_id 
_pdbx_nonpoly_scheme.pdb_strand_id 
_pdbx_nonpoly_scheme.pdb_ins_code 
B 2 LU  1 1   1 LU  LU  A . 
C 3 MG  1 2   2 MG  MG  A . 
D 4 SO4 1 3   3 SO4 SO4 A . 
E 4 SO4 1 4   4 SO4 SO4 A . 
F 5 HOH 1 101 1 HOH HOH A . 
F 5 HOH 2 102 2 HOH HOH A . 
F 5 HOH 3 103 3 HOH HOH A . 
F 5 HOH 4 104 4 HOH HOH A . 
F 5 HOH 5 105 5 HOH HOH A . 
F 5 HOH 6 106 6 HOH HOH A . 
# 
loop_
_software.name 
_software.classification 
_software.version 
_software.citation_id 
_software.pdbx_ordinal 
CNS       refinement       . ? 1 
DENZO     'data reduction' . ? 2 
SCALEPACK 'data scaling'   . ? 3 
CNS       phasing          . ? 4 
# 
_cell.entry_id           1DUH 
_cell.length_a           69.697 
_cell.length_b           69.697 
_cell.length_c           84.102 
_cell.angle_alpha        90.00 
_cell.angle_beta         90.00 
_cell.angle_gamma        120.00 
_cell.Z_PDB              6 
_cell.pdbx_unique_axis   ? 
# 
_symmetry.entry_id                         1DUH 
_symmetry.space_group_name_H-M             'P 32 2 1' 
_symmetry.pdbx_full_space_group_name_H-M   ? 
_symmetry.cell_setting                     trigonal 
_symmetry.Int_Tables_number                154 
# 
_exptl.entry_id          1DUH 
_exptl.method            'X-RAY DIFFRACTION' 
_exptl.crystals_number   1 
# 
_exptl_crystal.id                    1 
_exptl_crystal.density_meas          ? 
_exptl_crystal.density_Matthews      4.15 
_exptl_crystal.density_percent_sol   76.9 
_exptl_crystal.description           ? 
# 
_exptl_crystal_grow.crystal_id      1 
_exptl_crystal_grow.method          'VAPOR DIFFUSION, SITTING DROP' 
_exptl_crystal_grow.temp            303.15 
_exptl_crystal_grow.temp_details    ? 
_exptl_crystal_grow.pH              6.0 
_exptl_crystal_grow.pdbx_details    
;CRYSTALLIZED FROM 1.60-1.90 M (NH4)2SO4, 0.09 M MAGNESIUM ACETATE, 0.05 M SODIUM CACODYLATE PH 6.0, AT 303 K. CRYSTALS WERE STABILISED AT 292 K IN A SOLUTION OF 2.20 M (NH4)2SO4, 0.01 M MGCL2, 0.05 M BIS-TRIS-HCL PH 6.0. SOAK CONDITIONS: CRYSTALS WERE SOAKED IN STABILISATION SOLUTION CONTAINING 0.002 M LUTETIUM CHLORIDE HEXAHYDRATE. CRYOPROTECTION CONDITIONS: AFTER ADDITION OF 20% GLYCEROL (W/V) TO THE SOAK SOLUTION, CRYSTALS WERE FLASH-FROZEN IN LIQUID NITROGEN., VAPOR DIFFUSION, SITTING DROP, temperature 303.15K
;
_exptl_crystal_grow.pdbx_pH_range   ? 
# 
loop_
_exptl_crystal_grow_comp.crystal_id 
_exptl_crystal_grow_comp.id 
_exptl_crystal_grow_comp.sol_id 
_exptl_crystal_grow_comp.name 
_exptl_crystal_grow_comp.volume 
_exptl_crystal_grow_comp.conc 
_exptl_crystal_grow_comp.details 
1 1 1 'MAGNESIUM ACETATE' ? ? ? 
1 2 1 'SODIUM CACODYLATE' ? ? ? 
1 3 1 BIS-TRIS-HCL        ? ? ? 
1 4 1 '(NH4)2SO4'         ? ? ? 
1 5 1 MGCL2               ? ? ? 
1 6 1 LUCL3               ? ? ? 
1 7 2 '(NH4)2SO4'         ? ? ? 
1 8 2 BIS-TRIS-HCL        ? ? ? 
# 
_diffrn.id                     1 
_diffrn.ambient_temp           100.0 
_diffrn.ambient_temp_details   ? 
_diffrn.crystal_id             1 
# 
_diffrn_detector.diffrn_id              1 
_diffrn_detector.detector               'IMAGE PLATE' 
_diffrn_detector.type                   MARRESEARCH 
_diffrn_detector.pdbx_collection_date   1999-08-01 
_diffrn_detector.details                ? 
# 
_diffrn_radiation.diffrn_id                        1 
_diffrn_radiation.wavelength_id                    1 
_diffrn_radiation.pdbx_monochromatic_or_laue_m_l   M 
_diffrn_radiation.monochromator                    ? 
_diffrn_radiation.pdbx_diffrn_protocol             MAD 
_diffrn_radiation.pdbx_scattering_type             x-ray 
# 
loop_
_diffrn_radiation_wavelength.id 
_diffrn_radiation_wavelength.wavelength 
_diffrn_radiation_wavelength.wt 
1 1.0302 1.0 
2 1.3366 1.0 
3 1.3369 1.0 
4 0.9968 1.0 
5 1.3359 1.0 
# 
_diffrn_source.diffrn_id                   1 
_diffrn_source.source                      SYNCHROTRON 
_diffrn_source.type                        'ELETTRA BEAMLINE 5.2R' 
_diffrn_source.pdbx_synchrotron_site       ELETTRA 
_diffrn_source.pdbx_synchrotron_beamline   5.2R 
_diffrn_source.pdbx_wavelength             ? 
_diffrn_source.pdbx_wavelength_list        '1.0302, 1.3366, 1.3369, 0.9968, 1.3359' 
# 
_reflns.entry_id                     1DUH 
_reflns.observed_criterion_sigma_I   0 
_reflns.observed_criterion_sigma_F   0 
_reflns.d_resolution_low             22.50 
_reflns.d_resolution_high            2.70 
_reflns.number_obs                   12371 
_reflns.number_all                   12371 
_reflns.percent_possible_obs         98.5 
_reflns.pdbx_Rmerge_I_obs            0.0760000 
_reflns.pdbx_Rsym_value              ? 
_reflns.pdbx_netI_over_sigmaI        14.5 
_reflns.B_iso_Wilson_estimate        100.3 
_reflns.pdbx_redundancy              4.2 
_reflns.R_free_details               ? 
_reflns.pdbx_diffrn_id               1 
_reflns.pdbx_ordinal                 1 
# 
_reflns_shell.d_res_high             2.70 
_reflns_shell.d_res_low              2.80 
_reflns_shell.percent_possible_all   100.0 
_reflns_shell.Rmerge_I_obs           0.5930000 
_reflns_shell.pdbx_Rsym_value        ? 
_reflns_shell.meanI_over_sigI_obs    2.1 
_reflns_shell.pdbx_redundancy        4.1 
_reflns_shell.percent_possible_obs   ? 
_reflns_shell.number_unique_all      ? 
_reflns_shell.pdbx_diffrn_id         ? 
_reflns_shell.pdbx_ordinal           1 
# 
_refine.entry_id                                 1DUH 
_refine.ls_number_reflns_obs                     10539 
_refine.ls_number_reflns_all                     12560 
_refine.pdbx_ls_sigma_I                          0.0 
_refine.pdbx_ls_sigma_F                          0.0 
_refine.pdbx_data_cutoff_high_absF               1101782.89 
_refine.pdbx_data_cutoff_low_absF                0.00 
_refine.pdbx_data_cutoff_high_rms_absF           ? 
_refine.ls_d_res_low                             22.50 
_refine.ls_d_res_high                            2.70 
_refine.ls_percent_reflns_obs                    83.9 
_refine.ls_R_factor_obs                          0.2440000 
_refine.ls_R_factor_all                          0.2710000 
_refine.ls_R_factor_R_work                       0.2300000 
_refine.ls_R_factor_R_free                       0.2450000 
_refine.ls_R_factor_R_free_error                 0.008 
_refine.ls_R_factor_R_free_error_details         ? 
_refine.ls_percent_reflns_R_free                 8.6 
_refine.ls_number_reflns_R_free                  909 
_refine.ls_number_parameters                     ? 
_refine.ls_number_restraints                     ? 
_refine.occupancy_min                            ? 
_refine.occupancy_max                            ? 
_refine.B_iso_mean                               80.6 
_refine.aniso_B[1][1]                            26.51 
_refine.aniso_B[2][2]                            26.51 
_refine.aniso_B[3][3]                            -53.03 
_refine.aniso_B[1][2]                            21.46 
_refine.aniso_B[1][3]                            0.00 
_refine.aniso_B[2][3]                            0.00 
_refine.solvent_model_details                    'FLAT MODEL' 
_refine.solvent_model_param_ksol                 0.266 
_refine.solvent_model_param_bsol                 36.81 
_refine.pdbx_ls_cross_valid_method               THROUGHOUT 
_refine.details                                  
;A LOW RESOLUTION LIMIT OF 8.0 A WAS USED FOR INITIAL B FACTOR AND BULK SOLVENT CORRECTIONS. NUCLEOTIDE A39 WAS REFINED WITH OCCUPANCY OF 0.5 TO ACCOUNT FOR ITS ALTERNATIVELY ORDERED AND DISORDERED CONFORMATION IN ADJACENT MOLECULES WITHIN THE CRYSTAL. THE APPARENT DISCREPANCY BETWEEN DATA COMPLETENESS IN SCALING AND REFINEMENT IS DUE TO THE VERY HIGH ANISOTROPY OF THE CRYSTAL DIFFRACTION, SO THAT, ALTHOUGH DATA COVERAGE WAS COMPLETE UP TO 2.70 A RESOLUTION, A SIGNIFICANT PROPORTION OF REFLECTIONS AT HIGH RESOLUTION WERE EXTINCT. THIS RESULTS IN THE HIGH R SYM IN THE OUTER SHELL, AND THE LOWER EFFECTIVE DATA COMPLETENESS DURING REFINEMENT (EXTINCT REFLECTIONS WERE OMITTED BY CNS).
;
_refine.pdbx_starting_model                      ? 
_refine.pdbx_method_to_determine_struct          MAD 
_refine.pdbx_isotropic_thermal_model             RESTRAINED 
_refine.pdbx_stereochemistry_target_values       'PARKINSON ET AL.' 
_refine.pdbx_stereochem_target_val_spec_case     ? 
_refine.pdbx_R_Free_selection_details            RANDOM 
_refine.pdbx_overall_ESU_R                       ? 
_refine.pdbx_overall_ESU_R_Free                  ? 
_refine.overall_SU_ML                            ? 
_refine.overall_SU_B                             ? 
_refine.ls_redundancy_reflns_obs                 ? 
_refine.pdbx_refine_id                           'X-RAY DIFFRACTION' 
_refine.pdbx_diffrn_id                           1 
_refine.pdbx_TLS_residual_ADP_flag               ? 
_refine.correlation_coeff_Fo_to_Fc               ? 
_refine.correlation_coeff_Fo_to_Fc_free          ? 
_refine.pdbx_solvent_vdw_probe_radii             ? 
_refine.pdbx_solvent_ion_probe_radii             ? 
_refine.pdbx_solvent_shrinkage_radii             ? 
_refine.pdbx_overall_phase_error                 ? 
_refine.overall_SU_R_Cruickshank_DPI             ? 
_refine.pdbx_overall_SU_R_free_Cruickshank_DPI   ? 
_refine.pdbx_overall_SU_R_Blow_DPI               ? 
_refine.pdbx_overall_SU_R_free_Blow_DPI          ? 
# 
_refine_analyze.entry_id                        1DUH 
_refine_analyze.Luzzati_coordinate_error_obs    0.50 
_refine_analyze.Luzzati_sigma_a_obs             0.92 
_refine_analyze.Luzzati_d_res_low_obs           5.00 
_refine_analyze.Luzzati_coordinate_error_free   0.53 
_refine_analyze.Luzzati_sigma_a_free            0.90 
_refine_analyze.Luzzati_d_res_low_free          ? 
_refine_analyze.number_disordered_residues      ? 
_refine_analyze.occupancy_sum_hydrogen          ? 
_refine_analyze.occupancy_sum_non_hydrogen      ? 
_refine_analyze.pdbx_refine_id                  'X-RAY DIFFRACTION' 
# 
_refine_hist.pdbx_refine_id                   'X-RAY DIFFRACTION' 
_refine_hist.cycle_id                         LAST 
_refine_hist.pdbx_number_atoms_protein        0 
_refine_hist.pdbx_number_atoms_nucleic_acid   970 
_refine_hist.pdbx_number_atoms_ligand         12 
_refine_hist.number_atoms_solvent             6 
_refine_hist.number_atoms_total               988 
_refine_hist.d_res_high                       2.70 
_refine_hist.d_res_low                        22.50 
# 
loop_
_refine_ls_restr.type 
_refine_ls_restr.dev_ideal 
_refine_ls_restr.dev_ideal_target 
_refine_ls_restr.weight 
_refine_ls_restr.number 
_refine_ls_restr.pdbx_refine_id 
_refine_ls_restr.pdbx_restraint_function 
c_bond_d                0.006 ? ? ? 'X-RAY DIFFRACTION' ? 
c_bond_d_na             ?     ? ? ? 'X-RAY DIFFRACTION' ? 
c_bond_d_prot           ?     ? ? ? 'X-RAY DIFFRACTION' ? 
c_angle_d               ?     ? ? ? 'X-RAY DIFFRACTION' ? 
c_angle_d_na            ?     ? ? ? 'X-RAY DIFFRACTION' ? 
c_angle_d_prot          ?     ? ? ? 'X-RAY DIFFRACTION' ? 
c_angle_deg             1.0   ? ? ? 'X-RAY DIFFRACTION' ? 
c_angle_deg_na          ?     ? ? ? 'X-RAY DIFFRACTION' ? 
c_angle_deg_prot        ?     ? ? ? 'X-RAY DIFFRACTION' ? 
c_dihedral_angle_d      15.6  ? ? ? 'X-RAY DIFFRACTION' ? 
c_dihedral_angle_d_na   ?     ? ? ? 'X-RAY DIFFRACTION' ? 
c_dihedral_angle_d_prot ?     ? ? ? 'X-RAY DIFFRACTION' ? 
c_improper_angle_d      1.24  ? ? ? 'X-RAY DIFFRACTION' ? 
c_improper_angle_d_na   ?     ? ? ? 'X-RAY DIFFRACTION' ? 
c_improper_angle_d_prot ?     ? ? ? 'X-RAY DIFFRACTION' ? 
c_mcbond_it             ?     ? ? ? 'X-RAY DIFFRACTION' ? 
c_mcangle_it            ?     ? ? ? 'X-RAY DIFFRACTION' ? 
c_scbond_it             ?     ? ? ? 'X-RAY DIFFRACTION' ? 
c_scangle_it            ?     ? ? ? 'X-RAY DIFFRACTION' ? 
# 
loop_
_refine_ls_shell.pdbx_total_number_of_bins_used 
_refine_ls_shell.d_res_high 
_refine_ls_shell.d_res_low 
_refine_ls_shell.number_reflns_R_work 
_refine_ls_shell.R_factor_R_work 
_refine_ls_shell.percent_reflns_obs 
_refine_ls_shell.R_factor_R_free 
_refine_ls_shell.R_factor_R_free_error 
_refine_ls_shell.percent_reflns_R_free 
_refine_ls_shell.number_reflns_R_free 
_refine_ls_shell.redundancy_reflns_obs 
_refine_ls_shell.pdbx_refine_id 
_refine_ls_shell.number_reflns_all 
_refine_ls_shell.R_factor_all 
8 2.70 2.82  858  0.5310000 60.0 0.5310000 0.057 5.5 86  . 'X-RAY DIFFRACTION' . . 
8 2.82 2.97  1022 0.4370000 72.3 0.4370000 0.042 6.8 106 . 'X-RAY DIFFRACTION' . . 
8 2.97 3.16  1150 0.3630000 80.4 0.3640000 0.033 7.5 119 . 'X-RAY DIFFRACTION' . . 
8 3.16 3.40  1292 0.3120000 89.7 0.3120000 0.029 7.5 117 . 'X-RAY DIFFRACTION' . . 
8 3.40 3.74  1287 0.2510000 89.9 0.2510000 0.024 7.0 108 . 'X-RAY DIFFRACTION' . . 
8 3.74 4.29  1295 0.2290000 91.1 0.2290000 0.020 8.4 132 . 'X-RAY DIFFRACTION' . . 
8 4.29 5.40  1417 0.1760000 97.0 0.1760000 0.016 7.2 114 . 'X-RAY DIFFRACTION' . . 
8 5.40 60.36 1300 0.1550000 90.6 0.1540000 0.014 8.0 125 . 'X-RAY DIFFRACTION' . . 
# 
loop_
_pdbx_xplor_file.serial_no 
_pdbx_xplor_file.param_file 
_pdbx_xplor_file.topol_file 
_pdbx_xplor_file.pdbx_refine_id 
1 DNA_RNA_REP+.PARAM DNA_RNA+.TOP 'X-RAY DIFFRACTION' 
2 ION_REP+.PARAM     ION+.TOP     'X-RAY DIFFRACTION' 
3 WATER_REP.PARA     WATER.TOP    'X-RAY DIFFRACTION' 
# 
_struct.entry_id                  1DUH 
_struct.title                     'CRYSTAL STRUCTURE OF THE CONSERVED DOMAIN IV OF E. COLI 4.5S RNA' 
_struct.pdbx_model_details        ? 
_struct.pdbx_CASP_flag            ? 
_struct.pdbx_model_type_details   ? 
# 
_struct_keywords.entry_id        1DUH 
_struct_keywords.pdbx_keywords   RNA 
_struct_keywords.text            
;4.5S RNA, DOMAIN IV, HELIX 8, SIGNAL RECOGNITION PARTICLE, SRP, FFH, SRP54, ELONGATION FACTOR G, EF-G, 23S RNA, NON-CANONICAL BASE PAIRS, MISMATCH, RNA
;
# 
loop_
_struct_asym.id 
_struct_asym.pdbx_blank_PDB_chainid_flag 
_struct_asym.pdbx_modified 
_struct_asym.entity_id 
_struct_asym.details 
A N N 1 ? 
B N N 2 ? 
C N N 3 ? 
D N N 4 ? 
E N N 4 ? 
F N N 5 ? 
# 
_struct_ref.id                         1 
_struct_ref.db_name                    EMBL 
_struct_ref.db_code                    ECRNA45 
_struct_ref.entity_id                  1 
_struct_ref.pdbx_seq_one_letter_code   ? 
_struct_ref.pdbx_align_begin           ? 
_struct_ref.pdbx_db_accession          X01074 
_struct_ref.pdbx_db_isoform            ? 
# 
_struct_ref_seq.align_id                      1 
_struct_ref_seq.ref_id                        1 
_struct_ref_seq.pdbx_PDB_id_code              1DUH 
_struct_ref_seq.pdbx_strand_id                A 
_struct_ref_seq.seq_align_beg                 1 
_struct_ref_seq.pdbx_seq_align_beg_ins_code   ? 
_struct_ref_seq.seq_align_end                 44 
_struct_ref_seq.pdbx_seq_align_end_ins_code   ? 
_struct_ref_seq.pdbx_db_accession             X01074 
_struct_ref_seq.db_align_beg                  192 
_struct_ref_seq.pdbx_db_align_beg_ins_code    ? 
_struct_ref_seq.db_align_end                  235 
_struct_ref_seq.pdbx_db_align_end_ins_code    ? 
_struct_ref_seq.pdbx_auth_seq_align_beg       31 
_struct_ref_seq.pdbx_auth_seq_align_end       74 
# 
_pdbx_struct_assembly.id                   1 
_pdbx_struct_assembly.details              author_defined_assembly 
_pdbx_struct_assembly.method_details       ? 
_pdbx_struct_assembly.oligomeric_details   dimeric 
_pdbx_struct_assembly.oligomeric_count     2 
# 
_pdbx_struct_assembly_gen.assembly_id       1 
_pdbx_struct_assembly_gen.oper_expression   1,2 
_pdbx_struct_assembly_gen.asym_id_list      A,B,C,D,E,F 
# 
loop_
_pdbx_struct_oper_list.id 
_pdbx_struct_oper_list.type 
_pdbx_struct_oper_list.name 
_pdbx_struct_oper_list.symmetry_operation 
_pdbx_struct_oper_list.matrix[1][1] 
_pdbx_struct_oper_list.matrix[1][2] 
_pdbx_struct_oper_list.matrix[1][3] 
_pdbx_struct_oper_list.vector[1] 
_pdbx_struct_oper_list.matrix[2][1] 
_pdbx_struct_oper_list.matrix[2][2] 
_pdbx_struct_oper_list.matrix[2][3] 
_pdbx_struct_oper_list.vector[2] 
_pdbx_struct_oper_list.matrix[3][1] 
_pdbx_struct_oper_list.matrix[3][2] 
_pdbx_struct_oper_list.matrix[3][3] 
_pdbx_struct_oper_list.vector[3] 
1 'identity operation'         1_555 x,y,z  1.0000000000  0.0000000000 0.0000000000 0.0000000000  0.0000000000 1.0000000000  0.0000000000 0.0000000000 0.0000000000 0.0000000000 1.0000000000 0.0000000000  
2 'crystal symmetry operation' 4_555 y,x,-z -0.8623427526 0.2512855093 0.4395686180 -0.7647305802 0.2512855093 -0.5412925338 0.8024076182 1.3028993537 0.4395686180 0.8024076182 0.4036352863 -0.5053341210 
# 
_struct_biol.id   1 
# 
loop_
_struct_conn.id 
_struct_conn.conn_type_id 
_struct_conn.pdbx_leaving_atom_flag 
_struct_conn.pdbx_PDB_id 
_struct_conn.ptnr1_label_asym_id 
_struct_conn.ptnr1_label_comp_id 
_struct_conn.ptnr1_label_seq_id 
_struct_conn.ptnr1_label_atom_id 
_struct_conn.pdbx_ptnr1_label_alt_id 
_struct_conn.pdbx_ptnr1_PDB_ins_code 
_struct_conn.pdbx_ptnr1_standard_comp_id 
_struct_conn.ptnr1_symmetry 
_struct_conn.ptnr2_label_asym_id 
_struct_conn.ptnr2_label_comp_id 
_struct_conn.ptnr2_label_seq_id 
_struct_conn.ptnr2_label_atom_id 
_struct_conn.pdbx_ptnr2_label_alt_id 
_struct_conn.pdbx_ptnr2_PDB_ins_code 
_struct_conn.ptnr1_auth_asym_id 
_struct_conn.ptnr1_auth_comp_id 
_struct_conn.ptnr1_auth_seq_id 
_struct_conn.ptnr2_auth_asym_id 
_struct_conn.ptnr2_auth_comp_id 
_struct_conn.ptnr2_auth_seq_id 
_struct_conn.ptnr2_symmetry 
_struct_conn.pdbx_ptnr3_label_atom_id 
_struct_conn.pdbx_ptnr3_label_seq_id 
_struct_conn.pdbx_ptnr3_label_comp_id 
_struct_conn.pdbx_ptnr3_label_asym_id 
_struct_conn.pdbx_ptnr3_label_alt_id 
_struct_conn.pdbx_ptnr3_PDB_ins_code 
_struct_conn.details 
_struct_conn.pdbx_dist_value 
_struct_conn.pdbx_value_order 
_struct_conn.pdbx_role 
covale1  covale both ? A A   44 "O3'" ? ? ? 1_555 A PGP 45 P     ? ? A A   74 A PGP 75 1_555 ? ? ? ? ? ? ?             1.607 ? ? 
metalc1  metalc ?    ? C MG  .  MG    ? ? ? 1_555 A A   29 "O3'" ? ? A MG  2  A A   59 1_555 ? ? ? ? ? ? ?             1.918 ? ? 
metalc2  metalc ?    ? C MG  .  MG    ? ? ? 1_555 A A   30 OP1   ? ? A MG  2  A A   60 1_555 ? ? ? ? ? ? ?             2.738 ? ? 
hydrog1  hydrog ?    ? A C   1  N3    ? ? ? 1_555 A PGP 45 N1    ? ? A C   31 A PGP 75 4_555 ? ? ? ? ? ? WATSON-CRICK  ?     ? ? 
hydrog2  hydrog ?    ? A C   1  N4    ? ? ? 1_555 A PGP 45 O6    ? ? A C   31 A PGP 75 4_555 ? ? ? ? ? ? WATSON-CRICK  ?     ? ? 
hydrog3  hydrog ?    ? A C   1  O2    ? ? ? 1_555 A PGP 45 N2    ? ? A C   31 A PGP 75 4_555 ? ? ? ? ? ? WATSON-CRICK  ?     ? ? 
hydrog4  hydrog ?    ? A U   2  N3    ? ? ? 1_555 A A   44 N1    ? ? A U   32 A A   74 4_555 ? ? ? ? ? ? WATSON-CRICK  ?     ? ? 
hydrog5  hydrog ?    ? A U   2  O4    ? ? ? 1_555 A A   44 N6    ? ? A U   32 A A   74 4_555 ? ? ? ? ? ? WATSON-CRICK  ?     ? ? 
hydrog6  hydrog ?    ? A C   3  N3    ? ? ? 1_555 A G   43 N1    ? ? A C   33 A G   73 4_555 ? ? ? ? ? ? WATSON-CRICK  ?     ? ? 
hydrog7  hydrog ?    ? A C   3  N4    ? ? ? 1_555 A G   43 O6    ? ? A C   33 A G   73 4_555 ? ? ? ? ? ? WATSON-CRICK  ?     ? ? 
hydrog8  hydrog ?    ? A C   3  O2    ? ? ? 1_555 A G   43 N2    ? ? A C   33 A G   73 4_555 ? ? ? ? ? ? WATSON-CRICK  ?     ? ? 
hydrog9  hydrog ?    ? A U   4  N3    ? ? ? 1_555 A A   42 N1    ? ? A U   34 A A   72 4_555 ? ? ? ? ? ? WATSON-CRICK  ?     ? ? 
hydrog10 hydrog ?    ? A U   4  O4    ? ? ? 1_555 A A   42 N6    ? ? A U   34 A A   72 4_555 ? ? ? ? ? ? WATSON-CRICK  ?     ? ? 
hydrog11 hydrog ?    ? A G   5  N1    ? ? ? 1_555 A C   41 N3    ? ? A G   35 A C   71 4_555 ? ? ? ? ? ? 'G-C PAIR'    ?     ? ? 
hydrog12 hydrog ?    ? A U   6  N3    ? ? ? 1_555 A G   40 O6    ? ? A U   36 A G   70 4_555 ? ? ? ? ? ? TYPE_28_PAIR  ?     ? ? 
hydrog13 hydrog ?    ? A U   6  O2    ? ? ? 1_555 A G   40 N1    ? ? A U   36 A G   70 4_555 ? ? ? ? ? ? TYPE_28_PAIR  ?     ? ? 
hydrog14 hydrog ?    ? A U   7  N3    ? ? ? 1_555 A G   39 O6    ? ? A U   37 A G   69 4_555 ? ? ? ? ? ? TYPE_28_PAIR  ?     ? ? 
hydrog15 hydrog ?    ? A U   7  O2    ? ? ? 1_555 A G   39 N1    ? ? A U   37 A G   69 4_555 ? ? ? ? ? ? TYPE_28_PAIR  ?     ? ? 
hydrog16 hydrog ?    ? A U   8  N3    ? ? ? 1_555 A A   38 N1    ? ? A U   38 A A   68 4_555 ? ? ? ? ? ? WATSON-CRICK  ?     ? ? 
hydrog17 hydrog ?    ? A U   8  O4    ? ? ? 1_555 A A   38 N6    ? ? A U   38 A A   68 4_555 ? ? ? ? ? ? WATSON-CRICK  ?     ? ? 
hydrog18 hydrog ?    ? A G   13 N1    ? ? ? 1_555 A C   36 N3    ? ? A G   43 A C   66 4_555 ? ? ? ? ? ? WATSON-CRICK  ?     ? ? 
hydrog19 hydrog ?    ? A G   13 N2    ? ? ? 1_555 A C   36 O2    ? ? A G   43 A C   66 4_555 ? ? ? ? ? ? WATSON-CRICK  ?     ? ? 
hydrog20 hydrog ?    ? A G   13 O6    ? ? ? 1_555 A C   36 N4    ? ? A G   43 A C   66 4_555 ? ? ? ? ? ? WATSON-CRICK  ?     ? ? 
hydrog21 hydrog ?    ? A G   14 N1    ? ? ? 1_555 A C   35 N3    ? ? A G   44 A C   65 4_555 ? ? ? ? ? ? WATSON-CRICK  ?     ? ? 
hydrog22 hydrog ?    ? A G   14 N2    ? ? ? 1_555 A C   35 O2    ? ? A G   44 A C   65 4_555 ? ? ? ? ? ? WATSON-CRICK  ?     ? ? 
hydrog23 hydrog ?    ? A G   14 O6    ? ? ? 1_555 A C   35 N4    ? ? A G   44 A C   65 4_555 ? ? ? ? ? ? WATSON-CRICK  ?     ? ? 
hydrog24 hydrog ?    ? A U   15 N3    ? ? ? 1_555 A G   34 O6    ? ? A U   45 A G   64 4_555 ? ? ? ? ? ? TYPE_28_PAIR  ?     ? ? 
hydrog25 hydrog ?    ? A U   15 O2    ? ? ? 1_555 A G   34 N1    ? ? A U   45 A G   64 4_555 ? ? ? ? ? ? TYPE_28_PAIR  ?     ? ? 
hydrog26 hydrog ?    ? A C   16 O2    ? ? ? 1_555 A A   33 N6    ? ? A C   46 A A   63 4_555 ? ? ? ? ? ? 'C-A MISPAIR' ?     ? ? 
hydrog27 hydrog ?    ? A A   17 N6    ? ? ? 1_555 A C   32 N3    ? ? A A   47 A C   62 4_555 ? ? ? ? ? ? TYPE_25_PAIR  ?     ? ? 
hydrog28 hydrog ?    ? A A   17 N7    ? ? ? 1_555 A C   32 N4    ? ? A A   47 A C   62 4_555 ? ? ? ? ? ? TYPE_25_PAIR  ?     ? ? 
hydrog29 hydrog ?    ? A G   18 O6    ? ? ? 1_555 A G   31 N2    ? ? A G   48 A G   61 4_555 ? ? ? ? ? ? 'G-G MISPAIR' ?     ? ? 
hydrog30 hydrog ?    ? A G   19 N1    ? ? ? 1_555 A A   30 N1    ? ? A G   49 A A   60 4_555 ? ? ? ? ? ? TYPE_8_PAIR   ?     ? ? 
hydrog31 hydrog ?    ? A G   19 O6    ? ? ? 1_555 A A   30 N6    ? ? A G   49 A A   60 4_555 ? ? ? ? ? ? TYPE_8_PAIR   ?     ? ? 
hydrog32 hydrog ?    ? A U   20 N3    ? ? ? 1_555 A A   29 N1    ? ? A U   50 A A   59 4_555 ? ? ? ? ? ? WATSON-CRICK  ?     ? ? 
hydrog33 hydrog ?    ? A U   20 O4    ? ? ? 1_555 A A   29 N6    ? ? A U   50 A A   59 4_555 ? ? ? ? ? ? WATSON-CRICK  ?     ? ? 
hydrog34 hydrog ?    ? A C   21 N3    ? ? ? 1_555 A G   28 N1    ? ? A C   51 A G   58 4_555 ? ? ? ? ? ? WATSON-CRICK  ?     ? ? 
hydrog35 hydrog ?    ? A C   21 N4    ? ? ? 1_555 A G   28 O6    ? ? A C   51 A G   58 4_555 ? ? ? ? ? ? WATSON-CRICK  ?     ? ? 
hydrog36 hydrog ?    ? A C   21 O2    ? ? ? 1_555 A G   28 N2    ? ? A C   51 A G   58 4_555 ? ? ? ? ? ? WATSON-CRICK  ?     ? ? 
hydrog37 hydrog ?    ? A C   22 N3    ? ? ? 1_555 A G   27 N1    ? ? A C   52 A G   57 4_555 ? ? ? ? ? ? WATSON-CRICK  ?     ? ? 
hydrog38 hydrog ?    ? A C   22 N4    ? ? ? 1_555 A G   27 O6    ? ? A C   52 A G   57 4_555 ? ? ? ? ? ? WATSON-CRICK  ?     ? ? 
hydrog39 hydrog ?    ? A C   22 O2    ? ? ? 1_555 A G   27 N2    ? ? A C   52 A G   57 4_555 ? ? ? ? ? ? WATSON-CRICK  ?     ? ? 
hydrog40 hydrog ?    ? A G   23 N2    ? ? ? 1_555 A A   26 N7    ? ? A G   53 A A   56 4_555 ? ? ? ? ? ? TYPE_11_PAIR  ?     ? ? 
hydrog41 hydrog ?    ? A G   23 N3    ? ? ? 1_555 A A   26 N6    ? ? A G   53 A A   56 4_555 ? ? ? ? ? ? TYPE_11_PAIR  ?     ? ? 
hydrog42 hydrog ?    ? A G   24 N2    ? ? ? 1_555 A A   25 N7    ? ? A G   54 A A   55 4_555 ? ? ? ? ? ? TYPE_11_PAIR  ?     ? ? 
hydrog43 hydrog ?    ? A G   24 N3    ? ? ? 1_555 A A   25 N6    ? ? A G   54 A A   55 4_555 ? ? ? ? ? ? TYPE_11_PAIR  ?     ? ? 
hydrog44 hydrog ?    ? A A   25 N6    ? ? ? 1_555 A G   24 N3    ? ? A A   55 A G   54 4_555 ? ? ? ? ? ? TYPE_11_PAIR  ?     ? ? 
hydrog45 hydrog ?    ? A A   25 N7    ? ? ? 1_555 A G   24 N2    ? ? A A   55 A G   54 4_555 ? ? ? ? ? ? TYPE_11_PAIR  ?     ? ? 
hydrog46 hydrog ?    ? A A   26 N6    ? ? ? 1_555 A G   23 N3    ? ? A A   56 A G   53 4_555 ? ? ? ? ? ? TYPE_11_PAIR  ?     ? ? 
hydrog47 hydrog ?    ? A A   26 N7    ? ? ? 1_555 A G   23 N2    ? ? A A   56 A G   53 4_555 ? ? ? ? ? ? TYPE_11_PAIR  ?     ? ? 
hydrog48 hydrog ?    ? A G   27 N1    ? ? ? 1_555 A C   22 N3    ? ? A G   57 A C   52 4_555 ? ? ? ? ? ? WATSON-CRICK  ?     ? ? 
hydrog49 hydrog ?    ? A G   27 N2    ? ? ? 1_555 A C   22 O2    ? ? A G   57 A C   52 4_555 ? ? ? ? ? ? WATSON-CRICK  ?     ? ? 
hydrog50 hydrog ?    ? A G   27 O6    ? ? ? 1_555 A C   22 N4    ? ? A G   57 A C   52 4_555 ? ? ? ? ? ? WATSON-CRICK  ?     ? ? 
hydrog51 hydrog ?    ? A G   28 N1    ? ? ? 1_555 A C   21 N3    ? ? A G   58 A C   51 4_555 ? ? ? ? ? ? WATSON-CRICK  ?     ? ? 
hydrog52 hydrog ?    ? A G   28 N2    ? ? ? 1_555 A C   21 O2    ? ? A G   58 A C   51 4_555 ? ? ? ? ? ? WATSON-CRICK  ?     ? ? 
hydrog53 hydrog ?    ? A G   28 O6    ? ? ? 1_555 A C   21 N4    ? ? A G   58 A C   51 4_555 ? ? ? ? ? ? WATSON-CRICK  ?     ? ? 
hydrog54 hydrog ?    ? A A   29 N1    ? ? ? 1_555 A U   20 N3    ? ? A A   59 A U   50 4_555 ? ? ? ? ? ? WATSON-CRICK  ?     ? ? 
hydrog55 hydrog ?    ? A A   29 N6    ? ? ? 1_555 A U   20 O4    ? ? A A   59 A U   50 4_555 ? ? ? ? ? ? WATSON-CRICK  ?     ? ? 
hydrog56 hydrog ?    ? A A   30 N1    ? ? ? 1_555 A G   19 N1    ? ? A A   60 A G   49 4_555 ? ? ? ? ? ? TYPE_8_PAIR   ?     ? ? 
hydrog57 hydrog ?    ? A A   30 N6    ? ? ? 1_555 A G   19 O6    ? ? A A   60 A G   49 4_555 ? ? ? ? ? ? TYPE_8_PAIR   ?     ? ? 
hydrog58 hydrog ?    ? A G   31 N2    ? ? ? 1_555 A G   18 O6    ? ? A G   61 A G   48 4_555 ? ? ? ? ? ? 'G-G MISPAIR' ?     ? ? 
hydrog59 hydrog ?    ? A C   32 N3    ? ? ? 1_555 A A   17 N6    ? ? A C   62 A A   47 4_555 ? ? ? ? ? ? TYPE_25_PAIR  ?     ? ? 
hydrog60 hydrog ?    ? A C   32 N4    ? ? ? 1_555 A A   17 N7    ? ? A C   62 A A   47 4_555 ? ? ? ? ? ? TYPE_25_PAIR  ?     ? ? 
hydrog61 hydrog ?    ? A A   33 N6    ? ? ? 1_555 A C   16 O2    ? ? A A   63 A C   46 4_555 ? ? ? ? ? ? 'A-C MISPAIR' ?     ? ? 
hydrog62 hydrog ?    ? A G   34 N1    ? ? ? 1_555 A U   15 O2    ? ? A G   64 A U   45 4_555 ? ? ? ? ? ? TYPE_28_PAIR  ?     ? ? 
hydrog63 hydrog ?    ? A G   34 O6    ? ? ? 1_555 A U   15 N3    ? ? A G   64 A U   45 4_555 ? ? ? ? ? ? TYPE_28_PAIR  ?     ? ? 
hydrog64 hydrog ?    ? A C   35 N3    ? ? ? 1_555 A G   14 N1    ? ? A C   65 A G   44 4_555 ? ? ? ? ? ? WATSON-CRICK  ?     ? ? 
hydrog65 hydrog ?    ? A C   35 N4    ? ? ? 1_555 A G   14 O6    ? ? A C   65 A G   44 4_555 ? ? ? ? ? ? WATSON-CRICK  ?     ? ? 
hydrog66 hydrog ?    ? A C   35 O2    ? ? ? 1_555 A G   14 N2    ? ? A C   65 A G   44 4_555 ? ? ? ? ? ? WATSON-CRICK  ?     ? ? 
hydrog67 hydrog ?    ? A C   36 N3    ? ? ? 1_555 A G   13 N1    ? ? A C   66 A G   43 4_555 ? ? ? ? ? ? WATSON-CRICK  ?     ? ? 
hydrog68 hydrog ?    ? A C   36 N4    ? ? ? 1_555 A G   13 O6    ? ? A C   66 A G   43 4_555 ? ? ? ? ? ? WATSON-CRICK  ?     ? ? 
hydrog69 hydrog ?    ? A C   36 O2    ? ? ? 1_555 A G   13 N2    ? ? A C   66 A G   43 4_555 ? ? ? ? ? ? WATSON-CRICK  ?     ? ? 
hydrog70 hydrog ?    ? A A   38 N1    ? ? ? 1_555 A U   8  N3    ? ? A A   68 A U   38 4_555 ? ? ? ? ? ? WATSON-CRICK  ?     ? ? 
hydrog71 hydrog ?    ? A A   38 N6    ? ? ? 1_555 A U   8  O4    ? ? A A   68 A U   38 4_555 ? ? ? ? ? ? WATSON-CRICK  ?     ? ? 
hydrog72 hydrog ?    ? A G   39 N1    ? ? ? 1_555 A U   7  O2    ? ? A G   69 A U   37 4_555 ? ? ? ? ? ? TYPE_28_PAIR  ?     ? ? 
hydrog73 hydrog ?    ? A G   39 O6    ? ? ? 1_555 A U   7  N3    ? ? A G   69 A U   37 4_555 ? ? ? ? ? ? TYPE_28_PAIR  ?     ? ? 
hydrog74 hydrog ?    ? A G   40 N1    ? ? ? 1_555 A U   6  O2    ? ? A G   70 A U   36 4_555 ? ? ? ? ? ? TYPE_28_PAIR  ?     ? ? 
hydrog75 hydrog ?    ? A G   40 O6    ? ? ? 1_555 A U   6  N3    ? ? A G   70 A U   36 4_555 ? ? ? ? ? ? TYPE_28_PAIR  ?     ? ? 
hydrog76 hydrog ?    ? A C   41 O2    ? ? ? 1_555 A G   5  N2    ? ? A C   71 A G   35 4_555 ? ? ? ? ? ? 'C-G PAIR'    ?     ? ? 
hydrog77 hydrog ?    ? A A   42 N1    ? ? ? 1_555 A U   4  N3    ? ? A A   72 A U   34 4_555 ? ? ? ? ? ? WATSON-CRICK  ?     ? ? 
hydrog78 hydrog ?    ? A A   42 N6    ? ? ? 1_555 A U   4  O4    ? ? A A   72 A U   34 4_555 ? ? ? ? ? ? WATSON-CRICK  ?     ? ? 
hydrog79 hydrog ?    ? A G   43 N1    ? ? ? 1_555 A C   3  N3    ? ? A G   73 A C   33 4_555 ? ? ? ? ? ? WATSON-CRICK  ?     ? ? 
hydrog80 hydrog ?    ? A G   43 N2    ? ? ? 1_555 A C   3  O2    ? ? A G   73 A C   33 4_555 ? ? ? ? ? ? WATSON-CRICK  ?     ? ? 
hydrog81 hydrog ?    ? A G   43 O6    ? ? ? 1_555 A C   3  N4    ? ? A G   73 A C   33 4_555 ? ? ? ? ? ? WATSON-CRICK  ?     ? ? 
hydrog82 hydrog ?    ? A A   44 N1    ? ? ? 1_555 A U   2  N3    ? ? A A   74 A U   32 4_555 ? ? ? ? ? ? WATSON-CRICK  ?     ? ? 
hydrog83 hydrog ?    ? A A   44 N6    ? ? ? 1_555 A U   2  O4    ? ? A A   74 A U   32 4_555 ? ? ? ? ? ? WATSON-CRICK  ?     ? ? 
hydrog84 hydrog ?    ? A PGP 45 N1    ? ? ? 1_555 A C   1  N3    ? ? A PGP 75 A C   31 4_555 ? ? ? ? ? ? WATSON-CRICK  ?     ? ? 
hydrog85 hydrog ?    ? A PGP 45 N2    ? ? ? 1_555 A C   1  O2    ? ? A PGP 75 A C   31 4_555 ? ? ? ? ? ? WATSON-CRICK  ?     ? ? 
hydrog86 hydrog ?    ? A PGP 45 O6    ? ? ? 1_555 A C   1  N4    ? ? A PGP 75 A C   31 4_555 ? ? ? ? ? ? WATSON-CRICK  ?     ? ? 
# 
loop_
_struct_conn_type.id 
_struct_conn_type.criteria 
_struct_conn_type.reference 
covale ? ? 
metalc ? ? 
hydrog ? ? 
# 
_pdbx_struct_conn_angle.id                    1 
_pdbx_struct_conn_angle.ptnr1_label_atom_id   "O3'" 
_pdbx_struct_conn_angle.ptnr1_label_alt_id    ? 
_pdbx_struct_conn_angle.ptnr1_label_asym_id   A 
_pdbx_struct_conn_angle.ptnr1_label_comp_id   A 
_pdbx_struct_conn_angle.ptnr1_label_seq_id    29 
_pdbx_struct_conn_angle.ptnr1_auth_atom_id    ? 
_pdbx_struct_conn_angle.ptnr1_auth_asym_id    A 
_pdbx_struct_conn_angle.ptnr1_auth_comp_id    A 
_pdbx_struct_conn_angle.ptnr1_auth_seq_id     59 
_pdbx_struct_conn_angle.ptnr1_PDB_ins_code    ? 
_pdbx_struct_conn_angle.ptnr1_symmetry        1_555 
_pdbx_struct_conn_angle.ptnr2_label_atom_id   MG 
_pdbx_struct_conn_angle.ptnr2_label_alt_id    ? 
_pdbx_struct_conn_angle.ptnr2_label_asym_id   C 
_pdbx_struct_conn_angle.ptnr2_label_comp_id   MG 
_pdbx_struct_conn_angle.ptnr2_label_seq_id    . 
_pdbx_struct_conn_angle.ptnr2_auth_atom_id    ? 
_pdbx_struct_conn_angle.ptnr2_auth_asym_id    A 
_pdbx_struct_conn_angle.ptnr2_auth_comp_id    MG 
_pdbx_struct_conn_angle.ptnr2_auth_seq_id     2 
_pdbx_struct_conn_angle.ptnr2_PDB_ins_code    ? 
_pdbx_struct_conn_angle.ptnr2_symmetry        1_555 
_pdbx_struct_conn_angle.ptnr3_label_atom_id   OP1 
_pdbx_struct_conn_angle.ptnr3_label_alt_id    ? 
_pdbx_struct_conn_angle.ptnr3_label_asym_id   A 
_pdbx_struct_conn_angle.ptnr3_label_comp_id   A 
_pdbx_struct_conn_angle.ptnr3_label_seq_id    30 
_pdbx_struct_conn_angle.ptnr3_auth_atom_id    ? 
_pdbx_struct_conn_angle.ptnr3_auth_asym_id    A 
_pdbx_struct_conn_angle.ptnr3_auth_comp_id    A 
_pdbx_struct_conn_angle.ptnr3_auth_seq_id     60 
_pdbx_struct_conn_angle.ptnr3_PDB_ins_code    ? 
_pdbx_struct_conn_angle.ptnr3_symmetry        1_555 
_pdbx_struct_conn_angle.value                 62.1 
_pdbx_struct_conn_angle.value_esd             ? 
# 
loop_
_struct_site.id 
_struct_site.pdbx_evidence_code 
_struct_site.pdbx_auth_asym_id 
_struct_site.pdbx_auth_comp_id 
_struct_site.pdbx_auth_seq_id 
_struct_site.pdbx_auth_ins_code 
_struct_site.pdbx_num_residues 
_struct_site.details 
AC1 Software A LU  1 ? 1 'BINDING SITE FOR RESIDUE LU A 1'  
AC2 Software A MG  2 ? 2 'BINDING SITE FOR RESIDUE MG A 2'  
AC3 Software A SO4 3 ? 1 'BINDING SITE FOR RESIDUE SO4 A 3' 
AC4 Software A SO4 4 ? 3 'BINDING SITE FOR RESIDUE SO4 A 4' 
# 
loop_
_struct_site_gen.id 
_struct_site_gen.site_id 
_struct_site_gen.pdbx_num_res 
_struct_site_gen.label_comp_id 
_struct_site_gen.label_asym_id 
_struct_site_gen.label_seq_id 
_struct_site_gen.pdbx_auth_ins_code 
_struct_site_gen.auth_comp_id 
_struct_site_gen.auth_asym_id 
_struct_site_gen.auth_seq_id 
_struct_site_gen.label_atom_id 
_struct_site_gen.label_alt_id 
_struct_site_gen.symmetry 
_struct_site_gen.details 
1 AC1 1 PGP A 45 ? PGP A 75 . ? 1_555 ? 
2 AC2 2 A   A 29 ? A   A 59 . ? 1_555 ? 
3 AC2 2 A   A 30 ? A   A 60 . ? 1_555 ? 
4 AC3 1 C   A 1  ? C   A 31 . ? 1_555 ? 
5 AC4 3 G   A 18 ? G   A 48 . ? 1_555 ? 
6 AC4 3 G   A 19 ? G   A 49 . ? 1_555 ? 
7 AC4 3 C   A 32 ? C   A 62 . ? 4_555 ? 
# 
_pdbx_struct_mod_residue.id               1 
_pdbx_struct_mod_residue.label_asym_id    A 
_pdbx_struct_mod_residue.label_comp_id    PGP 
_pdbx_struct_mod_residue.label_seq_id     45 
_pdbx_struct_mod_residue.auth_asym_id     A 
_pdbx_struct_mod_residue.auth_comp_id     PGP 
_pdbx_struct_mod_residue.auth_seq_id      75 
_pdbx_struct_mod_residue.PDB_ins_code     ? 
_pdbx_struct_mod_residue.parent_comp_id   G 
_pdbx_struct_mod_residue.details          "GUANOSINE-3',5'-DIPHOSPHATE" 
# 
loop_
_chem_comp_atom.comp_id 
_chem_comp_atom.atom_id 
_chem_comp_atom.type_symbol 
_chem_comp_atom.pdbx_aromatic_flag 
_chem_comp_atom.pdbx_stereo_config 
_chem_comp_atom.pdbx_ordinal 
A   OP3    O  N N 1   
A   P      P  N N 2   
A   OP1    O  N N 3   
A   OP2    O  N N 4   
A   "O5'"  O  N N 5   
A   "C5'"  C  N N 6   
A   "C4'"  C  N R 7   
A   "O4'"  O  N N 8   
A   "C3'"  C  N S 9   
A   "O3'"  O  N N 10  
A   "C2'"  C  N R 11  
A   "O2'"  O  N N 12  
A   "C1'"  C  N R 13  
A   N9     N  Y N 14  
A   C8     C  Y N 15  
A   N7     N  Y N 16  
A   C5     C  Y N 17  
A   C6     C  Y N 18  
A   N6     N  N N 19  
A   N1     N  Y N 20  
A   C2     C  Y N 21  
A   N3     N  Y N 22  
A   C4     C  Y N 23  
A   HOP3   H  N N 24  
A   HOP2   H  N N 25  
A   "H5'"  H  N N 26  
A   "H5''" H  N N 27  
A   "H4'"  H  N N 28  
A   "H3'"  H  N N 29  
A   "HO3'" H  N N 30  
A   "H2'"  H  N N 31  
A   "HO2'" H  N N 32  
A   "H1'"  H  N N 33  
A   H8     H  N N 34  
A   H61    H  N N 35  
A   H62    H  N N 36  
A   H2     H  N N 37  
C   OP3    O  N N 38  
C   P      P  N N 39  
C   OP1    O  N N 40  
C   OP2    O  N N 41  
C   "O5'"  O  N N 42  
C   "C5'"  C  N N 43  
C   "C4'"  C  N R 44  
C   "O4'"  O  N N 45  
C   "C3'"  C  N S 46  
C   "O3'"  O  N N 47  
C   "C2'"  C  N R 48  
C   "O2'"  O  N N 49  
C   "C1'"  C  N R 50  
C   N1     N  N N 51  
C   C2     C  N N 52  
C   O2     O  N N 53  
C   N3     N  N N 54  
C   C4     C  N N 55  
C   N4     N  N N 56  
C   C5     C  N N 57  
C   C6     C  N N 58  
C   HOP3   H  N N 59  
C   HOP2   H  N N 60  
C   "H5'"  H  N N 61  
C   "H5''" H  N N 62  
C   "H4'"  H  N N 63  
C   "H3'"  H  N N 64  
C   "HO3'" H  N N 65  
C   "H2'"  H  N N 66  
C   "HO2'" H  N N 67  
C   "H1'"  H  N N 68  
C   H41    H  N N 69  
C   H42    H  N N 70  
C   H5     H  N N 71  
C   H6     H  N N 72  
G   OP3    O  N N 73  
G   P      P  N N 74  
G   OP1    O  N N 75  
G   OP2    O  N N 76  
G   "O5'"  O  N N 77  
G   "C5'"  C  N N 78  
G   "C4'"  C  N R 79  
G   "O4'"  O  N N 80  
G   "C3'"  C  N S 81  
G   "O3'"  O  N N 82  
G   "C2'"  C  N R 83  
G   "O2'"  O  N N 84  
G   "C1'"  C  N R 85  
G   N9     N  Y N 86  
G   C8     C  Y N 87  
G   N7     N  Y N 88  
G   C5     C  Y N 89  
G   C6     C  N N 90  
G   O6     O  N N 91  
G   N1     N  N N 92  
G   C2     C  N N 93  
G   N2     N  N N 94  
G   N3     N  N N 95  
G   C4     C  Y N 96  
G   HOP3   H  N N 97  
G   HOP2   H  N N 98  
G   "H5'"  H  N N 99  
G   "H5''" H  N N 100 
G   "H4'"  H  N N 101 
G   "H3'"  H  N N 102 
G   "HO3'" H  N N 103 
G   "H2'"  H  N N 104 
G   "HO2'" H  N N 105 
G   "H1'"  H  N N 106 
G   H8     H  N N 107 
G   H1     H  N N 108 
G   H21    H  N N 109 
G   H22    H  N N 110 
HOH O      O  N N 111 
HOH H1     H  N N 112 
HOH H2     H  N N 113 
LU  LU     LU N N 114 
MG  MG     MG N N 115 
PGP P1     P  N N 116 
PGP O4P    O  N N 117 
PGP O5P    O  N N 118 
PGP O6P    O  N N 119 
PGP P      P  N N 120 
PGP OP1    O  N N 121 
PGP OP2    O  N N 122 
PGP OP3    O  N N 123 
PGP "O5'"  O  N N 124 
PGP "C5'"  C  N N 125 
PGP "C4'"  C  N R 126 
PGP "O4'"  O  N N 127 
PGP "C3'"  C  N S 128 
PGP "O3'"  O  N N 129 
PGP "C2'"  C  N R 130 
PGP "O2'"  O  N N 131 
PGP "C1'"  C  N R 132 
PGP N9     N  Y N 133 
PGP C8     C  Y N 134 
PGP N7     N  Y N 135 
PGP C5     C  Y N 136 
PGP C6     C  N N 137 
PGP O6     O  N N 138 
PGP N1     N  N N 139 
PGP C2     C  N N 140 
PGP N2     N  N N 141 
PGP N3     N  N N 142 
PGP C4     C  Y N 143 
PGP HOP5   H  N N 144 
PGP HOP6   H  N N 145 
PGP HOP2   H  N N 146 
PGP HOP3   H  N N 147 
PGP "H5'"  H  N N 148 
PGP "H5''" H  N N 149 
PGP "H4'"  H  N N 150 
PGP "H3'"  H  N N 151 
PGP "H2'"  H  N N 152 
PGP "HO2'" H  N N 153 
PGP "H1'"  H  N N 154 
PGP H8     H  N N 155 
PGP HN1    H  N N 156 
PGP HN21   H  N N 157 
PGP HN22   H  N N 158 
SO4 S      S  N N 159 
SO4 O1     O  N N 160 
SO4 O2     O  N N 161 
SO4 O3     O  N N 162 
SO4 O4     O  N N 163 
U   OP3    O  N N 164 
U   P      P  N N 165 
U   OP1    O  N N 166 
U   OP2    O  N N 167 
U   "O5'"  O  N N 168 
U   "C5'"  C  N N 169 
U   "C4'"  C  N R 170 
U   "O4'"  O  N N 171 
U   "C3'"  C  N S 172 
U   "O3'"  O  N N 173 
U   "C2'"  C  N R 174 
U   "O2'"  O  N N 175 
U   "C1'"  C  N R 176 
U   N1     N  N N 177 
U   C2     C  N N 178 
U   O2     O  N N 179 
U   N3     N  N N 180 
U   C4     C  N N 181 
U   O4     O  N N 182 
U   C5     C  N N 183 
U   C6     C  N N 184 
U   HOP3   H  N N 185 
U   HOP2   H  N N 186 
U   "H5'"  H  N N 187 
U   "H5''" H  N N 188 
U   "H4'"  H  N N 189 
U   "H3'"  H  N N 190 
U   "HO3'" H  N N 191 
U   "H2'"  H  N N 192 
U   "HO2'" H  N N 193 
U   "H1'"  H  N N 194 
U   H3     H  N N 195 
U   H5     H  N N 196 
U   H6     H  N N 197 
# 
loop_
_chem_comp_bond.comp_id 
_chem_comp_bond.atom_id_1 
_chem_comp_bond.atom_id_2 
_chem_comp_bond.value_order 
_chem_comp_bond.pdbx_aromatic_flag 
_chem_comp_bond.pdbx_stereo_config 
_chem_comp_bond.pdbx_ordinal 
A   OP3   P      sing N N 1   
A   OP3   HOP3   sing N N 2   
A   P     OP1    doub N N 3   
A   P     OP2    sing N N 4   
A   P     "O5'"  sing N N 5   
A   OP2   HOP2   sing N N 6   
A   "O5'" "C5'"  sing N N 7   
A   "C5'" "C4'"  sing N N 8   
A   "C5'" "H5'"  sing N N 9   
A   "C5'" "H5''" sing N N 10  
A   "C4'" "O4'"  sing N N 11  
A   "C4'" "C3'"  sing N N 12  
A   "C4'" "H4'"  sing N N 13  
A   "O4'" "C1'"  sing N N 14  
A   "C3'" "O3'"  sing N N 15  
A   "C3'" "C2'"  sing N N 16  
A   "C3'" "H3'"  sing N N 17  
A   "O3'" "HO3'" sing N N 18  
A   "C2'" "O2'"  sing N N 19  
A   "C2'" "C1'"  sing N N 20  
A   "C2'" "H2'"  sing N N 21  
A   "O2'" "HO2'" sing N N 22  
A   "C1'" N9     sing N N 23  
A   "C1'" "H1'"  sing N N 24  
A   N9    C8     sing Y N 25  
A   N9    C4     sing Y N 26  
A   C8    N7     doub Y N 27  
A   C8    H8     sing N N 28  
A   N7    C5     sing Y N 29  
A   C5    C6     sing Y N 30  
A   C5    C4     doub Y N 31  
A   C6    N6     sing N N 32  
A   C6    N1     doub Y N 33  
A   N6    H61    sing N N 34  
A   N6    H62    sing N N 35  
A   N1    C2     sing Y N 36  
A   C2    N3     doub Y N 37  
A   C2    H2     sing N N 38  
A   N3    C4     sing Y N 39  
C   OP3   P      sing N N 40  
C   OP3   HOP3   sing N N 41  
C   P     OP1    doub N N 42  
C   P     OP2    sing N N 43  
C   P     "O5'"  sing N N 44  
C   OP2   HOP2   sing N N 45  
C   "O5'" "C5'"  sing N N 46  
C   "C5'" "C4'"  sing N N 47  
C   "C5'" "H5'"  sing N N 48  
C   "C5'" "H5''" sing N N 49  
C   "C4'" "O4'"  sing N N 50  
C   "C4'" "C3'"  sing N N 51  
C   "C4'" "H4'"  sing N N 52  
C   "O4'" "C1'"  sing N N 53  
C   "C3'" "O3'"  sing N N 54  
C   "C3'" "C2'"  sing N N 55  
C   "C3'" "H3'"  sing N N 56  
C   "O3'" "HO3'" sing N N 57  
C   "C2'" "O2'"  sing N N 58  
C   "C2'" "C1'"  sing N N 59  
C   "C2'" "H2'"  sing N N 60  
C   "O2'" "HO2'" sing N N 61  
C   "C1'" N1     sing N N 62  
C   "C1'" "H1'"  sing N N 63  
C   N1    C2     sing N N 64  
C   N1    C6     sing N N 65  
C   C2    O2     doub N N 66  
C   C2    N3     sing N N 67  
C   N3    C4     doub N N 68  
C   C4    N4     sing N N 69  
C   C4    C5     sing N N 70  
C   N4    H41    sing N N 71  
C   N4    H42    sing N N 72  
C   C5    C6     doub N N 73  
C   C5    H5     sing N N 74  
C   C6    H6     sing N N 75  
G   OP3   P      sing N N 76  
G   OP3   HOP3   sing N N 77  
G   P     OP1    doub N N 78  
G   P     OP2    sing N N 79  
G   P     "O5'"  sing N N 80  
G   OP2   HOP2   sing N N 81  
G   "O5'" "C5'"  sing N N 82  
G   "C5'" "C4'"  sing N N 83  
G   "C5'" "H5'"  sing N N 84  
G   "C5'" "H5''" sing N N 85  
G   "C4'" "O4'"  sing N N 86  
G   "C4'" "C3'"  sing N N 87  
G   "C4'" "H4'"  sing N N 88  
G   "O4'" "C1'"  sing N N 89  
G   "C3'" "O3'"  sing N N 90  
G   "C3'" "C2'"  sing N N 91  
G   "C3'" "H3'"  sing N N 92  
G   "O3'" "HO3'" sing N N 93  
G   "C2'" "O2'"  sing N N 94  
G   "C2'" "C1'"  sing N N 95  
G   "C2'" "H2'"  sing N N 96  
G   "O2'" "HO2'" sing N N 97  
G   "C1'" N9     sing N N 98  
G   "C1'" "H1'"  sing N N 99  
G   N9    C8     sing Y N 100 
G   N9    C4     sing Y N 101 
G   C8    N7     doub Y N 102 
G   C8    H8     sing N N 103 
G   N7    C5     sing Y N 104 
G   C5    C6     sing N N 105 
G   C5    C4     doub Y N 106 
G   C6    O6     doub N N 107 
G   C6    N1     sing N N 108 
G   N1    C2     sing N N 109 
G   N1    H1     sing N N 110 
G   C2    N2     sing N N 111 
G   C2    N3     doub N N 112 
G   N2    H21    sing N N 113 
G   N2    H22    sing N N 114 
G   N3    C4     sing N N 115 
HOH O     H1     sing N N 116 
HOH O     H2     sing N N 117 
PGP P1    O4P    doub N N 118 
PGP P1    O5P    sing N N 119 
PGP P1    O6P    sing N N 120 
PGP P1    "O3'"  sing N N 121 
PGP O5P   HOP5   sing N N 122 
PGP O6P   HOP6   sing N N 123 
PGP P     OP1    doub N N 124 
PGP P     OP2    sing N N 125 
PGP P     OP3    sing N N 126 
PGP P     "O5'"  sing N N 127 
PGP OP2   HOP2   sing N N 128 
PGP OP3   HOP3   sing N N 129 
PGP "O5'" "C5'"  sing N N 130 
PGP "C5'" "C4'"  sing N N 131 
PGP "C5'" "H5'"  sing N N 132 
PGP "C5'" "H5''" sing N N 133 
PGP "C4'" "O4'"  sing N N 134 
PGP "C4'" "C3'"  sing N N 135 
PGP "C4'" "H4'"  sing N N 136 
PGP "O4'" "C1'"  sing N N 137 
PGP "C3'" "O3'"  sing N N 138 
PGP "C3'" "C2'"  sing N N 139 
PGP "C3'" "H3'"  sing N N 140 
PGP "C2'" "O2'"  sing N N 141 
PGP "C2'" "C1'"  sing N N 142 
PGP "C2'" "H2'"  sing N N 143 
PGP "O2'" "HO2'" sing N N 144 
PGP "C1'" N9     sing N N 145 
PGP "C1'" "H1'"  sing N N 146 
PGP N9    C8     sing Y N 147 
PGP N9    C4     sing Y N 148 
PGP C8    N7     doub Y N 149 
PGP C8    H8     sing N N 150 
PGP N7    C5     sing Y N 151 
PGP C5    C6     sing N N 152 
PGP C5    C4     doub Y N 153 
PGP C6    O6     doub N N 154 
PGP C6    N1     sing N N 155 
PGP N1    C2     sing N N 156 
PGP N1    HN1    sing N N 157 
PGP C2    N2     sing N N 158 
PGP C2    N3     doub N N 159 
PGP N2    HN21   sing N N 160 
PGP N2    HN22   sing N N 161 
PGP N3    C4     sing N N 162 
SO4 S     O1     doub N N 163 
SO4 S     O2     doub N N 164 
SO4 S     O3     sing N N 165 
SO4 S     O4     sing N N 166 
U   OP3   P      sing N N 167 
U   OP3   HOP3   sing N N 168 
U   P     OP1    doub N N 169 
U   P     OP2    sing N N 170 
U   P     "O5'"  sing N N 171 
U   OP2   HOP2   sing N N 172 
U   "O5'" "C5'"  sing N N 173 
U   "C5'" "C4'"  sing N N 174 
U   "C5'" "H5'"  sing N N 175 
U   "C5'" "H5''" sing N N 176 
U   "C4'" "O4'"  sing N N 177 
U   "C4'" "C3'"  sing N N 178 
U   "C4'" "H4'"  sing N N 179 
U   "O4'" "C1'"  sing N N 180 
U   "C3'" "O3'"  sing N N 181 
U   "C3'" "C2'"  sing N N 182 
U   "C3'" "H3'"  sing N N 183 
U   "O3'" "HO3'" sing N N 184 
U   "C2'" "O2'"  sing N N 185 
U   "C2'" "C1'"  sing N N 186 
U   "C2'" "H2'"  sing N N 187 
U   "O2'" "HO2'" sing N N 188 
U   "C1'" N1     sing N N 189 
U   "C1'" "H1'"  sing N N 190 
U   N1    C2     sing N N 191 
U   N1    C6     sing N N 192 
U   C2    O2     doub N N 193 
U   C2    N3     sing N N 194 
U   N3    C4     sing N N 195 
U   N3    H3     sing N N 196 
U   C4    O4     doub N N 197 
U   C4    C5     sing N N 198 
U   C5    C6     doub N N 199 
U   C5    H5     sing N N 200 
U   C6    H6     sing N N 201 
# 
loop_
_ndb_struct_conf_na.entry_id 
_ndb_struct_conf_na.feature 
1DUH 'double helix'         
1DUH 'a-form double helix'  
1DUH 'mismatched base pair' 
1DUH 'internal loop'        
# 
loop_
_ndb_struct_na_base_pair.model_number 
_ndb_struct_na_base_pair.i_label_asym_id 
_ndb_struct_na_base_pair.i_label_comp_id 
_ndb_struct_na_base_pair.i_label_seq_id 
_ndb_struct_na_base_pair.i_symmetry 
_ndb_struct_na_base_pair.j_label_asym_id 
_ndb_struct_na_base_pair.j_label_comp_id 
_ndb_struct_na_base_pair.j_label_seq_id 
_ndb_struct_na_base_pair.j_symmetry 
_ndb_struct_na_base_pair.shear 
_ndb_struct_na_base_pair.stretch 
_ndb_struct_na_base_pair.stagger 
_ndb_struct_na_base_pair.buckle 
_ndb_struct_na_base_pair.propeller 
_ndb_struct_na_base_pair.opening 
_ndb_struct_na_base_pair.pair_number 
_ndb_struct_na_base_pair.pair_name 
_ndb_struct_na_base_pair.i_auth_asym_id 
_ndb_struct_na_base_pair.i_auth_seq_id 
_ndb_struct_na_base_pair.i_PDB_ins_code 
_ndb_struct_na_base_pair.j_auth_asym_id 
_ndb_struct_na_base_pair.j_auth_seq_id 
_ndb_struct_na_base_pair.j_PDB_ins_code 
_ndb_struct_na_base_pair.hbond_type_28 
_ndb_struct_na_base_pair.hbond_type_12 
1 A C   1  1_555 A PGP 45 4_555 0.569  -0.528 -0.156 10.286  -13.615 1.428   1  A_C31:PGP75_A A 31 ? A 75 ? 19 1 
1 A U   2  1_555 A A   44 4_555 -0.039 -0.305 0.276  1.281   -16.429 4.093   2  A_U32:A74_A   A 32 ? A 74 ? 20 1 
1 A C   3  1_555 A G   43 4_555 0.330  -0.321 0.294  -0.876  -9.775  0.198   3  A_C33:G73_A   A 33 ? A 73 ? 19 1 
1 A U   4  1_555 A A   42 4_555 0.090  -0.089 -0.205 5.243   -0.181  10.563  4  A_U34:A72_A   A 34 ? A 72 ? 20 1 
1 A G   5  1_555 A C   41 4_555 0.339  0.088  1.035  6.409   -7.541  9.821   5  A_G35:C71_A   A 35 ? A 71 ? ?  1 
1 A U   6  1_555 A G   40 4_555 1.988  -0.384 0.561  0.363   -7.213  3.557   6  A_U36:G70_A   A 36 ? A 70 ? 28 1 
1 A U   7  1_555 A G   39 4_555 2.087  -0.582 0.134  -5.645  -8.165  2.583   7  A_U37:G69_A   A 37 ? A 69 ? 28 1 
1 A U   8  1_555 A A   38 4_555 0.353  -0.045 0.567  -6.795  -9.445  4.613   8  A_U38:A68_A   A 38 ? A 68 ? 20 1 
1 A G   13 1_555 A C   36 4_555 -0.732 -0.192 -0.125 -0.012  -2.060  1.259   9  A_G43:C66_A   A 43 ? A 66 ? 19 1 
1 A G   14 1_555 A C   35 4_555 0.125  -0.109 -0.052 -6.507  -10.547 -0.024  10 A_G44:C65_A   A 44 ? A 65 ? 19 1 
1 A U   15 1_555 A G   34 4_555 1.965  -0.572 0.096  -4.324  -4.440  4.099   11 A_U45:G64_A   A 45 ? A 64 ? 28 1 
1 A C   16 1_555 A A   33 4_555 6.134  -4.675 0.654  1.310   -8.844  -21.379 12 A_C46:A63_A   A 46 ? A 63 ? ?  6 
1 A A   17 1_555 A C   32 4_555 -2.817 -0.616 0.001  1.160   -1.218  -85.633 13 A_A47:C62_A   A 47 ? A 62 ? 25 4 
1 A G   18 1_555 A G   31 4_555 -6.967 -2.593 0.717  4.374   -9.848  -18.635 14 A_G48:G61_A   A 48 ? A 61 ? ?  ? 
1 A G   19 1_555 A A   30 4_555 -0.526 1.433  -0.106 8.697   -8.319  -13.183 15 A_G49:A60_A   A 49 ? A 60 ? 8  ? 
1 A U   20 1_555 A A   29 4_555 -0.617 -0.217 0.064  15.035  -8.684  -2.650  16 A_U50:A59_A   A 50 ? A 59 ? 20 1 
1 A C   21 1_555 A G   28 4_555 -0.651 -0.156 -0.102 9.258   -4.855  2.004   17 A_C51:G58_A   A 51 ? A 58 ? 19 1 
1 A C   22 1_555 A G   27 4_555 0.724  -0.404 -0.069 2.227   -9.075  1.910   18 A_C52:G57_A   A 52 ? A 57 ? 19 1 
1 A G   23 1_555 A A   26 4_555 6.399  -3.747 -0.162 -5.500  -8.266  -6.386  19 A_G53:A56_A   A 53 ? A 56 ? 11 9 
1 A G   24 1_555 A A   25 4_555 6.232  -4.144 0.677  17.406  6.587   13.660  20 A_G54:A55_A   A 54 ? A 55 ? 11 9 
1 A A   25 1_555 A G   24 4_555 -6.232 -4.144 0.677  -17.406 6.587   13.660  21 A_A55:G54_A   A 55 ? A 54 ? 11 9 
1 A A   26 1_555 A G   23 4_555 -6.399 -3.747 -0.162 5.500   -8.266  -6.386  22 A_A56:G53_A   A 56 ? A 53 ? 11 9 
1 A G   27 1_555 A C   22 4_555 -0.724 -0.404 -0.069 -2.227  -9.075  1.910   23 A_G57:C52_A   A 57 ? A 52 ? 19 1 
1 A G   28 1_555 A C   21 4_555 0.651  -0.156 -0.102 -9.258  -4.855  2.004   24 A_G58:C51_A   A 58 ? A 51 ? 19 1 
1 A A   29 1_555 A U   20 4_555 0.617  -0.217 0.064  -15.035 -8.684  -2.650  25 A_A59:U50_A   A 59 ? A 50 ? 20 1 
1 A A   30 1_555 A G   19 4_555 0.526  1.433  -0.106 -8.697  -8.319  -13.183 26 A_A60:G49_A   A 60 ? A 49 ? 8  ? 
1 A G   31 1_555 A G   18 4_555 6.967  -2.593 0.717  -4.374  -9.847  -18.635 27 A_G61:G48_A   A 61 ? A 48 ? ?  ? 
1 A C   32 1_555 A A   17 4_555 2.817  -0.616 0.001  -1.160  -1.218  -85.633 28 A_C62:A47_A   A 62 ? A 47 ? 25 4 
1 A A   33 1_555 A C   16 4_555 -6.134 -4.675 0.654  -1.310  -8.844  -21.379 29 A_A63:C46_A   A 63 ? A 46 ? ?  6 
1 A G   34 1_555 A U   15 4_555 -1.965 -0.572 0.096  4.324   -4.440  4.099   30 A_G64:U45_A   A 64 ? A 45 ? 28 1 
1 A C   35 1_555 A G   14 4_555 -0.125 -0.109 -0.052 6.507   -10.547 -0.024  31 A_C65:G44_A   A 65 ? A 44 ? 19 1 
1 A C   36 1_555 A G   13 4_555 0.732  -0.192 -0.125 0.012   -2.060  1.259   32 A_C66:G43_A   A 66 ? A 43 ? 19 1 
1 A A   38 1_555 A U   8  4_555 -0.353 -0.045 0.567  6.795   -9.445  4.613   33 A_A68:U38_A   A 68 ? A 38 ? 20 1 
1 A G   39 1_555 A U   7  4_555 -2.087 -0.582 0.134  5.645   -8.165  2.583   34 A_G69:U37_A   A 69 ? A 37 ? 28 1 
1 A G   40 1_555 A U   6  4_555 -1.988 -0.384 0.561  -0.363  -7.213  3.557   35 A_G70:U36_A   A 70 ? A 36 ? 28 1 
1 A C   41 1_555 A G   5  4_555 -0.339 0.088  1.035  -6.409  -7.541  9.821   36 A_C71:G35_A   A 71 ? A 35 ? ?  1 
1 A A   42 1_555 A U   4  4_555 -0.090 -0.089 -0.205 -5.243  -0.181  10.563  37 A_A72:U34_A   A 72 ? A 34 ? 20 1 
1 A G   43 1_555 A C   3  4_555 -0.330 -0.321 0.294  0.876   -9.775  0.198   38 A_G73:C33_A   A 73 ? A 33 ? 19 1 
1 A A   44 1_555 A U   2  4_555 0.039  -0.305 0.276  -1.281  -16.429 4.093   39 A_A74:U32_A   A 74 ? A 32 ? 20 1 
1 A PGP 45 1_555 A C   1  4_555 -0.569 -0.528 -0.156 -10.286 -13.615 1.428   40 A_PGP75:C31_A A 75 ? A 31 ? 19 1 
# 
loop_
_ndb_struct_na_base_pair_step.model_number 
_ndb_struct_na_base_pair_step.i_label_asym_id_1 
_ndb_struct_na_base_pair_step.i_label_comp_id_1 
_ndb_struct_na_base_pair_step.i_label_seq_id_1 
_ndb_struct_na_base_pair_step.i_symmetry_1 
_ndb_struct_na_base_pair_step.j_label_asym_id_1 
_ndb_struct_na_base_pair_step.j_label_comp_id_1 
_ndb_struct_na_base_pair_step.j_label_seq_id_1 
_ndb_struct_na_base_pair_step.j_symmetry_1 
_ndb_struct_na_base_pair_step.i_label_asym_id_2 
_ndb_struct_na_base_pair_step.i_label_comp_id_2 
_ndb_struct_na_base_pair_step.i_label_seq_id_2 
_ndb_struct_na_base_pair_step.i_symmetry_2 
_ndb_struct_na_base_pair_step.j_label_asym_id_2 
_ndb_struct_na_base_pair_step.j_label_comp_id_2 
_ndb_struct_na_base_pair_step.j_label_seq_id_2 
_ndb_struct_na_base_pair_step.j_symmetry_2 
_ndb_struct_na_base_pair_step.shift 
_ndb_struct_na_base_pair_step.slide 
_ndb_struct_na_base_pair_step.rise 
_ndb_struct_na_base_pair_step.tilt 
_ndb_struct_na_base_pair_step.roll 
_ndb_struct_na_base_pair_step.twist 
_ndb_struct_na_base_pair_step.x_displacement 
_ndb_struct_na_base_pair_step.y_displacement 
_ndb_struct_na_base_pair_step.helical_rise 
_ndb_struct_na_base_pair_step.inclination 
_ndb_struct_na_base_pair_step.tip 
_ndb_struct_na_base_pair_step.helical_twist 
_ndb_struct_na_base_pair_step.step_number 
_ndb_struct_na_base_pair_step.step_name 
_ndb_struct_na_base_pair_step.i_auth_asym_id_1 
_ndb_struct_na_base_pair_step.i_auth_seq_id_1 
_ndb_struct_na_base_pair_step.i_PDB_ins_code_1 
_ndb_struct_na_base_pair_step.j_auth_asym_id_1 
_ndb_struct_na_base_pair_step.j_auth_seq_id_1 
_ndb_struct_na_base_pair_step.j_PDB_ins_code_1 
_ndb_struct_na_base_pair_step.i_auth_asym_id_2 
_ndb_struct_na_base_pair_step.i_auth_seq_id_2 
_ndb_struct_na_base_pair_step.i_PDB_ins_code_2 
_ndb_struct_na_base_pair_step.j_auth_asym_id_2 
_ndb_struct_na_base_pair_step.j_auth_seq_id_2 
_ndb_struct_na_base_pair_step.j_PDB_ins_code_2 
1 A C 1  1_555 A PGP 45 4_555 A U   2  1_555 A A 44 4_555 0.236  -1.722 3.199 -3.713 17.133 31.534 -4.864  -0.831  1.992  28.901 
6.264   35.970  1  AA_C31U32:A74PGP75_AA A 31 ? A 75 ? A 32 ? A 74 ? 
1 A U 2  1_555 A A   44 4_555 A C   3  1_555 A G 43 4_555 -0.222 -1.421 3.204 -1.535 0.042  38.077 -2.181  0.150   3.209  0.065  
2.351   38.107  2  AA_U32C33:G73A74_AA   A 32 ? A 74 ? A 33 ? A 73 ? 
1 A C 3  1_555 A G   43 4_555 A U   4  1_555 A A 42 4_555 -0.149 -1.557 3.195 0.497  -0.130 27.711 -3.219  0.429   3.199  -0.271 
-1.038  27.716  3  AA_C33U34:A72G73_AA   A 33 ? A 73 ? A 34 ? A 72 ? 
1 A U 4  1_555 A A   42 4_555 A G   5  1_555 A C 41 4_555 -0.180 -1.763 2.981 -8.355 8.427  32.374 -4.101  -0.809  2.431  14.520 
14.396  34.426  4  AA_U34G35:C71A72_AA   A 34 ? A 72 ? A 35 ? A 71 ? 
1 A G 5  1_555 A C   41 4_555 A U   6  1_555 A G 40 4_555 -0.141 -1.421 3.296 4.114  0.828  38.245 -2.259  0.725   3.234  1.260  
-6.257  38.466  5  AA_G35U36:G70C71_AA   A 35 ? A 71 ? A 36 ? A 70 ? 
1 A U 6  1_555 A G   40 4_555 A U   7  1_555 A G 39 4_555 0.283  -2.106 3.048 8.568  6.736  35.426 -4.120  0.575   2.614  10.759 
-13.686 37.013  6  AA_U36U37:G69G70_AA   A 36 ? A 70 ? A 37 ? A 69 ? 
1 A U 7  1_555 A G   39 4_555 A U   8  1_555 A A 38 4_555 -0.871 -2.286 3.009 -0.448 16.236 22.504 -7.542  1.744   1.145  36.165 
0.999   27.692  7  AA_U37U38:A68G69_AA   A 37 ? A 69 ? A 38 ? A 68 ? 
1 A U 8  1_555 A A   38 4_555 A G   13 1_555 A C 36 4_555 -1.271 -2.525 6.092 4.766  16.050 78.121 -2.745  1.222   5.505  12.601 
-3.742  79.614  8  AA_U38G43:C66A68_AA   A 38 ? A 68 ? A 43 ? A 66 ? 
1 A G 13 1_555 A C   36 4_555 A G   14 1_555 A C 35 4_555 -0.131 -2.114 3.349 -1.910 5.399  37.218 -3.964  -0.040  3.026  8.399  
2.971   37.641  9  AA_G43G44:C65C66_AA   A 43 ? A 66 ? A 44 ? A 65 ? 
1 A G 14 1_555 A C   35 4_555 A U   15 1_555 A G 34 4_555 0.246  -1.632 3.197 0.888  -0.462 35.778 -2.590  -0.275  3.222  -0.752 
-1.445  35.792  10 AA_G44U45:G64C65_AA   A 44 ? A 65 ? A 45 ? A 64 ? 
1 A U 15 1_555 A G   34 4_555 A C   16 1_555 A A 33 4_555 -0.763 -1.280 3.233 4.962  8.799  54.197 -1.880  1.105   2.934  9.564  
-5.394  55.061  11 AA_U45C46:A63G64_AA   A 45 ? A 64 ? A 46 ? A 63 ? 
1 A C 16 1_555 A A   33 4_555 A A   17 1_555 A C 32 4_555 -4.712 -0.110 2.855 -2.539 3.130  6.077  -13.423 26.867  3.973  26.079 
21.153  7.291   12 AA_C46A47:C62A63_AA   A 46 ? A 63 ? A 47 ? A 62 ? 
1 A A 17 1_555 A C   32 4_555 A G   18 1_555 A G 31 4_555 4.977  -1.480 2.797 2.123  6.928  28.436 -4.204  -9.438  2.724  13.822 
-4.236  29.327  13 AA_A47G48:G61C62_AA   A 47 ? A 62 ? A 48 ? A 61 ? 
1 A G 18 1_555 A G   31 4_555 A G   19 1_555 A A 30 4_555 0.229  -1.402 3.275 1.775  4.341  53.430 -1.822  -0.144  3.166  4.817  
-1.970  53.621  14 AA_G48G49:A60G61_AA   A 48 ? A 61 ? A 49 ? A 60 ? 
1 A G 19 1_555 A A   30 4_555 A U   20 1_555 A A 29 4_555 0.232  -2.074 2.940 -5.164 2.530  25.672 -5.144  -1.706  2.630  5.604  
11.439  26.297  15 AA_G49U50:A59A60_AA   A 49 ? A 60 ? A 50 ? A 59 ? 
1 A U 20 1_555 A A   29 4_555 A C   21 1_555 A G 28 4_555 0.472  -1.861 3.407 -3.371 7.266  32.960 -4.333  -1.338  2.883  12.577 
5.835   33.893  16 AA_U50C51:G58A59_AA   A 50 ? A 59 ? A 51 ? A 58 ? 
1 A C 21 1_555 A G   28 4_555 A C   22 1_555 A G 27 4_555 0.263  -2.036 3.473 0.082  3.605  39.464 -3.440  -0.379  3.282  5.326  
-0.122  39.621  17 AA_C51C52:G57G58_AA   A 51 ? A 58 ? A 52 ? A 57 ? 
1 A C 22 1_555 A G   27 4_555 A G   23 1_555 A A 26 4_555 -0.276 -0.882 3.588 3.494  4.550  54.569 -1.252  0.526   3.488  4.948  
-3.799  54.847  18 AA_C52G53:A56G57_AA   A 52 ? A 57 ? A 53 ? A 56 ? 
1 A G 23 1_555 A A   26 4_555 A G   24 1_555 A A 25 4_555 1.280  -0.942 2.861 7.980  8.213  31.604 -2.828  -1.053  2.770  14.498 
-14.086 33.565  19 AA_G53G54:A55A56_AA   A 53 ? A 56 ? A 54 ? A 55 ? 
1 A G 24 1_555 A A   25 4_555 A A   25 1_555 A G 24 4_555 0.000  -2.406 4.165 0.000  -9.461 -3.699 26.862  0.000   -0.722 68.697 
0.000   -10.157 20 AA_G54A55:G54A55_AA   A 54 ? A 55 ? A 55 ? A 54 ? 
1 A A 25 1_555 A G   24 4_555 A A   26 1_555 A G 23 4_555 -1.280 -0.942 2.861 -7.980 8.213  31.604 -2.828  1.053   2.770  14.498 
14.085  33.565  21 AA_A55A56:G53G54_AA   A 55 ? A 54 ? A 56 ? A 53 ? 
1 A A 26 1_555 A G   23 4_555 A G   27 1_555 A C 22 4_555 0.276  -0.882 3.588 -3.494 4.550  54.569 -1.252  -0.526  3.488  4.948  
3.799   54.847  22 AA_A56G57:C52G53_AA   A 56 ? A 53 ? A 57 ? A 52 ? 
1 A G 27 1_555 A C   22 4_555 A G   28 1_555 A C 21 4_555 -0.263 -2.036 3.473 -0.082 3.605  39.464 -3.440  0.379   3.282  5.326  
0.122   39.621  23 AA_G57G58:C51C52_AA   A 57 ? A 52 ? A 58 ? A 51 ? 
1 A G 28 1_555 A C   21 4_555 A A   29 1_555 A U 20 4_555 -0.472 -1.861 3.407 3.371  7.266  32.960 -4.333  1.338   2.883  12.577 
-5.835  33.893  24 AA_G58A59:U50C51_AA   A 58 ? A 51 ? A 59 ? A 50 ? 
1 A A 29 1_555 A U   20 4_555 A A   30 1_555 A G 19 4_555 -0.232 -2.074 2.940 5.164  2.530  25.672 -5.144  1.706   2.630  5.604  
-11.439 26.297  25 AA_A59A60:G49U50_AA   A 59 ? A 50 ? A 60 ? A 49 ? 
1 A A 30 1_555 A G   19 4_555 A G   31 1_555 A G 18 4_555 -0.229 -1.402 3.275 -1.775 4.341  53.430 -1.822  0.144   3.166  4.817  
1.970   53.620  26 AA_A60G61:G48G49_AA   A 60 ? A 49 ? A 61 ? A 48 ? 
1 A G 31 1_555 A G   18 4_555 A C   32 1_555 A A 17 4_555 -4.977 -1.480 2.797 -2.123 6.928  28.436 -4.204  9.438   2.724  13.822 
4.236   29.327  27 AA_G61C62:A47G48_AA   A 61 ? A 48 ? A 62 ? A 47 ? 
1 A C 32 1_555 A A   17 4_555 A A   33 1_555 A C 16 4_555 4.712  -0.110 2.855 2.539  3.130  6.077  -13.424 -26.867 3.973  26.079 
-21.153 7.291   28 AA_C62A63:C46A47_AA   A 62 ? A 47 ? A 63 ? A 46 ? 
1 A A 33 1_555 A C   16 4_555 A G   34 1_555 A U 15 4_555 0.763  -1.280 3.233 -4.962 8.799  54.197 -1.880  -1.105  2.934  9.564  
5.394   55.061  29 AA_A63G64:U45C46_AA   A 63 ? A 46 ? A 64 ? A 45 ? 
1 A G 34 1_555 A U   15 4_555 A C   35 1_555 A G 14 4_555 -0.246 -1.632 3.197 -0.888 -0.462 35.778 -2.590  0.275   3.222  -0.752 
1.445   35.792  30 AA_G64C65:G44U45_AA   A 64 ? A 45 ? A 65 ? A 44 ? 
1 A C 35 1_555 A G   14 4_555 A C   36 1_555 A G 13 4_555 0.131  -2.114 3.349 1.910  5.399  37.218 -3.964  0.040   3.026  8.399  
-2.971  37.641  31 AA_C65C66:G43G44_AA   A 65 ? A 44 ? A 66 ? A 43 ? 
1 A C 36 1_555 A G   13 4_555 A A   38 1_555 A U 8  4_555 1.271  -2.525 6.092 -4.766 16.050 78.121 -2.745  -1.222  5.505  12.601 
3.742   79.614  32 AA_C66A68:U38G43_AA   A 66 ? A 43 ? A 68 ? A 38 ? 
1 A A 38 1_555 A U   8  4_555 A G   39 1_555 A U 7  4_555 0.871  -2.286 3.009 0.448  16.236 22.504 -7.542  -1.744  1.145  36.165 
-0.999  27.692  33 AA_A68G69:U37U38_AA   A 68 ? A 38 ? A 69 ? A 37 ? 
1 A G 39 1_555 A U   7  4_555 A G   40 1_555 A U 6  4_555 -0.283 -2.106 3.048 -8.568 6.736  35.426 -4.120  -0.575  2.614  10.759 
13.686  37.013  34 AA_G69G70:U36U37_AA   A 69 ? A 37 ? A 70 ? A 36 ? 
1 A G 40 1_555 A U   6  4_555 A C   41 1_555 A G 5  4_555 0.141  -1.421 3.296 -4.114 0.828  38.245 -2.259  -0.725  3.234  1.260  
6.257   38.466  35 AA_G70C71:G35U36_AA   A 70 ? A 36 ? A 71 ? A 35 ? 
1 A C 41 1_555 A G   5  4_555 A A   42 1_555 A U 4  4_555 0.180  -1.763 2.981 8.355  8.427  32.374 -4.101  0.809   2.431  14.520 
-14.396 34.426  36 AA_C71A72:U34G35_AA   A 71 ? A 35 ? A 72 ? A 34 ? 
1 A A 42 1_555 A U   4  4_555 A G   43 1_555 A C 3  4_555 0.149  -1.557 3.195 -0.497 -0.130 27.711 -3.219  -0.429  3.199  -0.271 
1.038   27.716  37 AA_A72G73:C33U34_AA   A 72 ? A 34 ? A 73 ? A 33 ? 
1 A G 43 1_555 A C   3  4_555 A A   44 1_555 A U 2  4_555 0.222  -1.421 3.204 1.535  0.042  38.077 -2.181  -0.150  3.209  0.065  
-2.351  38.107  38 AA_G73A74:U32C33_AA   A 73 ? A 33 ? A 74 ? A 32 ? 
1 A A 44 1_555 A U   2  4_555 A PGP 45 1_555 A C 1  4_555 -0.236 -1.722 3.199 3.713  17.133 31.534 -4.864  0.831   1.992  28.901 
-6.264  35.970  39 AA_A74PGP75:C31U32_AA A 74 ? A 32 ? A 75 ? A 31 ? 
# 
_atom_sites.entry_id                    1DUH 
_atom_sites.fract_transf_matrix[1][1]   -0.00832100 
_atom_sites.fract_transf_matrix[1][2]   -0.00034796 
_atom_sites.fract_transf_matrix[1][3]   -0.01432235 
_atom_sites.fract_transf_matrix[2][1]   0.00079253 
_atom_sites.fract_transf_matrix[2][2]   -0.01339444 
_atom_sites.fract_transf_matrix[2][3]   -0.00971733 
_atom_sites.fract_transf_matrix[3][1]   -0.00942676 
_atom_sites.fract_transf_matrix[3][2]   -0.00461231 
_atom_sites.fract_transf_matrix[3][3]   0.00558882 
_atom_sites.fract_transf_vector[1]      0.426156 
_atom_sites.fract_transf_vector[2]      0.439282 
_atom_sites.fract_transf_vector[3]      0.000812 
# 
loop_
_atom_type.symbol 
C  
LU 
MG 
N  
O  
P  
S  
# 
loop_
_atom_site.group_PDB 
_atom_site.id 
_atom_site.type_symbol 
_atom_site.label_atom_id 
_atom_site.label_alt_id 
_atom_site.label_comp_id 
_atom_site.label_asym_id 
_atom_site.label_entity_id 
_atom_site.label_seq_id 
_atom_site.pdbx_PDB_ins_code 
_atom_site.Cartn_x 
_atom_site.Cartn_y 
_atom_site.Cartn_z 
_atom_site.occupancy 
_atom_site.B_iso_or_equiv 
_atom_site.pdbx_formal_charge 
_atom_site.auth_seq_id 
_atom_site.auth_comp_id 
_atom_site.auth_asym_id 
_atom_site.auth_atom_id 
_atom_site.pdbx_PDB_model_num 
ATOM   1   O  "O5'" . C   A 1 1  ? -50.669 -15.890 14.543  1.00 89.04  ? 31  C   A "O5'" 1 
ATOM   2   C  "C5'" . C   A 1 1  ? -50.839 -16.992 13.641  1.00 87.50  ? 31  C   A "C5'" 1 
ATOM   3   C  "C4'" . C   A 1 1  ? -51.402 -16.532 12.320  1.00 85.81  ? 31  C   A "C4'" 1 
ATOM   4   O  "O4'" . C   A 1 1  ? -52.783 -16.104 12.502  1.00 84.70  ? 31  C   A "O4'" 1 
ATOM   5   C  "C3'" . C   A 1 1  ? -50.700 -15.321 11.728  1.00 84.77  ? 31  C   A "C3'" 1 
ATOM   6   O  "O3'" . C   A 1 1  ? -49.520 -15.703 11.018  1.00 83.37  ? 31  C   A "O3'" 1 
ATOM   7   C  "C2'" . C   A 1 1  ? -51.797 -14.734 10.846  1.00 84.50  ? 31  C   A "C2'" 1 
ATOM   8   O  "O2'" . C   A 1 1  ? -51.988 -15.455 9.646   1.00 87.79  ? 31  C   A "O2'" 1 
ATOM   9   C  "C1'" . C   A 1 1  ? -53.030 -14.940 11.729  1.00 82.63  ? 31  C   A "C1'" 1 
ATOM   10  N  N1    . C   A 1 1  ? -53.239 -13.819 12.657  1.00 79.21  ? 31  C   A N1    1 
ATOM   11  C  C2    . C   A 1 1  ? -53.891 -12.665 12.198  1.00 76.82  ? 31  C   A C2    1 
ATOM   12  O  O2    . C   A 1 1  ? -54.295 -12.628 11.029  1.00 78.93  ? 31  C   A O2    1 
ATOM   13  N  N3    . C   A 1 1  ? -54.063 -11.626 13.044  1.00 72.74  ? 31  C   A N3    1 
ATOM   14  C  C4    . C   A 1 1  ? -53.620 -11.710 14.302  1.00 72.96  ? 31  C   A C4    1 
ATOM   15  N  N4    . C   A 1 1  ? -53.809 -10.662 15.104  1.00 73.22  ? 31  C   A N4    1 
ATOM   16  C  C5    . C   A 1 1  ? -52.963 -12.874 14.795  1.00 73.90  ? 31  C   A C5    1 
ATOM   17  C  C6    . C   A 1 1  ? -52.796 -13.895 13.947  1.00 75.73  ? 31  C   A C6    1 
ATOM   18  P  P     . U   A 1 2  ? -48.187 -14.802 11.140  1.00 84.07  ? 32  U   A P     1 
ATOM   19  O  OP1   . U   A 1 2  ? -47.031 -15.539 10.572  1.00 83.40  ? 32  U   A OP1   1 
ATOM   20  O  OP2   . U   A 1 2  ? -48.128 -14.332 12.549  1.00 84.45  ? 32  U   A OP2   1 
ATOM   21  O  "O5'" . U   A 1 2  ? -48.482 -13.566 10.177  1.00 81.14  ? 32  U   A "O5'" 1 
ATOM   22  C  "C5'" . U   A 1 2  ? -48.738 -13.784 8.790   1.00 79.29  ? 32  U   A "C5'" 1 
ATOM   23  C  "C4'" . U   A 1 2  ? -49.404 -12.575 8.175   1.00 77.06  ? 32  U   A "C4'" 1 
ATOM   24  O  "O4'" . U   A 1 2  ? -50.677 -12.328 8.825   1.00 78.82  ? 32  U   A "O4'" 1 
ATOM   25  C  "C3'" . U   A 1 2  ? -48.651 -11.271 8.326   1.00 75.11  ? 32  U   A "C3'" 1 
ATOM   26  O  "O3'" . U   A 1 2  ? -47.693 -11.177 7.295   1.00 75.48  ? 32  U   A "O3'" 1 
ATOM   27  C  "C2'" . U   A 1 2  ? -49.760 -10.238 8.172   1.00 75.72  ? 32  U   A "C2'" 1 
ATOM   28  O  "O2'" . U   A 1 2  ? -50.137 -10.032 6.826   1.00 73.93  ? 32  U   A "O2'" 1 
ATOM   29  C  "C1'" . U   A 1 2  ? -50.910 -10.930 8.903   1.00 76.34  ? 32  U   A "C1'" 1 
ATOM   30  N  N1    . U   A 1 2  ? -51.021 -10.564 10.324  1.00 75.04  ? 32  U   A N1    1 
ATOM   31  C  C2    . U   A 1 2  ? -51.444 -9.288  10.617  1.00 72.10  ? 32  U   A C2    1 
ATOM   32  O  O2    . U   A 1 2  ? -51.686 -8.469  9.753   1.00 75.11  ? 32  U   A O2    1 
ATOM   33  N  N3    . U   A 1 2  ? -51.565 -9.005  11.953  1.00 69.50  ? 32  U   A N3    1 
ATOM   34  C  C4    . U   A 1 2  ? -51.292 -9.852  13.007  1.00 71.94  ? 32  U   A C4    1 
ATOM   35  O  O4    . U   A 1 2  ? -51.438 -9.447  14.164  1.00 70.64  ? 32  U   A O4    1 
ATOM   36  C  C5    . U   A 1 2  ? -50.843 -11.159 12.622  1.00 73.95  ? 32  U   A C5    1 
ATOM   37  C  C6    . U   A 1 2  ? -50.725 -11.462 11.326  1.00 74.86  ? 32  U   A C6    1 
ATOM   38  P  P     . C   A 1 3  ? -46.287 -10.467 7.588   1.00 77.06  ? 33  C   A P     1 
ATOM   39  O  OP1   . C   A 1 3  ? -45.392 -10.742 6.427   1.00 76.11  ? 33  C   A OP1   1 
ATOM   40  O  OP2   . C   A 1 3  ? -45.859 -10.864 8.956   1.00 76.42  ? 33  C   A OP2   1 
ATOM   41  O  "O5'" . C   A 1 3  ? -46.653 -8.916  7.601   1.00 76.82  ? 33  C   A "O5'" 1 
ATOM   42  C  "C5'" . C   A 1 3  ? -47.127 -8.282  6.417   1.00 77.09  ? 33  C   A "C5'" 1 
ATOM   43  C  "C4'" . C   A 1 3  ? -47.687 -6.930  6.747   1.00 76.36  ? 33  C   A "C4'" 1 
ATOM   44  O  "O4'" . C   A 1 3  ? -48.825 -7.081  7.632   1.00 75.40  ? 33  C   A "O4'" 1 
ATOM   45  C  "C3'" . C   A 1 3  ? -46.749 -6.052  7.544   1.00 78.46  ? 33  C   A "C3'" 1 
ATOM   46  O  "O3'" . C   A 1 3  ? -45.840 -5.405  6.684   1.00 83.01  ? 33  C   A "O3'" 1 
ATOM   47  C  "C2'" . C   A 1 3  ? -47.709 -5.059  8.176   1.00 77.10  ? 33  C   A "C2'" 1 
ATOM   48  O  "O2'" . C   A 1 3  ? -48.134 -4.065  7.269   1.00 78.40  ? 33  C   A "O2'" 1 
ATOM   49  C  "C1'" . C   A 1 3  ? -48.883 -5.972  8.513   1.00 73.81  ? 33  C   A "C1'" 1 
ATOM   50  N  N1    . C   A 1 3  ? -48.795 -6.467  9.884   1.00 70.23  ? 33  C   A N1    1 
ATOM   51  C  C2    . C   A 1 3  ? -49.147 -5.600  10.920  1.00 71.52  ? 33  C   A C2    1 
ATOM   52  O  O2    . C   A 1 3  ? -49.489 -4.439  10.634  1.00 73.69  ? 33  C   A O2    1 
ATOM   53  N  N3    . C   A 1 3  ? -49.110 -6.039  12.195  1.00 69.40  ? 33  C   A N3    1 
ATOM   54  C  C4    . C   A 1 3  ? -48.729 -7.290  12.451  1.00 69.08  ? 33  C   A C4    1 
ATOM   55  N  N4    . C   A 1 3  ? -48.719 -7.685  13.725  1.00 73.12  ? 33  C   A N4    1 
ATOM   56  C  C5    . C   A 1 3  ? -48.343 -8.193  11.411  1.00 67.47  ? 33  C   A C5    1 
ATOM   57  C  C6    . C   A 1 3  ? -48.390 -7.742  10.154  1.00 65.66  ? 33  C   A C6    1 
ATOM   58  P  P     . U   A 1 4  ? -44.547 -4.697  7.304   1.00 84.64  ? 34  U   A P     1 
ATOM   59  O  OP1   . U   A 1 4  ? -43.764 -4.166  6.159   1.00 83.75  ? 34  U   A OP1   1 
ATOM   60  O  OP2   . U   A 1 4  ? -43.926 -5.659  8.256   1.00 83.41  ? 34  U   A OP2   1 
ATOM   61  O  "O5'" . U   A 1 4  ? -45.127 -3.471  8.131   1.00 82.26  ? 34  U   A "O5'" 1 
ATOM   62  C  "C5'" . U   A 1 4  ? -45.573 -2.307  7.461   1.00 84.31  ? 34  U   A "C5'" 1 
ATOM   63  C  "C4'" . U   A 1 4  ? -45.878 -1.237  8.463   1.00 86.89  ? 34  U   A "C4'" 1 
ATOM   64  O  "O4'" . U   A 1 4  ? -46.963 -1.683  9.318   1.00 88.19  ? 34  U   A "O4'" 1 
ATOM   65  C  "C3'" . U   A 1 4  ? -44.749 -0.964  9.432   1.00 88.30  ? 34  U   A "C3'" 1 
ATOM   66  O  "O3'" . U   A 1 4  ? -43.832 -0.047  8.868   1.00 88.36  ? 34  U   A "O3'" 1 
ATOM   67  C  "C2'" . U   A 1 4  ? -45.498 -0.356  10.606  1.00 89.06  ? 34  U   A "C2'" 1 
ATOM   68  O  "O2'" . U   A 1 4  ? -45.896 0.970   10.327  1.00 91.23  ? 34  U   A "O2'" 1 
ATOM   69  C  "C1'" . U   A 1 4  ? -46.743 -1.241  10.648  1.00 87.79  ? 34  U   A "C1'" 1 
ATOM   70  N  N1    . U   A 1 4  ? -46.591 -2.425  11.507  1.00 87.57  ? 34  U   A N1    1 
ATOM   71  C  C2    . U   A 1 4  ? -46.886 -2.293  12.859  1.00 87.05  ? 34  U   A C2    1 
ATOM   72  O  O2    . U   A 1 4  ? -47.261 -1.247  13.360  1.00 88.68  ? 34  U   A O2    1 
ATOM   73  N  N3    . U   A 1 4  ? -46.723 -3.437  13.603  1.00 86.59  ? 34  U   A N3    1 
ATOM   74  C  C4    . U   A 1 4  ? -46.304 -4.675  13.147  1.00 86.43  ? 34  U   A C4    1 
ATOM   75  O  O4    . U   A 1 4  ? -46.194 -5.610  13.945  1.00 87.28  ? 34  U   A O4    1 
ATOM   76  C  C5    . U   A 1 4  ? -46.023 -4.731  11.740  1.00 86.39  ? 34  U   A C5    1 
ATOM   77  C  C6    . U   A 1 4  ? -46.170 -3.632  10.988  1.00 87.42  ? 34  U   A C6    1 
ATOM   78  P  P     . G   A 1 5  ? -42.399 0.158   9.562   1.00 91.03  ? 35  G   A P     1 
ATOM   79  O  OP1   . G   A 1 5  ? -41.675 1.189   8.777   1.00 92.60  ? 35  G   A OP1   1 
ATOM   80  O  OP2   . G   A 1 5  ? -41.790 -1.196  9.751   1.00 88.47  ? 35  G   A OP2   1 
ATOM   81  O  "O5'" . G   A 1 5  ? -42.740 0.825   10.971  1.00 87.62  ? 35  G   A "O5'" 1 
ATOM   82  C  "C5'" . G   A 1 5  ? -43.167 2.180   11.036  1.00 86.96  ? 35  G   A "C5'" 1 
ATOM   83  C  "C4'" . G   A 1 5  ? -43.417 2.593   12.465  1.00 89.01  ? 35  G   A "C4'" 1 
ATOM   84  O  "O4'" . G   A 1 5  ? -44.507 1.808   13.023  1.00 90.06  ? 35  G   A "O4'" 1 
ATOM   85  C  "C3'" . G   A 1 5  ? -42.266 2.367   13.425  1.00 89.89  ? 35  G   A "C3'" 1 
ATOM   86  O  "O3'" . G   A 1 5  ? -41.312 3.419   13.339  1.00 89.46  ? 35  G   A "O3'" 1 
ATOM   87  C  "C2'" . G   A 1 5  ? -42.989 2.314   14.768  1.00 90.60  ? 35  G   A "C2'" 1 
ATOM   88  O  "O2'" . G   A 1 5  ? -43.381 3.585   15.253  1.00 89.61  ? 35  G   A "O2'" 1 
ATOM   89  C  "C1'" . G   A 1 5  ? -44.239 1.514   14.388  1.00 91.18  ? 35  G   A "C1'" 1 
ATOM   90  N  N9    . G   A 1 5  ? -44.027 0.073   14.505  1.00 92.35  ? 35  G   A N9    1 
ATOM   91  C  C8    . G   A 1 5  ? -43.832 -0.816  13.474  1.00 93.68  ? 35  G   A C8    1 
ATOM   92  N  N7    . G   A 1 5  ? -43.640 -2.040  13.882  1.00 94.22  ? 35  G   A N7    1 
ATOM   93  C  C5    . G   A 1 5  ? -43.723 -1.959  15.263  1.00 94.75  ? 35  G   A C5    1 
ATOM   94  C  C6    . G   A 1 5  ? -43.598 -2.970  16.251  1.00 96.59  ? 35  G   A C6    1 
ATOM   95  O  O6    . G   A 1 5  ? -43.384 -4.178  16.096  1.00 99.36  ? 35  G   A O6    1 
ATOM   96  N  N1    . G   A 1 5  ? -43.745 -2.452  17.532  1.00 95.75  ? 35  G   A N1    1 
ATOM   97  C  C2    . G   A 1 5  ? -43.983 -1.134  17.823  1.00 94.49  ? 35  G   A C2    1 
ATOM   98  N  N2    . G   A 1 5  ? -44.092 -0.833  19.118  1.00 95.57  ? 35  G   A N2    1 
ATOM   99  N  N3    . G   A 1 5  ? -44.104 -0.182  16.913  1.00 93.47  ? 35  G   A N3    1 
ATOM   100 C  C4    . G   A 1 5  ? -43.965 -0.662  15.663  1.00 93.02  ? 35  G   A C4    1 
ATOM   101 P  P     . U   A 1 6  ? -39.747 3.076   13.448  1.00 91.01  ? 36  U   A P     1 
ATOM   102 O  OP1   . U   A 1 6  ? -38.968 4.261   13.004  1.00 92.39  ? 36  U   A OP1   1 
ATOM   103 O  OP2   . U   A 1 6  ? -39.542 1.772   12.769  1.00 91.09  ? 36  U   A OP2   1 
ATOM   104 O  "O5'" . U   A 1 6  ? -39.511 2.892   15.011  1.00 90.86  ? 36  U   A "O5'" 1 
ATOM   105 C  "C5'" . U   A 1 6  ? -39.841 3.946   15.904  1.00 94.57  ? 36  U   A "C5'" 1 
ATOM   106 C  "C4'" . U   A 1 6  ? -40.065 3.413   17.292  1.00 98.28  ? 36  U   A "C4'" 1 
ATOM   107 O  "O4'" . U   A 1 6  ? -41.187 2.486   17.297  1.00 100.72 ? 36  U   A "O4'" 1 
ATOM   108 C  "C3'" . U   A 1 6  ? -38.923 2.593   17.856  1.00 99.23  ? 36  U   A "C3'" 1 
ATOM   109 O  "O3'" . U   A 1 6  ? -37.883 3.419   18.350  1.00 100.51 ? 36  U   A "O3'" 1 
ATOM   110 C  "C2'" . U   A 1 6  ? -39.630 1.796   18.942  1.00 99.38  ? 36  U   A "C2'" 1 
ATOM   111 O  "O2'" . U   A 1 6  ? -39.914 2.578   20.083  1.00 96.50  ? 36  U   A "O2'" 1 
ATOM   112 C  "C1'" . U   A 1 6  ? -40.933 1.431   18.221  1.00 100.94 ? 36  U   A "C1'" 1 
ATOM   113 N  N1    . U   A 1 6  ? -40.811 0.172   17.462  1.00 101.32 ? 36  U   A N1    1 
ATOM   114 C  C2    . U   A 1 6  ? -40.755 -1.021  18.175  1.00 99.69  ? 36  U   A C2    1 
ATOM   115 O  O2    . U   A 1 6  ? -40.843 -1.073  19.389  1.00 102.41 ? 36  U   A O2    1 
ATOM   116 N  N3    . U   A 1 6  ? -40.591 -2.147  17.407  1.00 96.10  ? 36  U   A N3    1 
ATOM   117 C  C4    . U   A 1 6  ? -40.487 -2.204  16.034  1.00 95.14  ? 36  U   A C4    1 
ATOM   118 O  O4    . U   A 1 6  ? -40.320 -3.291  15.486  1.00 93.93  ? 36  U   A O4    1 
ATOM   119 C  C5    . U   A 1 6  ? -40.574 -0.941  15.372  1.00 96.07  ? 36  U   A C5    1 
ATOM   120 C  C6    . U   A 1 6  ? -40.732 0.175   16.088  1.00 98.35  ? 36  U   A C6    1 
ATOM   121 P  P     . U   A 1 7  ? -36.361 2.910   18.245  1.00 103.46 ? 37  U   A P     1 
ATOM   122 O  OP1   . U   A 1 7  ? -35.452 4.022   18.634  1.00 103.97 ? 37  U   A OP1   1 
ATOM   123 O  OP2   . U   A 1 7  ? -36.193 2.253   16.915  1.00 101.93 ? 37  U   A OP2   1 
ATOM   124 O  "O5'" . U   A 1 7  ? -36.273 1.787   19.372  1.00 102.81 ? 37  U   A "O5'" 1 
ATOM   125 C  "C5'" . U   A 1 7  ? -36.612 2.082   20.728  1.00 99.84  ? 37  U   A "C5'" 1 
ATOM   126 C  "C4'" . U   A 1 7  ? -36.660 0.812   21.539  1.00 98.47  ? 37  U   A "C4'" 1 
ATOM   127 O  "O4'" . U   A 1 7  ? -37.769 -0.011  21.085  1.00 96.24  ? 37  U   A "O4'" 1 
ATOM   128 C  "C3'" . U   A 1 7  ? -35.443 -0.083  21.384  1.00 99.19  ? 37  U   A "C3'" 1 
ATOM   129 O  "O3'" . U   A 1 7  ? -34.384 0.313   22.253  1.00 102.34 ? 37  U   A "O3'" 1 
ATOM   130 C  "C2'" . U   A 1 7  ? -35.996 -1.450  21.756  1.00 97.76  ? 37  U   A "C2'" 1 
ATOM   131 O  "O2'" . U   A 1 7  ? -36.035 -1.652  23.154  1.00 96.94  ? 37  U   A "O2'" 1 
ATOM   132 C  "C1'" . U   A 1 7  ? -37.412 -1.379  21.171  1.00 96.98  ? 37  U   A "C1'" 1 
ATOM   133 N  N1    . U   A 1 7  ? -37.496 -1.971  19.828  1.00 97.18  ? 37  U   A N1    1 
ATOM   134 C  C2    . U   A 1 7  ? -37.584 -3.351  19.734  1.00 98.86  ? 37  U   A C2    1 
ATOM   135 O  O2    . U   A 1 7  ? -37.628 -4.081  20.707  1.00 102.20 ? 37  U   A O2    1 
ATOM   136 N  N3    . U   A 1 7  ? -37.620 -3.847  18.458  1.00 97.18  ? 37  U   A N3    1 
ATOM   137 C  C4    . U   A 1 7  ? -37.587 -3.126  17.292  1.00 96.74  ? 37  U   A C4    1 
ATOM   138 O  O4    . U   A 1 7  ? -37.619 -3.722  16.217  1.00 97.41  ? 37  U   A O4    1 
ATOM   139 C  C5    . U   A 1 7  ? -37.514 -1.708  17.470  1.00 97.77  ? 37  U   A C5    1 
ATOM   140 C  C6    . U   A 1 7  ? -37.474 -1.192  18.702  1.00 96.63  ? 37  U   A C6    1 
ATOM   141 P  P     . U   A 1 8  ? -32.935 -0.372  22.104  1.00 105.44 ? 38  U   A P     1 
ATOM   142 O  OP1   . U   A 1 8  ? -31.995 0.246   23.074  1.00 105.37 ? 38  U   A OP1   1 
ATOM   143 O  OP2   . U   A 1 8  ? -32.582 -0.423  20.660  1.00 104.26 ? 38  U   A OP2   1 
ATOM   144 O  "O5'" . U   A 1 8  ? -33.178 -1.871  22.564  1.00 106.17 ? 38  U   A "O5'" 1 
ATOM   145 C  "C5'" . U   A 1 8  ? -33.223 -2.209  23.939  1.00 106.78 ? 38  U   A "C5'" 1 
ATOM   146 C  "C4'" . U   A 1 8  ? -32.945 -3.678  24.099  1.00 107.37 ? 38  U   A "C4'" 1 
ATOM   147 O  "O4'" . U   A 1 8  ? -34.022 -4.437  23.483  1.00 108.38 ? 38  U   A "O4'" 1 
ATOM   148 C  "C3'" . U   A 1 8  ? -31.690 -4.152  23.384  1.00 106.97 ? 38  U   A "C3'" 1 
ATOM   149 O  "O3'" . U   A 1 8  ? -30.550 -3.977  24.215  1.00 104.07 ? 38  U   A "O3'" 1 
ATOM   150 C  "C2'" . U   A 1 8  ? -31.985 -5.630  23.169  1.00 108.77 ? 38  U   A "C2'" 1 
ATOM   151 O  "O2'" . U   A 1 8  ? -31.716 -6.382  24.341  1.00 111.53 ? 38  U   A "O2'" 1 
ATOM   152 C  "C1'" . U   A 1 8  ? -33.492 -5.605  22.875  1.00 107.32 ? 38  U   A "C1'" 1 
ATOM   153 N  N1    . U   A 1 8  ? -33.836 -5.585  21.442  1.00 102.84 ? 38  U   A N1    1 
ATOM   154 C  C2    . U   A 1 8  ? -33.965 -6.808  20.793  1.00 101.08 ? 38  U   A C2    1 
ATOM   155 O  O2    . U   A 1 8  ? -33.797 -7.881  21.358  1.00 98.26  ? 38  U   A O2    1 
ATOM   156 N  N3    . U   A 1 8  ? -34.301 -6.728  19.460  1.00 100.27 ? 38  U   A N3    1 
ATOM   157 C  C4    . U   A 1 8  ? -34.524 -5.578  18.722  1.00 99.42  ? 38  U   A C4    1 
ATOM   158 O  O4    . U   A 1 8  ? -34.842 -5.675  17.533  1.00 96.94  ? 38  U   A O4    1 
ATOM   159 C  C5    . U   A 1 8  ? -34.368 -4.353  19.461  1.00 99.20  ? 38  U   A C5    1 
ATOM   160 C  C6    . U   A 1 8  ? -34.035 -4.397  20.760  1.00 100.53 ? 38  U   A C6    1 
ATOM   161 P  P     . A   A 1 9  ? -29.084 -4.179  23.606  0.50 102.43 ? 39  A   A P     1 
ATOM   162 O  OP1   . A   A 1 9  ? -28.679 -2.921  22.932  0.50 102.07 ? 39  A   A OP1   1 
ATOM   163 O  OP2   . A   A 1 9  ? -29.075 -5.454  22.849  0.50 100.96 ? 39  A   A OP2   1 
ATOM   164 O  "O5'" . A   A 1 9  ? -28.187 -4.375  24.901  0.50 102.75 ? 39  A   A "O5'" 1 
ATOM   165 C  "C5'" . A   A 1 9  ? -27.877 -5.675  25.374  0.50 104.43 ? 39  A   A "C5'" 1 
ATOM   166 C  "C4'" . A   A 1 9  ? -28.550 -5.921  26.701  0.50 106.26 ? 39  A   A "C4'" 1 
ATOM   167 O  "O4'" . A   A 1 9  ? -29.905 -6.393  26.475  0.50 106.00 ? 39  A   A "O4'" 1 
ATOM   168 C  "C3'" . A   A 1 9  ? -27.911 -7.035  27.504  0.50 107.69 ? 39  A   A "C3'" 1 
ATOM   169 O  "O3'" . A   A 1 9  ? -26.806 -6.515  28.217  0.50 111.07 ? 39  A   A "O3'" 1 
ATOM   170 C  "C2'" . A   A 1 9  ? -29.050 -7.496  28.397  0.50 106.60 ? 39  A   A "C2'" 1 
ATOM   171 O  "O2'" . A   A 1 9  ? -29.261 -6.670  29.525  0.50 105.95 ? 39  A   A "O2'" 1 
ATOM   172 C  "C1'" . A   A 1 9  ? -30.227 -7.398  27.428  0.50 105.88 ? 39  A   A "C1'" 1 
ATOM   173 N  N9    . A   A 1 9  ? -30.439 -8.649  26.705  0.50 105.38 ? 39  A   A N9    1 
ATOM   174 C  C8    . A   A 1 9  ? -30.289 -8.884  25.360  0.50 105.45 ? 39  A   A C8    1 
ATOM   175 N  N7    . A   A 1 9  ? -30.565 -10.115 25.005  0.50 105.18 ? 39  A   A N7    1 
ATOM   176 C  C5    . A   A 1 9  ? -30.917 -10.735 26.196  0.50 105.02 ? 39  A   A C5    1 
ATOM   177 C  C6    . A   A 1 9  ? -31.319 -12.050 26.498  0.50 104.99 ? 39  A   A C6    1 
ATOM   178 N  N6    . A   A 1 9  ? -31.441 -13.017 25.584  0.50 104.96 ? 39  A   A N6    1 
ATOM   179 N  N1    . A   A 1 9  ? -31.595 -12.341 27.789  0.50 105.08 ? 39  A   A N1    1 
ATOM   180 C  C2    . A   A 1 9  ? -31.471 -11.371 28.706  0.50 104.57 ? 39  A   A C2    1 
ATOM   181 N  N3    . A   A 1 9  ? -31.103 -10.100 28.546  0.50 104.56 ? 39  A   A N3    1 
ATOM   182 C  C4    . A   A 1 9  ? -30.838 -9.843  27.252  0.50 104.96 ? 39  A   A C4    1 
ATOM   183 P  P     . C   A 1 10 ? -25.332 -6.777  27.652  1.00 114.73 ? 40  C   A P     1 
ATOM   184 O  OP1   . C   A 1 10 ? -24.342 -6.275  28.640  1.00 113.75 ? 40  C   A OP1   1 
ATOM   185 O  OP2   . C   A 1 10 ? -25.311 -6.252  26.261  1.00 114.70 ? 40  C   A OP2   1 
ATOM   186 O  "O5'" . C   A 1 10 ? -25.269 -8.372  27.570  1.00 117.55 ? 40  C   A "O5'" 1 
ATOM   187 C  "C5'" . C   A 1 10 ? -24.491 -9.148  28.493  1.00 120.89 ? 40  C   A "C5'" 1 
ATOM   188 C  "C4'" . C   A 1 10 ? -25.392 -9.856  29.497  1.00 122.18 ? 40  C   A "C4'" 1 
ATOM   189 O  "O4'" . C   A 1 10 ? -26.772 -9.871  29.027  1.00 123.57 ? 40  C   A "O4'" 1 
ATOM   190 C  "C3'" . C   A 1 10 ? -25.049 -11.317 29.779  1.00 121.74 ? 40  C   A "C3'" 1 
ATOM   191 O  "O3'" . C   A 1 10 ? -24.020 -11.454 30.761  1.00 119.67 ? 40  C   A "O3'" 1 
ATOM   192 C  "C2'" . C   A 1 10 ? -26.390 -11.890 30.235  1.00 121.25 ? 40  C   A "C2'" 1 
ATOM   193 O  "O2'" . C   A 1 10 ? -26.676 -11.624 31.597  1.00 119.04 ? 40  C   A "O2'" 1 
ATOM   194 C  "C1'" . C   A 1 10 ? -27.371 -11.126 29.335  1.00 121.74 ? 40  C   A "C1'" 1 
ATOM   195 N  N1    . C   A 1 10 ? -27.713 -11.787 28.054  1.00 120.15 ? 40  C   A N1    1 
ATOM   196 C  C2    . C   A 1 10 ? -28.333 -13.052 28.072  1.00 116.85 ? 40  C   A C2    1 
ATOM   197 O  O2    . C   A 1 10 ? -28.569 -13.599 29.164  1.00 113.93 ? 40  C   A O2    1 
ATOM   198 N  N3    . C   A 1 10 ? -28.657 -13.640 26.894  1.00 115.97 ? 40  C   A N3    1 
ATOM   199 C  C4    . C   A 1 10 ? -28.386 -13.023 25.738  1.00 116.66 ? 40  C   A C4    1 
ATOM   200 N  N4    . C   A 1 10 ? -28.726 -13.641 24.605  1.00 117.52 ? 40  C   A N4    1 
ATOM   201 C  C5    . C   A 1 10 ? -27.756 -11.743 25.693  1.00 116.11 ? 40  C   A C5    1 
ATOM   202 C  C6    . C   A 1 10 ? -27.438 -11.169 26.860  1.00 118.25 ? 40  C   A C6    1 
ATOM   203 P  P     . C   A 1 11 ? -22.884 -12.588 30.583  1.00 117.31 ? 41  C   A P     1 
ATOM   204 O  OP1   . C   A 1 11 ? -23.527 -13.930 30.517  1.00 116.32 ? 41  C   A OP1   1 
ATOM   205 O  OP2   . C   A 1 11 ? -21.848 -12.322 31.615  1.00 117.75 ? 41  C   A OP2   1 
ATOM   206 O  "O5'" . C   A 1 11 ? -22.224 -12.286 29.163  1.00 116.04 ? 41  C   A "O5'" 1 
ATOM   207 C  "C5'" . C   A 1 11 ? -21.231 -11.275 29.011  1.00 110.69 ? 41  C   A "C5'" 1 
ATOM   208 C  "C4'" . C   A 1 11 ? -20.164 -11.726 28.034  1.00 106.97 ? 41  C   A "C4'" 1 
ATOM   209 O  "O4'" . C   A 1 11 ? -19.319 -12.758 28.623  1.00 106.66 ? 41  C   A "O4'" 1 
ATOM   210 C  "C3'" . C   A 1 11 ? -20.642 -12.294 26.698  1.00 104.37 ? 41  C   A "C3'" 1 
ATOM   211 O  "O3'" . C   A 1 11 ? -19.761 -11.834 25.687  1.00 102.73 ? 41  C   A "O3'" 1 
ATOM   212 C  "C2'" . C   A 1 11 ? -20.422 -13.793 26.869  1.00 104.01 ? 41  C   A "C2'" 1 
ATOM   213 O  "O2'" . C   A 1 11 ? -20.230 -14.484 25.651  1.00 101.65 ? 41  C   A "O2'" 1 
ATOM   214 C  "C1'" . C   A 1 11 ? -19.127 -13.785 27.671  1.00 106.54 ? 41  C   A "C1'" 1 
ATOM   215 N  N1    . C   A 1 11 ? -18.799 -15.046 28.357  1.00 109.51 ? 41  C   A N1    1 
ATOM   216 C  C2    . C   A 1 11 ? -17.582 -15.690 28.037  1.00 108.65 ? 41  C   A C2    1 
ATOM   217 O  O2    . C   A 1 11 ? -16.823 -15.170 27.198  1.00 107.39 ? 41  C   A O2    1 
ATOM   218 N  N3    . C   A 1 11 ? -17.273 -16.857 28.648  1.00 107.85 ? 41  C   A N3    1 
ATOM   219 C  C4    . C   A 1 11 ? -18.116 -17.388 29.539  1.00 109.24 ? 41  C   A C4    1 
ATOM   220 N  N4    . C   A 1 11 ? -17.772 -18.544 30.107  1.00 109.87 ? 41  C   A N4    1 
ATOM   221 C  C5    . C   A 1 11 ? -19.352 -16.755 29.888  1.00 111.40 ? 41  C   A C5    1 
ATOM   222 C  C6    . C   A 1 11 ? -19.650 -15.594 29.279  1.00 111.00 ? 41  C   A C6    1 
ATOM   223 P  P     . A   A 1 12 ? -20.222 -10.643 24.722  1.00 102.13 ? 42  A   A P     1 
ATOM   224 O  OP1   . A   A 1 12 ? -19.100 -10.328 23.792  1.00 100.72 ? 42  A   A OP1   1 
ATOM   225 O  OP2   . A   A 1 12 ? -20.794 -9.573  25.591  1.00 101.17 ? 42  A   A OP2   1 
ATOM   226 O  "O5'" . A   A 1 12 ? -21.421 -11.282 23.893  1.00 98.34  ? 42  A   A "O5'" 1 
ATOM   227 C  "C5'" . A   A 1 12 ? -21.182 -12.021 22.703  1.00 92.19  ? 42  A   A "C5'" 1 
ATOM   228 C  "C4'" . A   A 1 12 ? -22.495 -12.338 22.040  1.00 87.96  ? 42  A   A "C4'" 1 
ATOM   229 O  "O4'" . A   A 1 12 ? -23.258 -13.213 22.918  1.00 87.36  ? 42  A   A "O4'" 1 
ATOM   230 C  "C3'" . A   A 1 12 ? -23.379 -11.118 21.815  1.00 85.05  ? 42  A   A "C3'" 1 
ATOM   231 O  "O3'" . A   A 1 12 ? -24.239 -11.391 20.722  1.00 81.41  ? 42  A   A "O3'" 1 
ATOM   232 C  "C2'" . A   A 1 12 ? -24.186 -11.077 23.107  1.00 85.10  ? 42  A   A "C2'" 1 
ATOM   233 O  "O2'" . A   A 1 12 ? -25.412 -10.389 23.030  1.00 84.36  ? 42  A   A "O2'" 1 
ATOM   234 C  "C1'" . A   A 1 12 ? -24.446 -12.562 23.312  1.00 86.85  ? 42  A   A "C1'" 1 
ATOM   235 N  N9    . A   A 1 12 ? -24.717 -12.912 24.696  1.00 89.62  ? 42  A   A N9    1 
ATOM   236 C  C8    . A   A 1 12 ? -24.450 -12.190 25.828  1.00 92.65  ? 42  A   A C8    1 
ATOM   237 N  N7    . A   A 1 12 ? -24.822 -12.788 26.934  1.00 95.57  ? 42  A   A N7    1 
ATOM   238 C  C5    . A   A 1 12 ? -25.370 -13.987 26.497  1.00 95.16  ? 42  A   A C5    1 
ATOM   239 C  C6    . A   A 1 12 ? -25.954 -15.077 27.181  1.00 96.56  ? 42  A   A C6    1 
ATOM   240 N  N6    . A   A 1 12 ? -26.088 -15.145 28.511  1.00 97.78  ? 42  A   A N6    1 
ATOM   241 N  N1    . A   A 1 12 ? -26.404 -16.110 26.436  1.00 99.06  ? 42  A   A N1    1 
ATOM   242 C  C2    . A   A 1 12 ? -26.275 -16.043 25.100  1.00 98.99  ? 42  A   A C2    1 
ATOM   243 N  N3    . A   A 1 12 ? -25.747 -15.080 24.349  1.00 94.15  ? 42  A   A N3    1 
ATOM   244 C  C4    . A   A 1 12 ? -25.309 -14.071 25.117  1.00 92.59  ? 42  A   A C4    1 
ATOM   245 P  P     . G   A 1 13 ? -23.749 -11.078 19.228  1.00 80.34  ? 43  G   A P     1 
ATOM   246 O  OP1   . G   A 1 13 ? -22.273 -11.303 19.184  1.00 76.49  ? 43  G   A OP1   1 
ATOM   247 O  OP2   . G   A 1 13 ? -24.318 -9.752  18.828  1.00 78.40  ? 43  G   A OP2   1 
ATOM   248 O  "O5'" . G   A 1 13 ? -24.468 -12.200 18.352  1.00 77.41  ? 43  G   A "O5'" 1 
ATOM   249 C  "C5'" . G   A 1 13 ? -24.196 -13.580 18.570  1.00 75.32  ? 43  G   A "C5'" 1 
ATOM   250 C  "C4'" . G   A 1 13 ? -24.992 -14.407 17.604  1.00 73.03  ? 43  G   A "C4'" 1 
ATOM   251 O  "O4'" . G   A 1 13 ? -26.400 -14.145 17.833  1.00 70.88  ? 43  G   A "O4'" 1 
ATOM   252 C  "C3'" . G   A 1 13 ? -24.799 -13.999 16.158  1.00 73.21  ? 43  G   A "C3'" 1 
ATOM   253 O  "O3'" . G   A 1 13 ? -23.684 -14.631 15.576  1.00 76.77  ? 43  G   A "O3'" 1 
ATOM   254 C  "C2'" . G   A 1 13 ? -26.081 -14.482 15.517  1.00 70.89  ? 43  G   A "C2'" 1 
ATOM   255 O  "O2'" . G   A 1 13 ? -26.054 -15.884 15.350  1.00 70.46  ? 43  G   A "O2'" 1 
ATOM   256 C  "C1'" . G   A 1 13 ? -27.086 -14.087 16.592  1.00 68.13  ? 43  G   A "C1'" 1 
ATOM   257 N  N9    . G   A 1 13 ? -27.564 -12.723 16.419  1.00 62.40  ? 43  G   A N9    1 
ATOM   258 C  C8    . G   A 1 13 ? -27.367 -11.670 17.277  1.00 62.20  ? 43  G   A C8    1 
ATOM   259 N  N7    . G   A 1 13 ? -27.932 -10.564 16.869  1.00 64.16  ? 43  G   A N7    1 
ATOM   260 C  C5    . G   A 1 13 ? -28.531 -10.907 15.660  1.00 63.25  ? 43  G   A C5    1 
ATOM   261 C  C6    . G   A 1 13 ? -29.285 -10.112 14.737  1.00 62.41  ? 43  G   A C6    1 
ATOM   262 O  O6    . G   A 1 13 ? -29.571 -8.911  14.811  1.00 66.49  ? 43  G   A O6    1 
ATOM   263 N  N1    . G   A 1 13 ? -29.708 -10.858 13.639  1.00 58.77  ? 43  G   A N1    1 
ATOM   264 C  C2    . G   A 1 13 ? -29.441 -12.191 13.445  1.00 61.99  ? 43  G   A C2    1 
ATOM   265 N  N2    . G   A 1 13 ? -29.946 -12.738 12.322  1.00 63.81  ? 43  G   A N2    1 
ATOM   266 N  N3    . G   A 1 13 ? -28.731 -12.941 14.289  1.00 64.04  ? 43  G   A N3    1 
ATOM   267 C  C4    . G   A 1 13 ? -28.312 -12.237 15.367  1.00 63.05  ? 43  G   A C4    1 
ATOM   268 P  P     . G   A 1 14 ? -22.854 -13.845 14.455  1.00 80.13  ? 44  G   A P     1 
ATOM   269 O  OP1   . G   A 1 14 ? -21.618 -14.622 14.154  1.00 77.47  ? 44  G   A OP1   1 
ATOM   270 O  OP2   . G   A 1 14 ? -22.757 -12.434 14.941  1.00 79.08  ? 44  G   A OP2   1 
ATOM   271 O  "O5'" . G   A 1 14 ? -23.807 -13.854 13.179  1.00 76.74  ? 44  G   A "O5'" 1 
ATOM   272 C  "C5'" . G   A 1 14 ? -24.188 -15.079 12.586  1.00 74.24  ? 44  G   A "C5'" 1 
ATOM   273 C  "C4'" . G   A 1 14 ? -25.123 -14.816 11.449  1.00 71.46  ? 44  G   A "C4'" 1 
ATOM   274 O  "O4'" . G   A 1 14 ? -26.310 -14.163 11.959  1.00 70.50  ? 44  G   A "O4'" 1 
ATOM   275 C  "C3'" . G   A 1 14 ? -24.593 -13.828 10.434  1.00 72.10  ? 44  G   A "C3'" 1 
ATOM   276 O  "O3'" . G   A 1 14 ? -23.729 -14.478 9.514   1.00 70.53  ? 44  G   A "O3'" 1 
ATOM   277 C  "C2'" . G   A 1 14 ? -25.879 -13.337 9.782   1.00 72.63  ? 44  G   A "C2'" 1 
ATOM   278 O  "O2'" . G   A 1 14 ? -26.429 -14.260 8.861   1.00 77.43  ? 44  G   A "O2'" 1 
ATOM   279 C  "C1'" . G   A 1 14 ? -26.801 -13.245 10.993  1.00 69.07  ? 44  G   A "C1'" 1 
ATOM   280 N  N9    . G   A 1 14 ? -26.779 -11.921 11.591  1.00 63.50  ? 44  G   A N9    1 
ATOM   281 C  C8    . G   A 1 14 ? -26.223 -11.578 12.797  1.00 61.95  ? 44  G   A C8    1 
ATOM   282 N  N7    . G   A 1 14 ? -26.381 -10.317 13.090  1.00 64.40  ? 44  G   A N7    1 
ATOM   283 C  C5    . G   A 1 14 ? -27.079 -9.797  12.008  1.00 62.45  ? 44  G   A C5    1 
ATOM   284 C  C6    . G   A 1 14 ? -27.537 -8.471  11.761  1.00 62.73  ? 44  G   A C6    1 
ATOM   285 O  O6    . G   A 1 14 ? -27.408 -7.471  12.477  1.00 64.45  ? 44  G   A O6    1 
ATOM   286 N  N1    . G   A 1 14 ? -28.198 -8.376  10.540  1.00 60.19  ? 44  G   A N1    1 
ATOM   287 C  C2    . G   A 1 14 ? -28.384 -9.425  9.666   1.00 62.89  ? 44  G   A C2    1 
ATOM   288 N  N2    . G   A 1 14 ? -29.037 -9.136  8.538   1.00 65.79  ? 44  G   A N2    1 
ATOM   289 N  N3    . G   A 1 14 ? -27.957 -10.667 9.886   1.00 61.13  ? 44  G   A N3    1 
ATOM   290 C  C4    . G   A 1 14 ? -27.322 -10.776 11.068  1.00 61.35  ? 44  G   A C4    1 
ATOM   291 P  P     . U   A 1 15 ? -22.473 -13.683 8.915   1.00 68.99  ? 45  U   A P     1 
ATOM   292 O  OP1   . U   A 1 15 ? -21.772 -14.618 8.000   1.00 69.36  ? 45  U   A OP1   1 
ATOM   293 O  OP2   . U   A 1 15 ? -21.753 -13.096 10.087  1.00 69.31  ? 45  U   A OP2   1 
ATOM   294 O  "O5'" . U   A 1 15 ? -23.123 -12.513 8.042   1.00 64.87  ? 45  U   A "O5'" 1 
ATOM   295 C  "C5'" . U   A 1 15 ? -23.963 -12.823 6.939   1.00 61.73  ? 45  U   A "C5'" 1 
ATOM   296 C  "C4'" . U   A 1 15 ? -24.634 -11.573 6.407   1.00 63.55  ? 45  U   A "C4'" 1 
ATOM   297 O  "O4'" . U   A 1 15 ? -25.557 -11.024 7.384   1.00 64.50  ? 45  U   A "O4'" 1 
ATOM   298 C  "C3'" . U   A 1 15 ? -23.735 -10.396 6.092   1.00 65.26  ? 45  U   A "C3'" 1 
ATOM   299 O  "O3'" . U   A 1 15 ? -23.061 -10.587 4.855   1.00 69.60  ? 45  U   A "O3'" 1 
ATOM   300 C  "C2'" . U   A 1 15 ? -24.739 -9.248  6.045   1.00 63.35  ? 45  U   A "C2'" 1 
ATOM   301 O  "O2'" . U   A 1 15 ? -25.498 -9.195  4.855   1.00 62.71  ? 45  U   A "O2'" 1 
ATOM   302 C  "C1'" . U   A 1 15 ? -25.670 -9.623  7.195   1.00 61.40  ? 45  U   A "C1'" 1 
ATOM   303 N  N1    . U   A 1 15 ? -25.272 -8.949  8.435   1.00 60.60  ? 45  U   A N1    1 
ATOM   304 C  C2    . U   A 1 15 ? -25.650 -7.620  8.580   1.00 61.46  ? 45  U   A C2    1 
ATOM   305 O  O2    . U   A 1 15 ? -26.293 -7.023  7.734   1.00 63.94  ? 45  U   A O2    1 
ATOM   306 N  N3    . U   A 1 15 ? -25.241 -7.020  9.746   1.00 61.42  ? 45  U   A N3    1 
ATOM   307 C  C4    . U   A 1 15 ? -24.504 -7.604  10.765  1.00 63.98  ? 45  U   A C4    1 
ATOM   308 O  O4    . U   A 1 15 ? -24.201 -6.928  11.755  1.00 66.73  ? 45  U   A O4    1 
ATOM   309 C  C5    . U   A 1 15 ? -24.153 -8.989  10.540  1.00 62.53  ? 45  U   A C5    1 
ATOM   310 C  C6    . U   A 1 15 ? -24.545 -9.598  9.411   1.00 60.09  ? 45  U   A C6    1 
ATOM   311 P  P     . C   A 1 16 ? -21.502 -10.201 4.736   1.00 70.10  ? 46  C   A P     1 
ATOM   312 O  OP1   . C   A 1 16 ? -21.058 -10.608 3.375   1.00 68.18  ? 46  C   A OP1   1 
ATOM   313 O  OP2   . C   A 1 16 ? -20.786 -10.729 5.942   1.00 70.29  ? 46  C   A OP2   1 
ATOM   314 O  "O5'" . C   A 1 16 ? -21.526 -8.612  4.794   1.00 67.97  ? 46  C   A "O5'" 1 
ATOM   315 C  "C5'" . C   A 1 16 ? -22.278 -7.902  3.827   1.00 67.10  ? 46  C   A "C5'" 1 
ATOM   316 C  "C4'" . C   A 1 16 ? -22.580 -6.518  4.315   1.00 67.22  ? 46  C   A "C4'" 1 
ATOM   317 O  "O4'" . C   A 1 16 ? -23.194 -6.602  5.621   1.00 67.22  ? 46  C   A "O4'" 1 
ATOM   318 C  "C3'" . C   A 1 16 ? -21.406 -5.587  4.551   1.00 67.25  ? 46  C   A "C3'" 1 
ATOM   319 O  "O3'" . C   A 1 16 ? -20.997 -5.075  3.287   1.00 69.83  ? 46  C   A "O3'" 1 
ATOM   320 C  "C2'" . C   A 1 16 ? -22.055 -4.527  5.441   1.00 66.07  ? 46  C   A "C2'" 1 
ATOM   321 O  "O2'" . C   A 1 16 ? -22.907 -3.644  4.726   1.00 64.48  ? 46  C   A "O2'" 1 
ATOM   322 C  "C1'" . C   A 1 16 ? -22.956 -5.396  6.320   1.00 63.78  ? 46  C   A "C1'" 1 
ATOM   323 N  N1    . C   A 1 16 ? -22.393 -5.726  7.630   1.00 59.45  ? 46  C   A N1    1 
ATOM   324 C  C2    . C   A 1 16 ? -22.494 -4.777  8.645   1.00 59.20  ? 46  C   A C2    1 
ATOM   325 O  O2    . C   A 1 16 ? -23.028 -3.681  8.387   1.00 62.62  ? 46  C   A O2    1 
ATOM   326 N  N3    . C   A 1 16 ? -22.014 -5.067  9.875   1.00 57.60  ? 46  C   A N3    1 
ATOM   327 C  C4    . C   A 1 16 ? -21.444 -6.250  10.103  1.00 54.25  ? 46  C   A C4    1 
ATOM   328 N  N4    . C   A 1 16 ? -20.984 -6.487  11.333  1.00 59.54  ? 46  C   A N4    1 
ATOM   329 C  C5    . C   A 1 16 ? -21.319 -7.238  9.080   1.00 53.17  ? 46  C   A C5    1 
ATOM   330 C  C6    . C   A 1 16 ? -21.800 -6.935  7.866   1.00 54.51  ? 46  C   A C6    1 
ATOM   331 P  P     . A   A 1 17 ? -19.783 -4.023  3.191   1.00 71.85  ? 47  A   A P     1 
ATOM   332 O  OP1   . A   A 1 17 ? -18.843 -4.551  2.169   1.00 70.55  ? 47  A   A OP1   1 
ATOM   333 O  OP2   . A   A 1 17 ? -19.289 -3.759  4.575   1.00 70.11  ? 47  A   A OP2   1 
ATOM   334 O  "O5'" . A   A 1 17 ? -20.485 -2.733  2.558   1.00 68.44  ? 47  A   A "O5'" 1 
ATOM   335 C  "C5'" . A   A 1 17 ? -21.000 -2.805  1.230   1.00 68.59  ? 47  A   A "C5'" 1 
ATOM   336 C  "C4'" . A   A 1 17 ? -21.668 -1.511  0.821   1.00 69.98  ? 47  A   A "C4'" 1 
ATOM   337 O  "O4'" . A   A 1 17 ? -22.904 -1.306  1.559   1.00 69.03  ? 47  A   A "O4'" 1 
ATOM   338 C  "C3'" . A   A 1 17 ? -20.901 -0.220  1.034   1.00 69.86  ? 47  A   A "C3'" 1 
ATOM   339 O  "O3'" . A   A 1 17 ? -19.927 -0.032  0.022   1.00 75.58  ? 47  A   A "O3'" 1 
ATOM   340 C  "C2'" . A   A 1 17 ? -22.029 0.795   0.945   1.00 68.07  ? 47  A   A "C2'" 1 
ATOM   341 O  "O2'" . A   A 1 17 ? -22.478 0.958   -0.387  1.00 66.05  ? 47  A   A "O2'" 1 
ATOM   342 C  "C1'" . A   A 1 17 ? -23.105 0.085   1.769   1.00 64.74  ? 47  A   A "C1'" 1 
ATOM   343 N  N9    . A   A 1 17 ? -22.863 0.333   3.180   1.00 56.73  ? 47  A   A N9    1 
ATOM   344 C  C8    . A   A 1 17 ? -22.384 -0.553  4.110   1.00 55.80  ? 47  A   A C8    1 
ATOM   345 N  N7    . A   A 1 17 ? -22.206 -0.029  5.296   1.00 52.83  ? 47  A   A N7    1 
ATOM   346 C  C5    . A   A 1 17 ? -22.603 1.289   5.138   1.00 54.34  ? 47  A   A C5    1 
ATOM   347 C  C6    . A   A 1 17 ? -22.655 2.371   6.031   1.00 59.08  ? 47  A   A C6    1 
ATOM   348 N  N6    . A   A 1 17 ? -22.275 2.284   7.315   1.00 58.05  ? 47  A   A N6    1 
ATOM   349 N  N1    . A   A 1 17 ? -23.117 3.559   5.559   1.00 59.50  ? 47  A   A N1    1 
ATOM   350 C  C2    . A   A 1 17 ? -23.498 3.630   4.273   1.00 59.64  ? 47  A   A C2    1 
ATOM   351 N  N3    . A   A 1 17 ? -23.492 2.674   3.332   1.00 57.27  ? 47  A   A N3    1 
ATOM   352 C  C4    . A   A 1 17 ? -23.027 1.519   3.841   1.00 55.40  ? 47  A   A C4    1 
ATOM   353 P  P     . G   A 1 18 ? -18.390 0.196   0.442   1.00 79.25  ? 48  G   A P     1 
ATOM   354 O  OP1   . G   A 1 18 ? -17.591 0.482   -0.782  1.00 78.55  ? 48  G   A OP1   1 
ATOM   355 O  OP2   . G   A 1 18 ? -18.008 -0.947  1.324   1.00 77.99  ? 48  G   A OP2   1 
ATOM   356 O  "O5'" . G   A 1 18 ? -18.444 1.542   1.299   1.00 79.60  ? 48  G   A "O5'" 1 
ATOM   357 C  "C5'" . G   A 1 18 ? -18.964 2.742   0.728   1.00 77.67  ? 48  G   A "C5'" 1 
ATOM   358 C  "C4'" . G   A 1 18 ? -19.114 3.799   1.791   1.00 76.71  ? 48  G   A "C4'" 1 
ATOM   359 O  "O4'" . G   A 1 18 ? -20.008 3.299   2.817   1.00 76.03  ? 48  G   A "O4'" 1 
ATOM   360 C  "C3'" . G   A 1 18 ? -17.854 4.138   2.569   1.00 77.78  ? 48  G   A "C3'" 1 
ATOM   361 O  "O3'" . G   A 1 18 ? -17.059 5.079   1.875   1.00 78.86  ? 48  G   A "O3'" 1 
ATOM   362 C  "C2'" . G   A 1 18 ? -18.432 4.739   3.838   1.00 77.56  ? 48  G   A "C2'" 1 
ATOM   363 O  "O2'" . G   A 1 18 ? -18.894 6.058   3.627   1.00 82.11  ? 48  G   A "O2'" 1 
ATOM   364 C  "C1'" . G   A 1 18 ? -19.616 3.806   4.083   1.00 74.58  ? 48  G   A "C1'" 1 
ATOM   365 N  N9    . G   A 1 18 ? -19.223 2.677   4.906   1.00 71.43  ? 48  G   A N9    1 
ATOM   366 C  C8    . G   A 1 18 ? -19.004 1.379   4.498   1.00 72.36  ? 48  G   A C8    1 
ATOM   367 N  N7    . G   A 1 18 ? -18.654 0.588   5.477   1.00 69.75  ? 48  G   A N7    1 
ATOM   368 C  C5    . G   A 1 18 ? -18.648 1.414   6.594   1.00 69.22  ? 48  G   A C5    1 
ATOM   369 C  C6    . G   A 1 18 ? -18.359 1.121   7.946   1.00 69.82  ? 48  G   A C6    1 
ATOM   370 O  O6    . G   A 1 18 ? -18.048 0.034   8.449   1.00 72.53  ? 48  G   A O6    1 
ATOM   371 N  N1    . G   A 1 18 ? -18.467 2.254   8.748   1.00 68.59  ? 48  G   A N1    1 
ATOM   372 C  C2    . G   A 1 18 ? -18.817 3.506   8.306   1.00 68.19  ? 48  G   A C2    1 
ATOM   373 N  N2    . G   A 1 18 ? -18.875 4.474   9.245   1.00 68.38  ? 48  G   A N2    1 
ATOM   374 N  N3    . G   A 1 18 ? -19.092 3.790   7.041   1.00 66.99  ? 48  G   A N3    1 
ATOM   375 C  C4    . G   A 1 18 ? -18.991 2.705   6.251   1.00 69.09  ? 48  G   A C4    1 
ATOM   376 P  P     . G   A 1 19 ? -15.501 4.773   1.635   1.00 81.44  ? 49  G   A P     1 
ATOM   377 O  OP1   . G   A 1 19 ? -14.984 5.888   0.797   1.00 83.85  ? 49  G   A OP1   1 
ATOM   378 O  OP2   . G   A 1 19 ? -15.369 3.370   1.157   1.00 82.12  ? 49  G   A OP2   1 
ATOM   379 O  "O5'" . G   A 1 19 ? -14.848 4.854   3.089   1.00 76.95  ? 49  G   A "O5'" 1 
ATOM   380 C  "C5'" . G   A 1 19 ? -14.772 6.090   3.780   1.00 76.61  ? 49  G   A "C5'" 1 
ATOM   381 C  "C4'" . G   A 1 19 ? -14.657 5.846   5.261   1.00 78.26  ? 49  G   A "C4'" 1 
ATOM   382 O  "O4'" . G   A 1 19 ? -15.774 5.012   5.665   1.00 78.81  ? 49  G   A "O4'" 1 
ATOM   383 C  "C3'" . G   A 1 19 ? -13.445 5.043   5.715   1.00 80.48  ? 49  G   A "C3'" 1 
ATOM   384 O  "O3'" . G   A 1 19 ? -12.289 5.851   5.880   1.00 83.19  ? 49  G   A "O3'" 1 
ATOM   385 C  "C2'" . G   A 1 19 ? -13.918 4.501   7.055   1.00 78.99  ? 49  G   A "C2'" 1 
ATOM   386 O  "O2'" . G   A 1 19 ? -13.853 5.451   8.101   1.00 77.52  ? 49  G   A "O2'" 1 
ATOM   387 C  "C1'" . G   A 1 19 ? -15.366 4.152   6.724   1.00 77.67  ? 49  G   A "C1'" 1 
ATOM   388 N  N9    . G   A 1 19 ? -15.433 2.776   6.253   1.00 74.46  ? 49  G   A N9    1 
ATOM   389 C  C8    . G   A 1 19 ? -15.601 2.335   4.962   1.00 76.21  ? 49  G   A C8    1 
ATOM   390 N  N7    . G   A 1 19 ? -15.586 1.033   4.861   1.00 75.90  ? 49  G   A N7    1 
ATOM   391 C  C5    . G   A 1 19 ? -15.400 0.595   6.167   1.00 73.62  ? 49  G   A C5    1 
ATOM   392 C  C6    . G   A 1 19 ? -15.297 -0.722  6.690   1.00 72.17  ? 49  G   A C6    1 
ATOM   393 O  O6    . G   A 1 19 ? -15.354 -1.804  6.086   1.00 69.85  ? 49  G   A O6    1 
ATOM   394 N  N1    . G   A 1 19 ? -15.110 -0.706  8.070   1.00 70.02  ? 49  G   A N1    1 
ATOM   395 C  C2    . G   A 1 19 ? -15.038 0.428   8.846   1.00 69.58  ? 49  G   A C2    1 
ATOM   396 N  N2    . G   A 1 19 ? -14.872 0.235   10.165  1.00 71.03  ? 49  G   A N2    1 
ATOM   397 N  N3    . G   A 1 19 ? -15.130 1.657   8.367   1.00 68.83  ? 49  G   A N3    1 
ATOM   398 C  C4    . G   A 1 19 ? -15.309 1.664   7.033   1.00 71.93  ? 49  G   A C4    1 
ATOM   399 P  P     . U   A 1 20 ? -10.830 5.171   5.840   1.00 83.24  ? 50  U   A P     1 
ATOM   400 O  OP1   . U   A 1 20 ? -9.860  6.266   6.098   1.00 84.20  ? 50  U   A OP1   1 
ATOM   401 O  OP2   . U   A 1 20 ? -10.726 4.360   4.593   1.00 81.11  ? 50  U   A OP2   1 
ATOM   402 O  "O5'" . U   A 1 20 ? -10.813 4.178   7.087   1.00 82.01  ? 50  U   A "O5'" 1 
ATOM   403 C  "C5'" . U   A 1 20 ? -10.951 4.679   8.406   1.00 82.44  ? 50  U   A "C5'" 1 
ATOM   404 C  "C4'" . U   A 1 20 ? -10.728 3.579   9.409   1.00 84.46  ? 50  U   A "C4'" 1 
ATOM   405 O  "O4'" . U   A 1 20 ? -11.805 2.603   9.351   1.00 84.97  ? 50  U   A "O4'" 1 
ATOM   406 C  "C3'" . U   A 1 20 ? -9.493  2.735   9.174   1.00 86.08  ? 50  U   A "C3'" 1 
ATOM   407 O  "O3'" . U   A 1 20 ? -8.317  3.425   9.576   1.00 87.62  ? 50  U   A "O3'" 1 
ATOM   408 C  "C2'" . U   A 1 20 ? -9.807  1.490   10.001  1.00 84.87  ? 50  U   A "C2'" 1 
ATOM   409 O  "O2'" . U   A 1 20 ? -9.598  1.647   11.393  1.00 82.70  ? 50  U   A "O2'" 1 
ATOM   410 C  "C1'" . U   A 1 20 ? -11.306 1.325   9.732   1.00 83.38  ? 50  U   A "C1'" 1 
ATOM   411 N  N1    . U   A 1 20 ? -11.575 0.368   8.649   1.00 82.21  ? 50  U   A N1    1 
ATOM   412 C  C2    . U   A 1 20 ? -11.514 -0.985  8.961   1.00 82.29  ? 50  U   A C2    1 
ATOM   413 O  O2    . U   A 1 20 ? -11.271 -1.399  10.093  1.00 82.15  ? 50  U   A O2    1 
ATOM   414 N  N3    . U   A 1 20 ? -11.746 -1.836  7.901   1.00 80.50  ? 50  U   A N3    1 
ATOM   415 C  C4    . U   A 1 20 ? -12.029 -1.479  6.594   1.00 78.52  ? 50  U   A C4    1 
ATOM   416 O  O4    . U   A 1 20 ? -12.189 -2.362  5.748   1.00 76.12  ? 50  U   A O4    1 
ATOM   417 C  C5    . U   A 1 20 ? -12.088 -0.064  6.357   1.00 78.32  ? 50  U   A C5    1 
ATOM   418 C  C6    . U   A 1 20 ? -11.867 0.790   7.367   1.00 80.06  ? 50  U   A C6    1 
ATOM   419 P  P     . C   A 1 21 ? -6.938  3.157   8.794   1.00 89.07  ? 51  C   A P     1 
ATOM   420 O  OP1   . C   A 1 21 ? -5.957  4.166   9.277   1.00 90.14  ? 51  C   A OP1   1 
ATOM   421 O  OP2   . C   A 1 21 ? -7.237  3.058   7.329   1.00 86.85  ? 51  C   A OP2   1 
ATOM   422 O  "O5'" . C   A 1 21 ? -6.493  1.729   9.342   1.00 83.58  ? 51  C   A "O5'" 1 
ATOM   423 C  "C5'" . C   A 1 21 ? -6.379  1.507   10.742  1.00 79.86  ? 51  C   A "C5'" 1 
ATOM   424 C  "C4'" . C   A 1 21 ? -6.243  0.036   11.026  1.00 79.11  ? 51  C   A "C4'" 1 
ATOM   425 O  "O4'" . C   A 1 21 ? -7.478  -0.637  10.668  1.00 78.40  ? 51  C   A "O4'" 1 
ATOM   426 C  "C3'" . C   A 1 21 ? -5.225  -0.693  10.175  1.00 80.82  ? 51  C   A "C3'" 1 
ATOM   427 O  "O3'" . C   A 1 21 ? -3.887  -0.500  10.595  1.00 82.90  ? 51  C   A "O3'" 1 
ATOM   428 C  "C2'" . C   A 1 21 ? -5.679  -2.138  10.311  1.00 78.30  ? 51  C   A "C2'" 1 
ATOM   429 O  "O2'" . C   A 1 21 ? -5.331  -2.720  11.550  1.00 78.56  ? 51  C   A "O2'" 1 
ATOM   430 C  "C1'" . C   A 1 21 ? -7.190  -1.964  10.249  1.00 75.09  ? 51  C   A "C1'" 1 
ATOM   431 N  N1    . C   A 1 21 ? -7.710  -2.155  8.891   1.00 70.73  ? 51  C   A N1    1 
ATOM   432 C  C2    . C   A 1 21 ? -7.754  -3.455  8.382   1.00 71.99  ? 51  C   A C2    1 
ATOM   433 O  O2    . C   A 1 21 ? -7.302  -4.384  9.092   1.00 68.00  ? 51  C   A O2    1 
ATOM   434 N  N3    . C   A 1 21 ? -8.284  -3.670  7.139   1.00 70.64  ? 51  C   A N3    1 
ATOM   435 C  C4    . C   A 1 21 ? -8.741  -2.633  6.419   1.00 67.75  ? 51  C   A C4    1 
ATOM   436 N  N4    . C   A 1 21 ? -9.266  -2.881  5.202   1.00 56.19  ? 51  C   A N4    1 
ATOM   437 C  C5    . C   A 1 21 ? -8.684  -1.292  6.916   1.00 69.37  ? 51  C   A C5    1 
ATOM   438 C  C6    . C   A 1 21 ? -8.163  -1.102  8.145   1.00 68.91  ? 51  C   A C6    1 
ATOM   439 P  P     . C   A 1 22 ? -2.706  -0.714  9.528   1.00 84.45  ? 52  C   A P     1 
ATOM   440 O  OP1   . C   A 1 22 ? -1.402  -0.558  10.237  1.00 83.89  ? 52  C   A OP1   1 
ATOM   441 O  OP2   . C   A 1 22 ? -3.011  0.127   8.336   1.00 82.61  ? 52  C   A OP2   1 
ATOM   442 O  "O5'" . C   A 1 22 ? -2.889  -2.233  9.076   1.00 81.87  ? 52  C   A "O5'" 1 
ATOM   443 C  "C5'" . C   A 1 22 ? -2.717  -3.293  10.012  1.00 80.37  ? 52  C   A "C5'" 1 
ATOM   444 C  "C4'" . C   A 1 22 ? -2.653  -4.609  9.289   1.00 78.86  ? 52  C   A "C4'" 1 
ATOM   445 O  "O4'" . C   A 1 22 ? -3.952  -4.923  8.732   1.00 78.52  ? 52  C   A "O4'" 1 
ATOM   446 C  "C3'" . C   A 1 22 ? -1.758  -4.593  8.070   1.00 79.51  ? 52  C   A "C3'" 1 
ATOM   447 O  "O3'" . C   A 1 22 ? -0.399  -4.749  8.433   1.00 79.78  ? 52  C   A "O3'" 1 
ATOM   448 C  "C2'" . C   A 1 22 ? -2.289  -5.771  7.272   1.00 77.34  ? 52  C   A "C2'" 1 
ATOM   449 O  "O2'" . C   A 1 22 ? -1.861  -6.997  7.806   1.00 79.14  ? 52  C   A "O2'" 1 
ATOM   450 C  "C1'" . C   A 1 22 ? -3.787  -5.636  7.518   1.00 75.63  ? 52  C   A "C1'" 1 
ATOM   451 N  N1    . C   A 1 22 ? -4.454  -4.888  6.450   1.00 74.61  ? 52  C   A N1    1 
ATOM   452 C  C2    . C   A 1 22 ? -4.874  -5.594  5.309   1.00 75.66  ? 52  C   A C2    1 
ATOM   453 O  O2    . C   A 1 22 ? -4.673  -6.818  5.264   1.00 77.10  ? 52  C   A O2    1 
ATOM   454 N  N3    . C   A 1 22 ? -5.488  -4.927  4.296   1.00 73.58  ? 52  C   A N3    1 
ATOM   455 C  C4    . C   A 1 22 ? -5.690  -3.608  4.398   1.00 74.70  ? 52  C   A C4    1 
ATOM   456 N  N4    . C   A 1 22 ? -6.287  -2.986  3.373   1.00 73.77  ? 52  C   A N4    1 
ATOM   457 C  C5    . C   A 1 22 ? -5.280  -2.862  5.561   1.00 74.63  ? 52  C   A C5    1 
ATOM   458 C  C6    . C   A 1 22 ? -4.669  -3.538  6.552   1.00 72.53  ? 52  C   A C6    1 
ATOM   459 P  P     . G   A 1 23 ? 0.732   -4.486  7.333   1.00 78.31  ? 53  G   A P     1 
ATOM   460 O  OP1   . G   A 1 23 ? 2.074   -4.439  7.980   1.00 79.11  ? 53  G   A OP1   1 
ATOM   461 O  OP2   . G   A 1 23 ? 0.267   -3.337  6.513   1.00 78.82  ? 53  G   A OP2   1 
ATOM   462 O  "O5'" . G   A 1 23 ? 0.649   -5.794  6.437   1.00 73.79  ? 53  G   A "O5'" 1 
ATOM   463 C  "C5'" . G   A 1 23 ? 1.151   -5.788  5.130   1.00 68.96  ? 53  G   A "C5'" 1 
ATOM   464 C  "C4'" . G   A 1 23 ? 0.194   -6.496  4.224   1.00 68.66  ? 53  G   A "C4'" 1 
ATOM   465 O  "O4'" . G   A 1 23 ? -1.161  -6.109  4.528   1.00 65.66  ? 53  G   A "O4'" 1 
ATOM   466 C  "C3'" . G   A 1 23 ? 0.401   -6.098  2.782   1.00 71.33  ? 53  G   A "C3'" 1 
ATOM   467 O  "O3'" . G   A 1 23 ? 1.406   -6.929  2.264   1.00 74.74  ? 53  G   A "O3'" 1 
ATOM   468 C  "C2'" . G   A 1 23 ? -0.962  -6.343  2.168   1.00 68.84  ? 53  G   A "C2'" 1 
ATOM   469 O  "O2'" . G   A 1 23 ? -1.152  -7.706  1.865   1.00 70.07  ? 53  G   A "O2'" 1 
ATOM   470 C  "C1'" . G   A 1 23 ? -1.872  -5.906  3.315   1.00 67.82  ? 53  G   A "C1'" 1 
ATOM   471 N  N9    . G   A 1 23 ? -2.253  -4.498  3.253   1.00 66.99  ? 53  G   A N9    1 
ATOM   472 C  C8    . G   A 1 23 ? -1.982  -3.526  4.195   1.00 68.74  ? 53  G   A C8    1 
ATOM   473 N  N7    . G   A 1 23 ? -2.492  -2.359  3.893   1.00 66.16  ? 53  G   A N7    1 
ATOM   474 C  C5    . G   A 1 23 ? -3.130  -2.569  2.677   1.00 63.57  ? 53  G   A C5    1 
ATOM   475 C  C6    . G   A 1 23 ? -3.862  -1.672  1.866   1.00 61.84  ? 53  G   A C6    1 
ATOM   476 O  O6    . G   A 1 23 ? -4.107  -0.481  2.075   1.00 68.75  ? 53  G   A O6    1 
ATOM   477 N  N1    . G   A 1 23 ? -4.329  -2.289  0.710   1.00 58.53  ? 53  G   A N1    1 
ATOM   478 C  C2    . G   A 1 23 ? -4.124  -3.612  0.385   1.00 59.98  ? 53  G   A C2    1 
ATOM   479 N  N2    . G   A 1 23 ? -4.656  -4.032  -0.776  1.00 56.53  ? 53  G   A N2    1 
ATOM   480 N  N3    . G   A 1 23 ? -3.446  -4.467  1.142   1.00 59.25  ? 53  G   A N3    1 
ATOM   481 C  C4    . G   A 1 23 ? -2.981  -3.880  2.261   1.00 62.76  ? 53  G   A C4    1 
ATOM   482 P  P     . G   A 1 24 ? 2.944   -6.524  2.481   1.00 77.47  ? 54  G   A P     1 
ATOM   483 O  OP1   . G   A 1 24 ? 3.599   -7.546  3.344   1.00 77.47  ? 54  G   A OP1   1 
ATOM   484 O  OP2   . G   A 1 24 ? 3.025   -5.083  2.866   1.00 73.30  ? 54  G   A OP2   1 
ATOM   485 O  "O5'" . G   A 1 24 ? 3.499   -6.705  1.010   1.00 77.93  ? 54  G   A "O5'" 1 
ATOM   486 C  "C5'" . G   A 1 24 ? 3.742   -5.584  0.200   1.00 79.35  ? 54  G   A "C5'" 1 
ATOM   487 C  "C4'" . G   A 1 24 ? 2.699   -5.470  -0.877  1.00 79.03  ? 54  G   A "C4'" 1 
ATOM   488 O  "O4'" . G   A 1 24 ? 1.465   -4.967  -0.279  1.00 78.10  ? 54  G   A "O4'" 1 
ATOM   489 C  "C3'" . G   A 1 24 ? 3.144   -4.402  -1.864  1.00 81.72  ? 54  G   A "C3'" 1 
ATOM   490 O  "O3'" . G   A 1 24 ? 2.718   -4.624  -3.196  1.00 83.50  ? 54  G   A "O3'" 1 
ATOM   491 C  "C2'" . G   A 1 24 ? 2.548   -3.142  -1.279  1.00 80.75  ? 54  G   A "C2'" 1 
ATOM   492 O  "O2'" . G   A 1 24 ? 2.416   -2.097  -2.213  1.00 84.89  ? 54  G   A "O2'" 1 
ATOM   493 C  "C1'" . G   A 1 24 ? 1.208   -3.658  -0.756  1.00 77.41  ? 54  G   A "C1'" 1 
ATOM   494 N  N9    . G   A 1 24 ? 0.827   -2.810  0.362   1.00 71.40  ? 54  G   A N9    1 
ATOM   495 C  C8    . G   A 1 24 ? 1.442   -2.736  1.586   1.00 73.41  ? 54  G   A C8    1 
ATOM   496 N  N7    . G   A 1 24 ? 0.966   -1.782  2.343   1.00 71.63  ? 54  G   A N7    1 
ATOM   497 C  C5    . G   A 1 24 ? -0.041  -1.213  1.579   1.00 68.93  ? 54  G   A C5    1 
ATOM   498 C  C6    . G   A 1 24 ? -0.902  -0.132  1.867   1.00 65.89  ? 54  G   A C6    1 
ATOM   499 O  O6    . G   A 1 24 ? -0.942  0.564   2.890   1.00 61.89  ? 54  G   A O6    1 
ATOM   500 N  N1    . G   A 1 24 ? -1.782  0.111   0.814   1.00 62.70  ? 54  G   A N1    1 
ATOM   501 C  C2    . G   A 1 24 ? -1.823  -0.607  -0.359  1.00 64.15  ? 54  G   A C2    1 
ATOM   502 N  N2    . G   A 1 24 ? -2.741  -0.246  -1.246  1.00 67.88  ? 54  G   A N2    1 
ATOM   503 N  N3    . G   A 1 24 ? -1.020  -1.614  -0.640  1.00 67.00  ? 54  G   A N3    1 
ATOM   504 C  C4    . G   A 1 24 ? -0.159  -1.860  0.364   1.00 69.75  ? 54  G   A C4    1 
ATOM   505 P  P     . A   A 1 25 ? 3.698   -4.213  -4.405  1.00 85.02  ? 55  A   A P     1 
ATOM   506 O  OP1   . A   A 1 25 ? 4.771   -5.240  -4.467  1.00 84.95  ? 55  A   A OP1   1 
ATOM   507 O  OP2   . A   A 1 25 ? 4.081   -2.781  -4.219  1.00 82.21  ? 55  A   A OP2   1 
ATOM   508 O  "O5'" . A   A 1 25 ? 2.776   -4.374  -5.691  1.00 81.75  ? 55  A   A "O5'" 1 
ATOM   509 C  "C5'" . A   A 1 25 ? 2.428   -5.663  -6.181  1.00 81.37  ? 55  A   A "C5'" 1 
ATOM   510 C  "C4'" . A   A 1 25 ? 1.396   -5.518  -7.251  1.00 83.34  ? 55  A   A "C4'" 1 
ATOM   511 O  "O4'" . A   A 1 25 ? 0.139   -5.133  -6.643  1.00 83.26  ? 55  A   A "O4'" 1 
ATOM   512 C  "C3'" . A   A 1 25 ? 1.722   -4.376  -8.192  1.00 87.70  ? 55  A   A "C3'" 1 
ATOM   513 O  "O3'" . A   A 1 25 ? 2.611   -4.783  -9.218  1.00 94.24  ? 55  A   A "O3'" 1 
ATOM   514 C  "C2'" . A   A 1 25 ? 0.349   -3.934  -8.678  1.00 85.95  ? 55  A   A "C2'" 1 
ATOM   515 O  "O2'" . A   A 1 25 ? -0.215  -4.746  -9.683  1.00 86.13  ? 55  A   A "O2'" 1 
ATOM   516 C  "C1'" . A   A 1 25 ? -0.462  -4.088  -7.397  1.00 84.02  ? 55  A   A "C1'" 1 
ATOM   517 N  N9    . A   A 1 25 ? -0.433  -2.870  -6.589  1.00 81.81  ? 55  A   A N9    1 
ATOM   518 C  C8    . A   A 1 25 ? 0.204   -2.647  -5.383  1.00 79.66  ? 55  A   A C8    1 
ATOM   519 N  N7    . A   A 1 25 ? -0.011  -1.452  -4.883  1.00 76.68  ? 55  A   A N7    1 
ATOM   520 C  C5    . A   A 1 25 ? -0.830  -0.841  -5.828  1.00 78.66  ? 55  A   A C5    1 
ATOM   521 C  C6    . A   A 1 25 ? -1.426  0.441   -5.888  1.00 79.01  ? 55  A   A C6    1 
ATOM   522 N  N6    . A   A 1 25 ? -1.286  1.372   -4.933  1.00 77.08  ? 55  A   A N6    1 
ATOM   523 N  N1    . A   A 1 25 ? -2.184  0.730   -6.975  1.00 78.58  ? 55  A   A N1    1 
ATOM   524 C  C2    . A   A 1 25 ? -2.332  -0.211  -7.929  1.00 77.84  ? 55  A   A C2    1 
ATOM   525 N  N3    . A   A 1 25 ? -1.829  -1.448  -7.982  1.00 75.86  ? 55  A   A N3    1 
ATOM   526 C  C4    . A   A 1 25 ? -1.083  -1.701  -6.891  1.00 77.64  ? 55  A   A C4    1 
ATOM   527 P  P     . A   A 1 26 ? 3.701   -3.739  -9.771  1.00 99.74  ? 56  A   A P     1 
ATOM   528 O  OP1   . A   A 1 26 ? 4.556   -4.471  -10.749 1.00 99.55  ? 56  A   A OP1   1 
ATOM   529 O  OP2   . A   A 1 26 ? 4.326   -3.078  -8.583  1.00 97.11  ? 56  A   A OP2   1 
ATOM   530 O  "O5'" . A   A 1 26 ? 2.819   -2.679  -10.580 1.00 99.44  ? 56  A   A "O5'" 1 
ATOM   531 C  "C5'" . A   A 1 26 ? 2.012   -3.114  -11.673 1.00 98.80  ? 56  A   A "C5'" 1 
ATOM   532 C  "C4'" . A   A 1 26 ? 1.093   -2.011  -12.143 1.00 98.26  ? 56  A   A "C4'" 1 
ATOM   533 O  "O4'" . A   A 1 26 ? 0.168   -1.629  -11.092 1.00 96.59  ? 56  A   A "O4'" 1 
ATOM   534 C  "C3'" . A   A 1 26 ? 1.728   -0.684  -12.505 1.00 99.28  ? 56  A   A "C3'" 1 
ATOM   535 O  "O3'" . A   A 1 26 ? 2.369   -0.729  -13.768 1.00 102.24 ? 56  A   A "O3'" 1 
ATOM   536 C  "C2'" . A   A 1 26 ? 0.512   0.232   -12.525 1.00 97.92  ? 56  A   A "C2'" 1 
ATOM   537 O  "O2'" . A   A 1 26 ? -0.267  0.137   -13.698 1.00 97.80  ? 56  A   A "O2'" 1 
ATOM   538 C  "C1'" . A   A 1 26 ? -0.285  -0.305  -11.339 1.00 95.16  ? 56  A   A "C1'" 1 
ATOM   539 N  N9    . A   A 1 26 ? -0.011  0.521   -10.173 1.00 91.82  ? 56  A   A N9    1 
ATOM   540 C  C8    . A   A 1 26 ? 0.790   0.267   -9.092  1.00 92.03  ? 56  A   A C8    1 
ATOM   541 N  N7    . A   A 1 26 ? 0.836   1.254   -8.229  1.00 90.14  ? 56  A   A N7    1 
ATOM   542 C  C5    . A   A 1 26 ? 0.002   2.216   -8.779  1.00 90.26  ? 56  A   A C5    1 
ATOM   543 C  C6    . A   A 1 26 ? -0.381  3.502   -8.348  1.00 92.07  ? 56  A   A C6    1 
ATOM   544 N  N6    . A   A 1 26 ? 0.041   4.060   -7.209  1.00 94.14  ? 56  A   A N6    1 
ATOM   545 N  N1    . A   A 1 26 ? -1.226  4.204   -9.141  1.00 91.93  ? 56  A   A N1    1 
ATOM   546 C  C2    . A   A 1 26 ? -1.653  3.640   -10.280 1.00 90.74  ? 56  A   A C2    1 
ATOM   547 N  N3    . A   A 1 26 ? -1.368  2.440   -10.785 1.00 89.09  ? 56  A   A N3    1 
ATOM   548 C  C4    . A   A 1 26 ? -0.527  1.774   -9.975  1.00 90.07  ? 56  A   A C4    1 
ATOM   549 P  P     . G   A 1 27 ? 3.821   -0.059  -13.937 1.00 104.55 ? 57  G   A P     1 
ATOM   550 O  OP1   . G   A 1 27 ? 4.343   -0.440  -15.276 1.00 106.42 ? 57  G   A OP1   1 
ATOM   551 O  OP2   . G   A 1 27 ? 4.604   -0.398  -12.716 1.00 104.25 ? 57  G   A OP2   1 
ATOM   552 O  "O5'" . G   A 1 27 ? 3.545   1.511   -13.915 1.00 100.69 ? 57  G   A "O5'" 1 
ATOM   553 C  "C5'" . G   A 1 27 ? 2.631   2.105   -14.827 1.00 95.83  ? 57  G   A "C5'" 1 
ATOM   554 C  "C4'" . G   A 1 27 ? 2.097   3.392   -14.252 1.00 94.16  ? 57  G   A "C4'" 1 
ATOM   555 O  "O4'" . G   A 1 27 ? 1.389   3.098   -13.012 1.00 93.12  ? 57  G   A "O4'" 1 
ATOM   556 C  "C3'" . G   A 1 27 ? 3.152   4.387   -13.802 1.00 93.45  ? 57  G   A "C3'" 1 
ATOM   557 O  "O3'" . G   A 1 27 ? 3.703   5.140   -14.867 1.00 95.75  ? 57  G   A "O3'" 1 
ATOM   558 C  "C2'" . G   A 1 27 ? 2.363   5.245   -12.825 1.00 91.15  ? 57  G   A "C2'" 1 
ATOM   559 O  "O2'" . G   A 1 27 ? 1.469   6.136   -13.462 1.00 88.45  ? 57  G   A "O2'" 1 
ATOM   560 C  "C1'" . G   A 1 27 ? 1.580   4.165   -12.083 1.00 89.13  ? 57  G   A "C1'" 1 
ATOM   561 N  N9    . G   A 1 27 ? 2.352   3.674   -10.942 1.00 83.71  ? 57  G   A N9    1 
ATOM   562 C  C8    . G   A 1 27 ? 2.916   2.428   -10.766 1.00 80.57  ? 57  G   A C8    1 
ATOM   563 N  N7    . G   A 1 27 ? 3.573   2.317   -9.639  1.00 76.46  ? 57  G   A N7    1 
ATOM   564 C  C5    . G   A 1 27 ? 3.428   3.561   -9.032  1.00 74.54  ? 57  G   A C5    1 
ATOM   565 C  C6    . G   A 1 27 ? 3.928   4.056   -7.784  1.00 70.93  ? 57  G   A C6    1 
ATOM   566 O  O6    . G   A 1 27 ? 4.618   3.474   -6.943  1.00 69.05  ? 57  G   A O6    1 
ATOM   567 N  N1    . G   A 1 27 ? 3.548   5.375   -7.566  1.00 70.39  ? 57  G   A N1    1 
ATOM   568 C  C2    . G   A 1 27 ? 2.790   6.130   -8.431  1.00 72.73  ? 57  G   A C2    1 
ATOM   569 N  N2    . G   A 1 27 ? 2.534   7.385   -8.052  1.00 75.64  ? 57  G   A N2    1 
ATOM   570 N  N3    . G   A 1 27 ? 2.322   5.689   -9.588  1.00 74.76  ? 57  G   A N3    1 
ATOM   571 C  C4    . G   A 1 27 ? 2.676   4.407   -9.822  1.00 77.83  ? 57  G   A C4    1 
ATOM   572 P  P     . G   A 1 28 ? 5.237   5.618   -14.775 1.00 97.93  ? 58  G   A P     1 
ATOM   573 O  OP1   . G   A 1 28 ? 5.626   6.149   -16.104 1.00 98.42  ? 58  G   A OP1   1 
ATOM   574 O  OP2   . G   A 1 28 ? 6.030   4.513   -14.157 1.00 95.37  ? 58  G   A OP2   1 
ATOM   575 O  "O5'" . G   A 1 28 ? 5.200   6.835   -13.748 1.00 97.06  ? 58  G   A "O5'" 1 
ATOM   576 C  "C5'" . G   A 1 28 ? 4.490   8.030   -14.056 1.00 95.89  ? 58  G   A "C5'" 1 
ATOM   577 C  "C4'" . G   A 1 28 ? 4.643   9.027   -12.936 1.00 94.99  ? 58  G   A "C4'" 1 
ATOM   578 O  "O4'" . G   A 1 28 ? 4.025   8.493   -11.728 1.00 93.86  ? 58  G   A "O4'" 1 
ATOM   579 C  "C3'" . G   A 1 28 ? 6.076   9.288   -12.508 1.00 96.78  ? 58  G   A "C3'" 1 
ATOM   580 O  "O3'" . G   A 1 28 ? 6.761   10.197  -13.362 1.00 99.29  ? 58  G   A "O3'" 1 
ATOM   581 C  "C2'" . G   A 1 28 ? 5.878   9.814   -11.092 1.00 95.51  ? 58  G   A "C2'" 1 
ATOM   582 O  "O2'" . G   A 1 28 ? 5.389   11.142  -11.045 1.00 95.48  ? 58  G   A "O2'" 1 
ATOM   583 C  "C1'" . G   A 1 28 ? 4.811   8.843   -10.589 1.00 92.00  ? 58  G   A "C1'" 1 
ATOM   584 N  N9    . G   A 1 28 ? 5.432   7.627   -10.068 1.00 85.34  ? 58  G   A N9    1 
ATOM   585 C  C8    . G   A 1 28 ? 5.470   6.387   -10.667 1.00 82.44  ? 58  G   A C8    1 
ATOM   586 N  N7    . G   A 1 28 ? 6.120   5.497   -9.962  1.00 78.03  ? 58  G   A N7    1 
ATOM   587 C  C5    . G   A 1 28 ? 6.530   6.189   -8.830  1.00 76.14  ? 58  G   A C5    1 
ATOM   588 C  C6    . G   A 1 28 ? 7.272   5.749   -7.703  1.00 72.21  ? 58  G   A C6    1 
ATOM   589 O  O6    . G   A 1 28 ? 7.723   4.627   -7.473  1.00 75.04  ? 58  G   A O6    1 
ATOM   590 N  N1    . G   A 1 28 ? 7.472   6.772   -6.787  1.00 68.15  ? 58  G   A N1    1 
ATOM   591 C  C2    . G   A 1 28 ? 7.013   8.057   -6.930  1.00 72.67  ? 58  G   A C2    1 
ATOM   592 N  N2    . G   A 1 28 ? 7.310   8.902   -5.930  1.00 69.83  ? 58  G   A N2    1 
ATOM   593 N  N3    . G   A 1 28 ? 6.312   8.486   -7.976  1.00 76.43  ? 58  G   A N3    1 
ATOM   594 C  C4    . G   A 1 28 ? 6.112   7.504   -8.880  1.00 79.38  ? 58  G   A C4    1 
ATOM   595 P  P     . A   A 1 29 ? 8.374   10.214  -13.365 1.00 100.59 ? 59  A   A P     1 
ATOM   596 O  OP1   . A   A 1 29 ? 8.796   11.234  -14.356 1.00 102.03 ? 59  A   A OP1   1 
ATOM   597 O  OP2   . A   A 1 29 ? 8.865   8.807   -13.493 1.00 98.66  ? 59  A   A OP2   1 
ATOM   598 O  "O5'" . A   A 1 29 ? 8.750   10.786  -11.923 1.00 96.71  ? 59  A   A "O5'" 1 
ATOM   599 C  "C5'" . A   A 1 29 ? 8.375   12.112  -11.556 1.00 92.05  ? 59  A   A "C5'" 1 
ATOM   600 C  "C4'" . A   A 1 29 ? 9.026   12.496  -10.256 1.00 90.13  ? 59  A   A "C4'" 1 
ATOM   601 O  "O4'" . A   A 1 29 ? 8.469   11.701  -9.171  1.00 88.56  ? 59  A   A "O4'" 1 
ATOM   602 C  "C3'" . A   A 1 29 ? 10.508  12.189  -10.174 1.00 91.35  ? 59  A   A "C3'" 1 
ATOM   603 O  "O3'" . A   A 1 29 ? 11.317  13.135  -10.849 1.00 94.29  ? 59  A   A "O3'" 1 
ATOM   604 C  "C2'" . A   A 1 29 ? 10.722  12.167  -8.671  1.00 89.82  ? 59  A   A "C2'" 1 
ATOM   605 O  "O2'" . A   A 1 29 ? 10.679  13.456  -8.074  1.00 89.78  ? 59  A   A "O2'" 1 
ATOM   606 C  "C1'" . A   A 1 29 ? 9.504   11.352  -8.252  1.00 86.06  ? 59  A   A "C1'" 1 
ATOM   607 N  N9    . A   A 1 29 ? 9.780   9.919   -8.394  1.00 79.60  ? 59  A   A N9    1 
ATOM   608 C  C8    . A   A 1 29 ? 9.444   9.095   -9.449  1.00 77.74  ? 59  A   A C8    1 
ATOM   609 N  N7    . A   A 1 29 ? 9.820   7.846   -9.286  1.00 74.26  ? 59  A   A N7    1 
ATOM   610 C  C5    . A   A 1 29 ? 10.450  7.845   -8.046  1.00 72.62  ? 59  A   A C5    1 
ATOM   611 C  C6    . A   A 1 29 ? 11.071  6.820   -7.297  1.00 72.39  ? 59  A   A C6    1 
ATOM   612 N  N6    . A   A 1 29 ? 11.167  5.549   -7.712  1.00 70.24  ? 59  A   A N6    1 
ATOM   613 N  N1    . A   A 1 29 ? 11.597  7.153   -6.093  1.00 69.70  ? 59  A   A N1    1 
ATOM   614 C  C2    . A   A 1 29 ? 11.504  8.428   -5.683  1.00 68.14  ? 59  A   A C2    1 
ATOM   615 N  N3    . A   A 1 29 ? 10.952  9.477   -6.297  1.00 68.45  ? 59  A   A N3    1 
ATOM   616 C  C4    . A   A 1 29 ? 10.435  9.115   -7.486  1.00 73.16  ? 59  A   A C4    1 
ATOM   617 P  P     . A   A 1 30 ? 12.635  12.626  -11.627 1.00 97.41  ? 60  A   A P     1 
ATOM   618 O  OP1   . A   A 1 30 ? 12.841  13.532  -12.795 1.00 96.34  ? 60  A   A OP1   1 
ATOM   619 O  OP2   . A   A 1 30 ? 12.499  11.148  -11.846 1.00 96.99  ? 60  A   A OP2   1 
ATOM   620 O  "O5'" . A   A 1 30 ? 13.817  12.828  -10.576 1.00 89.77  ? 60  A   A "O5'" 1 
ATOM   621 C  "C5'" . A   A 1 30 ? 13.791  13.905  -9.656  1.00 80.47  ? 60  A   A "C5'" 1 
ATOM   622 C  "C4'" . A   A 1 30 ? 14.331  13.453  -8.331  1.00 76.28  ? 60  A   A "C4'" 1 
ATOM   623 O  "O4'" . A   A 1 30 ? 13.441  12.463  -7.755  1.00 75.17  ? 60  A   A "O4'" 1 
ATOM   624 C  "C3'" . A   A 1 30 ? 15.649  12.708  -8.387  1.00 74.98  ? 60  A   A "C3'" 1 
ATOM   625 O  "O3'" . A   A 1 30 ? 16.734  13.604  -8.512  1.00 74.33  ? 60  A   A "O3'" 1 
ATOM   626 C  "C2'" . A   A 1 30 ? 15.649  12.020  -7.032  1.00 74.29  ? 60  A   A "C2'" 1 
ATOM   627 O  "O2'" . A   A 1 30 ? 15.903  12.925  -5.976  1.00 73.72  ? 60  A   A "O2'" 1 
ATOM   628 C  "C1'" . A   A 1 30 ? 14.195  11.563  -6.951  1.00 72.75  ? 60  A   A "C1'" 1 
ATOM   629 N  N9    . A   A 1 30 ? 14.058  10.216  -7.498  1.00 69.66  ? 60  A   A N9    1 
ATOM   630 C  C8    . A   A 1 30 ? 13.618  9.829   -8.741  1.00 68.81  ? 60  A   A C8    1 
ATOM   631 N  N7    . A   A 1 30 ? 13.646  8.529   -8.927  1.00 68.69  ? 60  A   A N7    1 
ATOM   632 C  C5    . A   A 1 30 ? 14.135  8.029   -7.725  1.00 66.77  ? 60  A   A C5    1 
ATOM   633 C  C6    . A   A 1 30 ? 14.399  6.720   -7.276  1.00 66.87  ? 60  A   A C6    1 
ATOM   634 N  N6    . A   A 1 30 ? 14.204  5.625   -8.018  1.00 68.27  ? 60  A   A N6    1 
ATOM   635 N  N1    . A   A 1 30 ? 14.876  6.572   -6.021  1.00 64.30  ? 60  A   A N1    1 
ATOM   636 C  C2    . A   A 1 30 ? 15.066  7.669   -5.275  1.00 63.00  ? 60  A   A C2    1 
ATOM   637 N  N3    . A   A 1 30 ? 14.853  8.946   -5.583  1.00 62.00  ? 60  A   A N3    1 
ATOM   638 C  C4    . A   A 1 30 ? 14.385  9.059   -6.836  1.00 65.66  ? 60  A   A C4    1 
ATOM   639 P  P     . G   A 1 31 ? 18.046  13.147  -9.313  1.00 72.56  ? 61  G   A P     1 
ATOM   640 O  OP1   . G   A 1 31 ? 19.038  14.256  -9.181  1.00 70.98  ? 61  G   A OP1   1 
ATOM   641 O  OP2   . G   A 1 31 ? 17.633  12.674  -10.667 1.00 71.53  ? 61  G   A OP2   1 
ATOM   642 O  "O5'" . G   A 1 31 ? 18.567  11.896  -8.482  1.00 68.83  ? 61  G   A "O5'" 1 
ATOM   643 C  "C5'" . G   A 1 31 ? 19.039  12.077  -7.164  1.00 66.19  ? 61  G   A "C5'" 1 
ATOM   644 C  "C4'" . G   A 1 31 ? 19.251  10.748  -6.511  1.00 65.75  ? 61  G   A "C4'" 1 
ATOM   645 O  "O4'" . G   A 1 31 ? 18.019  9.990   -6.605  1.00 64.23  ? 61  G   A "O4'" 1 
ATOM   646 C  "C3'" . G   A 1 31 ? 20.301  9.846   -7.139  1.00 65.71  ? 61  G   A "C3'" 1 
ATOM   647 O  "O3'" . G   A 1 31 ? 21.587  10.229  -6.641  1.00 66.70  ? 61  G   A "O3'" 1 
ATOM   648 C  "C2'" . G   A 1 31 ? 19.853  8.476   -6.637  1.00 65.98  ? 61  G   A "C2'" 1 
ATOM   649 O  "O2'" . G   A 1 31 ? 20.258  8.239   -5.296  1.00 65.15  ? 61  G   A "O2'" 1 
ATOM   650 C  "C1'" . G   A 1 31 ? 18.322  8.612   -6.714  1.00 64.44  ? 61  G   A "C1'" 1 
ATOM   651 N  N9    . G   A 1 31 ? 17.773  8.152   -7.980  1.00 63.40  ? 61  G   A N9    1 
ATOM   652 C  C8    . G   A 1 31 ? 17.354  8.935   -9.029  1.00 66.27  ? 61  G   A C8    1 
ATOM   653 N  N7    . G   A 1 31 ? 16.948  8.238   -10.060 1.00 65.74  ? 61  G   A N7    1 
ATOM   654 C  C5    . G   A 1 31 ? 17.102  6.918   -9.660  1.00 63.86  ? 61  G   A C5    1 
ATOM   655 C  C6    . G   A 1 31 ? 16.841  5.712   -10.361 1.00 65.16  ? 61  G   A C6    1 
ATOM   656 O  O6    . G   A 1 31 ? 16.420  5.566   -11.515 1.00 68.52  ? 61  G   A O6    1 
ATOM   657 N  N1    . G   A 1 31 ? 17.132  4.600   -9.583  1.00 63.70  ? 61  G   A N1    1 
ATOM   658 C  C2    . G   A 1 31 ? 17.620  4.644   -8.295  1.00 66.59  ? 61  G   A C2    1 
ATOM   659 N  N2    . G   A 1 31 ? 17.838  3.456   -7.700  1.00 73.74  ? 61  G   A N2    1 
ATOM   660 N  N3    . G   A 1 31 ? 17.875  5.765   -7.636  1.00 63.18  ? 61  G   A N3    1 
ATOM   661 C  C4    . G   A 1 31 ? 17.596  6.852   -8.372  1.00 62.21  ? 61  G   A C4    1 
ATOM   662 P  P     . C   A 1 32 ? 22.894  9.347   -6.985  1.00 69.74  ? 62  C   A P     1 
ATOM   663 O  OP1   . C   A 1 32 ? 24.107  10.193  -6.828  1.00 69.24  ? 62  C   A OP1   1 
ATOM   664 O  OP2   . C   A 1 32 ? 22.650  8.640   -8.288  1.00 69.61  ? 62  C   A OP2   1 
ATOM   665 O  "O5'" . C   A 1 32 ? 22.974  8.294   -5.791  1.00 67.09  ? 62  C   A "O5'" 1 
ATOM   666 C  "C5'" . C   A 1 32 ? 23.415  8.701   -4.500  1.00 65.31  ? 62  C   A "C5'" 1 
ATOM   667 C  "C4'" . C   A 1 32 ? 23.763  7.494   -3.660  1.00 65.72  ? 62  C   A "C4'" 1 
ATOM   668 O  "O4'" . C   A 1 32 ? 22.567  6.701   -3.413  1.00 65.01  ? 62  C   A "O4'" 1 
ATOM   669 C  "C3'" . C   A 1 32 ? 24.714  6.519   -4.326  1.00 67.22  ? 62  C   A "C3'" 1 
ATOM   670 O  "O3'" . C   A 1 32 ? 26.067  6.928   -4.199  1.00 71.19  ? 62  C   A "O3'" 1 
ATOM   671 C  "C2'" . C   A 1 32 ? 24.418  5.229   -3.581  1.00 64.71  ? 62  C   A "C2'" 1 
ATOM   672 O  "O2'" . C   A 1 32 ? 25.027  5.192   -2.309  1.00 65.62  ? 62  C   A "O2'" 1 
ATOM   673 C  "C1'" . C   A 1 32 ? 22.895  5.316   -3.448  1.00 64.03  ? 62  C   A "C1'" 1 
ATOM   674 N  N1    . C   A 1 32 ? 22.229  4.706   -4.616  1.00 62.03  ? 62  C   A N1    1 
ATOM   675 C  C2    . C   A 1 32 ? 22.286  3.313   -4.776  1.00 63.31  ? 62  C   A C2    1 
ATOM   676 O  O2    . C   A 1 32 ? 22.839  2.626   -3.902  1.00 70.21  ? 62  C   A O2    1 
ATOM   677 N  N3    . C   A 1 32 ? 21.741  2.751   -5.871  1.00 61.04  ? 62  C   A N3    1 
ATOM   678 C  C4    . C   A 1 32 ? 21.146  3.513   -6.784  1.00 59.76  ? 62  C   A C4    1 
ATOM   679 N  N4    . C   A 1 32 ? 20.643  2.904   -7.864  1.00 64.33  ? 62  C   A N4    1 
ATOM   680 C  C5    . C   A 1 32 ? 21.043  4.930   -6.636  1.00 56.42  ? 62  C   A C5    1 
ATOM   681 C  C6    . C   A 1 32 ? 21.590  5.477   -5.546  1.00 58.19  ? 62  C   A C6    1 
ATOM   682 P  P     . A   A 1 33 ? 27.076  6.699   -5.435  1.00 73.65  ? 63  A   A P     1 
ATOM   683 O  OP1   . A   A 1 33 ? 28.345  7.395   -5.108  1.00 74.76  ? 63  A   A OP1   1 
ATOM   684 O  OP2   . A   A 1 33 ? 26.351  7.056   -6.691  1.00 75.03  ? 63  A   A OP2   1 
ATOM   685 O  "O5'" . A   A 1 33 ? 27.318  5.120   -5.417  1.00 69.06  ? 63  A   A "O5'" 1 
ATOM   686 C  "C5'" . A   A 1 33 ? 27.713  4.473   -4.215  1.00 65.57  ? 63  A   A "C5'" 1 
ATOM   687 C  "C4'" . A   A 1 33 ? 27.535  2.984   -4.337  1.00 64.83  ? 63  A   A "C4'" 1 
ATOM   688 O  "O4'" . A   A 1 33 ? 26.127  2.675   -4.463  1.00 65.27  ? 63  A   A "O4'" 1 
ATOM   689 C  "C3'" . A   A 1 33 ? 28.143  2.349   -5.576  1.00 66.59  ? 63  A   A "C3'" 1 
ATOM   690 O  "O3'" . A   A 1 33 ? 29.519  2.086   -5.402  1.00 68.23  ? 63  A   A "O3'" 1 
ATOM   691 C  "C2'" . A   A 1 33 ? 27.365  1.052   -5.667  1.00 65.07  ? 63  A   A "C2'" 1 
ATOM   692 O  "O2'" . A   A 1 33 ? 27.784  0.119   -4.694  1.00 64.80  ? 63  A   A "O2'" 1 
ATOM   693 C  "C1'" . A   A 1 33 ? 25.967  1.548   -5.320  1.00 65.11  ? 63  A   A "C1'" 1 
ATOM   694 N  N9    . A   A 1 33 ? 25.247  1.966   -6.521  1.00 61.99  ? 63  A   A N9    1 
ATOM   695 C  C8    . A   A 1 33 ? 24.907  3.230   -6.942  1.00 62.49  ? 63  A   A C8    1 
ATOM   696 N  N7    . A   A 1 33 ? 24.222  3.246   -8.063  1.00 63.40  ? 63  A   A N7    1 
ATOM   697 C  C5    . A   A 1 33 ? 24.113  1.904   -8.408  1.00 61.31  ? 63  A   A C5    1 
ATOM   698 C  C6    . A   A 1 33 ? 23.496  1.244   -9.495  1.00 60.94  ? 63  A   A C6    1 
ATOM   699 N  N6    . A   A 1 33 ? 22.837  1.872   -10.470 1.00 67.09  ? 63  A   A N6    1 
ATOM   700 N  N1    . A   A 1 33 ? 23.582  -0.103  -9.543  1.00 58.26  ? 63  A   A N1    1 
ATOM   701 C  C2    . A   A 1 33 ? 24.240  -0.739  -8.558  1.00 60.39  ? 63  A   A C2    1 
ATOM   702 N  N3    . A   A 1 33 ? 24.854  -0.233  -7.484  1.00 59.90  ? 63  A   A N3    1 
ATOM   703 C  C4    . A   A 1 33 ? 24.751  1.107   -7.471  1.00 60.20  ? 63  A   A C4    1 
ATOM   704 P  P     . G   A 1 34 ? 30.529  2.354   -6.618  1.00 69.14  ? 64  G   A P     1 
ATOM   705 O  OP1   . G   A 1 34 ? 31.818  1.729   -6.205  1.00 70.32  ? 64  G   A OP1   1 
ATOM   706 O  OP2   . G   A 1 34 ? 30.473  3.806   -6.987  1.00 64.20  ? 64  G   A OP2   1 
ATOM   707 O  "O5'" . G   A 1 34 ? 29.937  1.492   -7.819  1.00 69.31  ? 64  G   A "O5'" 1 
ATOM   708 C  "C5'" . G   A 1 34 ? 30.171  0.090   -7.880  1.00 68.52  ? 64  G   A "C5'" 1 
ATOM   709 C  "C4'" . G   A 1 34 ? 29.524  -0.487  -9.112  1.00 68.94  ? 64  G   A "C4'" 1 
ATOM   710 O  "O4'" . G   A 1 34 ? 28.085  -0.301  -9.030  1.00 68.54  ? 64  G   A "O4'" 1 
ATOM   711 C  "C3'" . G   A 1 34 ? 29.900  0.191   -10.418 1.00 69.63  ? 64  G   A "C3'" 1 
ATOM   712 O  "O3'" . G   A 1 34 ? 31.128  -0.318  -10.915 1.00 71.96  ? 64  G   A "O3'" 1 
ATOM   713 C  "C2'" . G   A 1 34 ? 28.720  -0.183  -11.302 1.00 68.43  ? 64  G   A "C2'" 1 
ATOM   714 O  "O2'" . G   A 1 34 ? 28.749  -1.536  -11.718 1.00 67.07  ? 64  G   A "O2'" 1 
ATOM   715 C  "C1'" . G   A 1 34 ? 27.568  0.002   -10.318 1.00 67.05  ? 64  G   A "C1'" 1 
ATOM   716 N  N9    . G   A 1 34 ? 27.106  1.382   -10.297 1.00 64.09  ? 64  G   A N9    1 
ATOM   717 C  C8    . G   A 1 34 ? 27.394  2.331   -9.345  1.00 66.14  ? 64  G   A C8    1 
ATOM   718 N  N7    . G   A 1 34 ? 26.849  3.492   -9.599  1.00 68.93  ? 64  G   A N7    1 
ATOM   719 C  C5    . G   A 1 34 ? 26.161  3.296   -10.790 1.00 65.19  ? 64  G   A C5    1 
ATOM   720 C  C6    . G   A 1 34 ? 25.385  4.198   -11.558 1.00 66.02  ? 64  G   A C6    1 
ATOM   721 O  O6    . G   A 1 34 ? 25.150  5.391   -11.338 1.00 73.32  ? 64  G   A O6    1 
ATOM   722 N  N1    . G   A 1 34 ? 24.863  3.590   -12.690 1.00 64.65  ? 64  G   A N1    1 
ATOM   723 C  C2    . G   A 1 34 ? 25.061  2.278   -13.046 1.00 63.95  ? 64  G   A C2    1 
ATOM   724 N  N2    . G   A 1 34 ? 24.472  1.888   -14.190 1.00 60.50  ? 64  G   A N2    1 
ATOM   725 N  N3    . G   A 1 34 ? 25.785  1.419   -12.338 1.00 63.77  ? 64  G   A N3    1 
ATOM   726 C  C4    . G   A 1 34 ? 26.303  1.995   -11.229 1.00 63.49  ? 64  G   A C4    1 
ATOM   727 P  P     . C   A 1 35 ? 32.031  0.594   -11.886 1.00 70.13  ? 65  C   A P     1 
ATOM   728 O  OP1   . C   A 1 35 ? 33.267  -0.190  -12.184 1.00 68.32  ? 65  C   A OP1   1 
ATOM   729 O  OP2   . C   A 1 35 ? 32.141  1.959   -11.290 1.00 67.31  ? 65  C   A OP2   1 
ATOM   730 O  "O5'" . C   A 1 35 ? 31.155  0.706   -13.213 1.00 68.30  ? 65  C   A "O5'" 1 
ATOM   731 C  "C5'" . C   A 1 35 ? 30.919  -0.440  -14.015 1.00 66.03  ? 65  C   A "C5'" 1 
ATOM   732 C  "C4'" . C   A 1 35 ? 29.862  -0.139  -15.039 1.00 66.77  ? 65  C   A "C4'" 1 
ATOM   733 O  "O4'" . C   A 1 35 ? 28.678  0.322   -14.340 1.00 64.70  ? 65  C   A "O4'" 1 
ATOM   734 C  "C3'" . C   A 1 35 ? 30.170  1.012   -15.983 1.00 69.19  ? 65  C   A "C3'" 1 
ATOM   735 O  "O3'" . C   A 1 35 ? 30.975  0.613   -17.076 1.00 71.79  ? 65  C   A "O3'" 1 
ATOM   736 C  "C2'" . C   A 1 35 ? 28.780  1.410   -16.443 1.00 67.62  ? 65  C   A "C2'" 1 
ATOM   737 O  "O2'" . C   A 1 35 ? 28.231  0.515   -17.387 1.00 69.14  ? 65  C   A "O2'" 1 
ATOM   738 C  "C1'" . C   A 1 35 ? 28.013  1.298   -15.129 1.00 63.75  ? 65  C   A "C1'" 1 
ATOM   739 N  N1    . C   A 1 35 ? 28.054  2.581   -14.423 1.00 58.03  ? 65  C   A N1    1 
ATOM   740 C  C2    . C   A 1 35 ? 27.303  3.647   -14.954 1.00 56.69  ? 65  C   A C2    1 
ATOM   741 O  O2    . C   A 1 35 ? 26.635  3.444   -15.982 1.00 53.30  ? 65  C   A O2    1 
ATOM   742 N  N3    . C   A 1 35 ? 27.327  4.859   -14.332 1.00 55.95  ? 65  C   A N3    1 
ATOM   743 C  C4    . C   A 1 35 ? 28.064  5.018   -13.225 1.00 57.14  ? 65  C   A C4    1 
ATOM   744 N  N4    . C   A 1 35 ? 28.069  6.225   -12.647 1.00 57.00  ? 65  C   A N4    1 
ATOM   745 C  C5    . C   A 1 35 ? 28.837  3.938   -12.660 1.00 56.61  ? 65  C   A C5    1 
ATOM   746 C  C6    . C   A 1 35 ? 28.801  2.750   -13.288 1.00 53.04  ? 65  C   A C6    1 
ATOM   747 P  P     . C   A 1 36 ? 32.109  1.609   -17.620 1.00 73.50  ? 66  C   A P     1 
ATOM   748 O  OP1   . C   A 1 36 ? 32.976  0.840   -18.553 1.00 74.69  ? 66  C   A OP1   1 
ATOM   749 O  OP2   . C   A 1 36 ? 32.707  2.281   -16.429 1.00 72.10  ? 66  C   A OP2   1 
ATOM   750 O  "O5'" . C   A 1 36 ? 31.296  2.681   -18.466 1.00 72.17  ? 66  C   A "O5'" 1 
ATOM   751 C  "C5'" . C   A 1 36 ? 30.551  2.285   -19.600 1.00 71.77  ? 66  C   A "C5'" 1 
ATOM   752 C  "C4'" . C   A 1 36 ? 29.834  3.473   -20.172 1.00 74.55  ? 66  C   A "C4'" 1 
ATOM   753 O  "O4'" . C   A 1 36 ? 28.840  3.948   -19.220 1.00 74.47  ? 66  C   A "O4'" 1 
ATOM   754 C  "C3'" . C   A 1 36 ? 30.709  4.693   -20.382 1.00 75.40  ? 66  C   A "C3'" 1 
ATOM   755 O  "O3'" . C   A 1 36 ? 31.438  4.622   -21.591 1.00 76.31  ? 66  C   A "O3'" 1 
ATOM   756 C  "C2'" . C   A 1 36 ? 29.678  5.812   -20.424 1.00 74.96  ? 66  C   A "C2'" 1 
ATOM   757 O  "O2'" . C   A 1 36 ? 29.001  5.874   -21.664 1.00 76.53  ? 66  C   A "O2'" 1 
ATOM   758 C  "C1'" . C   A 1 36 ? 28.716  5.361   -19.326 1.00 71.82  ? 66  C   A "C1'" 1 
ATOM   759 N  N1    . C   A 1 36 ? 29.074  5.959   -18.036 1.00 67.34  ? 66  C   A N1    1 
ATOM   760 C  C2    . C   A 1 36 ? 28.702  7.283   -17.786 1.00 65.89  ? 66  C   A C2    1 
ATOM   761 O  O2    . C   A 1 36 ? 28.079  7.897   -18.655 1.00 69.43  ? 66  C   A O2    1 
ATOM   762 N  N3    . C   A 1 36 ? 29.032  7.856   -16.612 1.00 65.36  ? 66  C   A N3    1 
ATOM   763 C  C4    . C   A 1 36 ? 29.715  7.157   -15.705 1.00 69.38  ? 66  C   A C4    1 
ATOM   764 N  N4    . C   A 1 36 ? 30.031  7.764   -14.560 1.00 73.44  ? 66  C   A N4    1 
ATOM   765 C  C5    . C   A 1 36 ? 30.107  5.798   -15.931 1.00 68.84  ? 66  C   A C5    1 
ATOM   766 C  C6    . C   A 1 36 ? 29.766  5.244   -17.098 1.00 66.70  ? 66  C   A C6    1 
ATOM   767 P  P     . A   A 1 37 ? 32.686  5.605   -21.805 1.00 77.93  ? 67  A   A P     1 
ATOM   768 O  OP1   . A   A 1 37 ? 33.186  5.368   -23.185 1.00 78.37  ? 67  A   A OP1   1 
ATOM   769 O  OP2   . A   A 1 37 ? 33.601  5.450   -20.639 1.00 76.78  ? 67  A   A OP2   1 
ATOM   770 O  "O5'" . A   A 1 37 ? 32.058  7.063   -21.742 1.00 71.74  ? 67  A   A "O5'" 1 
ATOM   771 C  "C5'" . A   A 1 37 ? 31.235  7.523   -22.794 1.00 71.17  ? 67  A   A "C5'" 1 
ATOM   772 C  "C4'" . A   A 1 37 ? 30.782  8.921   -22.506 1.00 70.63  ? 67  A   A "C4'" 1 
ATOM   773 O  "O4'" . A   A 1 37 ? 30.176  8.946   -21.189 1.00 72.61  ? 67  A   A "O4'" 1 
ATOM   774 C  "C3'" . A   A 1 37 ? 31.899  9.933   -22.385 1.00 71.14  ? 67  A   A "C3'" 1 
ATOM   775 O  "O3'" . A   A 1 37 ? 32.278  10.370  -23.677 1.00 72.31  ? 67  A   A "O3'" 1 
ATOM   776 C  "C2'" . A   A 1 37 ? 31.243  11.037  -21.562 1.00 71.17  ? 67  A   A "C2'" 1 
ATOM   777 O  "O2'" . A   A 1 37 ? 30.422  11.902  -22.328 1.00 71.30  ? 67  A   A "O2'" 1 
ATOM   778 C  "C1'" . A   A 1 37 ? 30.380  10.217  -20.597 1.00 69.94  ? 67  A   A "C1'" 1 
ATOM   779 N  N9    . A   A 1 37 ? 31.007  10.011  -19.298 1.00 67.35  ? 67  A   A N9    1 
ATOM   780 C  C8    . A   A 1 37 ? 31.622  8.877   -18.813 1.00 69.81  ? 67  A   A C8    1 
ATOM   781 N  N7    . A   A 1 37 ? 32.086  9.009   -17.589 1.00 67.37  ? 67  A   A N7    1 
ATOM   782 C  C5    . A   A 1 37 ? 31.753  10.312  -17.249 1.00 63.90  ? 67  A   A C5    1 
ATOM   783 C  C6    . A   A 1 37 ? 31.958  11.057  -16.085 1.00 63.82  ? 67  A   A C6    1 
ATOM   784 N  N6    . A   A 1 37 ? 32.563  10.564  -14.994 1.00 64.71  ? 67  A   A N6    1 
ATOM   785 N  N1    . A   A 1 37 ? 31.512  12.339  -16.072 1.00 61.16  ? 67  A   A N1    1 
ATOM   786 C  C2    . A   A 1 37 ? 30.893  12.816  -17.169 1.00 60.44  ? 67  A   A C2    1 
ATOM   787 N  N3    . A   A 1 37 ? 30.631  12.205  -18.323 1.00 60.34  ? 67  A   A N3    1 
ATOM   788 C  C4    . A   A 1 37 ? 31.093  10.942  -18.297 1.00 64.49  ? 67  A   A C4    1 
ATOM   789 P  P     . A   A 1 38 ? 33.832  10.594  -24.010 1.00 71.14  ? 68  A   A P     1 
ATOM   790 O  OP1   . A   A 1 38 ? 33.935  10.770  -25.481 1.00 71.18  ? 68  A   A OP1   1 
ATOM   791 O  OP2   . A   A 1 38 ? 34.591  9.501   -23.331 1.00 67.71  ? 68  A   A OP2   1 
ATOM   792 O  "O5'" . A   A 1 38 ? 34.171  12.000  -23.343 1.00 69.11  ? 68  A   A "O5'" 1 
ATOM   793 C  "C5'" . A   A 1 38 ? 33.504  13.177  -23.785 1.00 68.93  ? 68  A   A "C5'" 1 
ATOM   794 C  "C4'" . A   A 1 38 ? 33.792  14.319  -22.845 1.00 71.72  ? 68  A   A "C4'" 1 
ATOM   795 O  "O4'" . A   A 1 38 ? 33.035  14.184  -21.609 1.00 73.10  ? 68  A   A "O4'" 1 
ATOM   796 C  "C3'" . A   A 1 38 ? 35.237  14.403  -22.397 1.00 71.54  ? 68  A   A "C3'" 1 
ATOM   797 O  "O3'" . A   A 1 38 ? 36.004  15.092  -23.360 1.00 71.72  ? 68  A   A "O3'" 1 
ATOM   798 C  "C2'" . A   A 1 38 ? 35.119  15.188  -21.100 1.00 72.08  ? 68  A   A "C2'" 1 
ATOM   799 O  "O2'" . A   A 1 38 ? 34.947  16.574  -21.340 1.00 71.53  ? 68  A   A "O2'" 1 
ATOM   800 C  "C1'" . A   A 1 38 ? 33.849  14.571  -20.507 1.00 70.81  ? 68  A   A "C1'" 1 
ATOM   801 N  N9    . A   A 1 38 ? 34.153  13.359  -19.747 1.00 68.64  ? 68  A   A N9    1 
ATOM   802 C  C8    . A   A 1 38 ? 34.204  12.066  -20.224 1.00 67.94  ? 68  A   A C8    1 
ATOM   803 N  N7    . A   A 1 38 ? 34.537  11.180  -19.315 1.00 68.97  ? 68  A   A N7    1 
ATOM   804 C  C5    . A   A 1 38 ? 34.716  11.937  -18.162 1.00 67.11  ? 68  A   A C5    1 
ATOM   805 C  C6    . A   A 1 38 ? 35.094  11.588  -16.846 1.00 66.56  ? 68  A   A C6    1 
ATOM   806 N  N6    . A   A 1 38 ? 35.374  10.337  -16.459 1.00 67.92  ? 68  A   A N6    1 
ATOM   807 N  N1    . A   A 1 38 ? 35.178  12.584  -15.932 1.00 65.64  ? 68  A   A N1    1 
ATOM   808 C  C2    . A   A 1 38 ? 34.900  13.842  -16.324 1.00 66.63  ? 68  A   A C2    1 
ATOM   809 N  N3    . A   A 1 38 ? 34.543  14.293  -17.532 1.00 64.88  ? 68  A   A N3    1 
ATOM   810 C  C4    . A   A 1 38 ? 34.471  13.281  -18.413 1.00 66.59  ? 68  A   A C4    1 
ATOM   811 P  P     . G   A 1 39 ? 37.595  14.927  -23.352 1.00 72.70  ? 69  G   A P     1 
ATOM   812 O  OP1   . G   A 1 39 ? 38.162  16.008  -24.207 1.00 73.14  ? 69  G   A OP1   1 
ATOM   813 O  OP2   . G   A 1 39 ? 37.951  13.499  -23.609 1.00 71.83  ? 69  G   A OP2   1 
ATOM   814 O  "O5'" . G   A 1 39 ? 37.970  15.241  -21.845 1.00 71.78  ? 69  G   A "O5'" 1 
ATOM   815 C  "C5'" . G   A 1 39 ? 39.254  14.947  -21.351 1.00 70.84  ? 69  G   A "C5'" 1 
ATOM   816 C  "C4'" . G   A 1 39 ? 39.452  15.664  -20.058 1.00 70.10  ? 69  G   A "C4'" 1 
ATOM   817 O  "O4'" . G   A 1 39 ? 38.302  15.424  -19.208 1.00 69.26  ? 69  G   A "O4'" 1 
ATOM   818 C  "C3'" . G   A 1 39 ? 40.632  15.182  -19.250 1.00 71.00  ? 69  G   A "C3'" 1 
ATOM   819 O  "O3'" . G   A 1 39 ? 41.808  15.822  -19.701 1.00 69.55  ? 69  G   A "O3'" 1 
ATOM   820 C  "C2'" . G   A 1 39 ? 40.227  15.590  -17.842 1.00 72.05  ? 69  G   A "C2'" 1 
ATOM   821 O  "O2'" . G   A 1 39 ? 40.400  16.973  -17.599 1.00 74.66  ? 69  G   A "O2'" 1 
ATOM   822 C  "C1'" . G   A 1 39 ? 38.733  15.262  -17.868 1.00 70.11  ? 69  G   A "C1'" 1 
ATOM   823 N  N9    . G   A 1 39 ? 38.512  13.875  -17.496 1.00 67.81  ? 69  G   A N9    1 
ATOM   824 C  C8    . G   A 1 39 ? 38.077  12.849  -18.303 1.00 69.71  ? 69  G   A C8    1 
ATOM   825 N  N7    . G   A 1 39 ? 38.027  11.700  -17.684 1.00 69.64  ? 69  G   A N7    1 
ATOM   826 C  C5    . G   A 1 39 ? 38.443  11.992  -16.393 1.00 69.83  ? 69  G   A C5    1 
ATOM   827 C  C6    . G   A 1 39 ? 38.598  11.151  -15.271 1.00 71.17  ? 69  G   A C6    1 
ATOM   828 O  O6    . G   A 1 39 ? 38.392  9.939   -15.187 1.00 78.52  ? 69  G   A O6    1 
ATOM   829 N  N1    . G   A 1 39 ? 39.041  11.860  -14.160 1.00 70.87  ? 69  G   A N1    1 
ATOM   830 C  C2    . G   A 1 39 ? 39.296  13.212  -14.135 1.00 71.00  ? 69  G   A C2    1 
ATOM   831 N  N2    . G   A 1 39 ? 39.702  13.724  -12.961 1.00 73.25  ? 69  G   A N2    1 
ATOM   832 N  N3    . G   A 1 39 ? 39.160  14.005  -15.181 1.00 68.27  ? 69  G   A N3    1 
ATOM   833 C  C4    . G   A 1 39 ? 38.734  13.334  -16.265 1.00 67.87  ? 69  G   A C4    1 
ATOM   834 P  P     . G   A 1 40 ? 43.232  15.186  -19.341 1.00 71.96  ? 70  G   A P     1 
ATOM   835 O  OP1   . G   A 1 40 ? 44.253  16.170  -19.810 1.00 73.12  ? 70  G   A OP1   1 
ATOM   836 O  OP2   . G   A 1 40 ? 43.271  13.772  -19.823 1.00 68.96  ? 70  G   A OP2   1 
ATOM   837 O  "O5'" . G   A 1 40 ? 43.250  15.175  -17.753 1.00 70.92  ? 70  G   A "O5'" 1 
ATOM   838 C  "C5'" . G   A 1 40 ? 43.487  16.376  -17.034 1.00 73.76  ? 70  G   A "C5'" 1 
ATOM   839 C  "C4'" . G   A 1 40 ? 43.922  16.048  -15.639 1.00 75.76  ? 70  G   A "C4'" 1 
ATOM   840 O  "O4'" . G   A 1 40 ? 42.814  15.410  -14.956 1.00 75.40  ? 70  G   A "O4'" 1 
ATOM   841 C  "C3'" . G   A 1 40 ? 45.034  15.016  -15.571 1.00 77.92  ? 70  G   A "C3'" 1 
ATOM   842 O  "O3'" . G   A 1 40 ? 46.319  15.605  -15.693 1.00 79.11  ? 70  G   A "O3'" 1 
ATOM   843 C  "C2'" . G   A 1 40 ? 44.834  14.426  -14.190 1.00 76.95  ? 70  G   A "C2'" 1 
ATOM   844 O  "O2'" . G   A 1 40 ? 45.380  15.278  -13.207 1.00 78.70  ? 70  G   A "O2'" 1 
ATOM   845 C  "C1'" . G   A 1 40 ? 43.306  14.390  -14.107 1.00 75.67  ? 70  G   A "C1'" 1 
ATOM   846 N  N9    . G   A 1 40 ? 42.762  13.120  -14.569 1.00 74.80  ? 70  G   A N9    1 
ATOM   847 C  C8    . G   A 1 40 ? 42.084  12.868  -15.739 1.00 73.44  ? 70  G   A C8    1 
ATOM   848 N  N7    . G   A 1 40 ? 41.745  11.612  -15.870 1.00 73.10  ? 70  G   A N7    1 
ATOM   849 C  C5    . G   A 1 40 ? 42.224  11.004  -14.715 1.00 73.87  ? 70  G   A C5    1 
ATOM   850 C  C6    . G   A 1 40 ? 42.170  9.644   -14.286 1.00 74.80  ? 70  G   A C6    1 
ATOM   851 O  O6    . G   A 1 40 ? 41.669  8.666   -14.855 1.00 78.27  ? 70  G   A O6    1 
ATOM   852 N  N1    . G   A 1 40 ? 42.785  9.476   -13.052 1.00 75.05  ? 70  G   A N1    1 
ATOM   853 C  C2    . G   A 1 40 ? 43.373  10.474  -12.319 1.00 74.26  ? 70  G   A C2    1 
ATOM   854 N  N2    . G   A 1 40 ? 43.907  10.114  -11.147 1.00 76.35  ? 70  G   A N2    1 
ATOM   855 N  N3    . G   A 1 40 ? 43.436  11.733  -12.704 1.00 75.78  ? 70  G   A N3    1 
ATOM   856 C  C4    . G   A 1 40 ? 42.847  11.925  -13.902 1.00 75.38  ? 70  G   A C4    1 
ATOM   857 P  P     . C   A 1 41 ? 47.548  14.705  -16.200 1.00 81.78  ? 71  C   A P     1 
ATOM   858 O  OP1   . C   A 1 41 ? 48.758  15.572  -16.268 1.00 81.26  ? 71  C   A OP1   1 
ATOM   859 O  OP2   . C   A 1 41 ? 47.082  13.980  -17.419 1.00 79.09  ? 71  C   A OP2   1 
ATOM   860 O  "O5'" . C   A 1 41 ? 47.741  13.633  -15.033 1.00 83.42  ? 71  C   A "O5'" 1 
ATOM   861 C  "C5'" . C   A 1 41 ? 48.252  14.028  -13.761 1.00 86.63  ? 71  C   A "C5'" 1 
ATOM   862 C  "C4'" . C   A 1 41 ? 48.317  12.841  -12.834 1.00 88.61  ? 71  C   A "C4'" 1 
ATOM   863 O  "O4'" . C   A 1 41 ? 46.971  12.343  -12.624 1.00 88.68  ? 71  C   A "O4'" 1 
ATOM   864 C  "C3'" . C   A 1 41 ? 49.069  11.630  -13.367 1.00 90.94  ? 71  C   A "C3'" 1 
ATOM   865 O  "O3'" . C   A 1 41 ? 50.476  11.727  -13.197 1.00 94.26  ? 71  C   A "O3'" 1 
ATOM   866 C  "C2'" . C   A 1 41 ? 48.464  10.497  -12.552 1.00 90.32  ? 71  C   A "C2'" 1 
ATOM   867 O  "O2'" . C   A 1 41 ? 48.979  10.357  -11.239 1.00 88.95  ? 71  C   A "O2'" 1 
ATOM   868 C  "C1'" . C   A 1 41 ? 46.999  10.927  -12.521 1.00 89.54  ? 71  C   A "C1'" 1 
ATOM   869 N  N1    . C   A 1 41 ? 46.290  10.371  -13.677 1.00 89.17  ? 71  C   A N1    1 
ATOM   870 C  C2    . C   A 1 41 ? 46.098  8.996   -13.727 1.00 89.58  ? 71  C   A C2    1 
ATOM   871 O  O2    . C   A 1 41 ? 46.528  8.307   -12.795 1.00 91.15  ? 71  C   A O2    1 
ATOM   872 N  N3    . C   A 1 41 ? 45.462  8.450   -14.784 1.00 90.35  ? 71  C   A N3    1 
ATOM   873 C  C4    . C   A 1 41 ? 45.032  9.230   -15.772 1.00 91.13  ? 71  C   A C4    1 
ATOM   874 N  N4    . C   A 1 41 ? 44.421  8.646   -16.801 1.00 93.11  ? 71  C   A N4    1 
ATOM   875 C  C5    . C   A 1 41 ? 45.213  10.647  -15.749 1.00 92.07  ? 71  C   A C5    1 
ATOM   876 C  C6    . C   A 1 41 ? 45.841  11.170  -14.689 1.00 89.17  ? 71  C   A C6    1 
ATOM   877 P  P     . A   A 1 42 ? 51.448  10.998  -14.251 1.00 96.38  ? 72  A   A P     1 
ATOM   878 O  OP1   . A   A 1 42 ? 52.855  11.327  -13.892 1.00 97.45  ? 72  A   A OP1   1 
ATOM   879 O  OP2   . A   A 1 42 ? 50.936  11.328  -15.611 1.00 96.05  ? 72  A   A OP2   1 
ATOM   880 O  "O5'" . A   A 1 42 ? 51.220  9.441   -13.980 1.00 95.15  ? 72  A   A "O5'" 1 
ATOM   881 C  "C5'" . A   A 1 42 ? 51.621  8.859   -12.746 1.00 94.09  ? 72  A   A "C5'" 1 
ATOM   882 C  "C4'" . A   A 1 42 ? 51.347  7.382   -12.756 1.00 93.71  ? 72  A   A "C4'" 1 
ATOM   883 O  "O4'" . A   A 1 42 ? 49.920  7.163   -12.873 1.00 94.32  ? 72  A   A "O4'" 1 
ATOM   884 C  "C3'" . A   A 1 42 ? 51.918  6.635   -13.945 1.00 94.57  ? 72  A   A "C3'" 1 
ATOM   885 O  "O3'" . A   A 1 42 ? 53.271  6.283   -13.736 1.00 97.74  ? 72  A   A "O3'" 1 
ATOM   886 C  "C2'" . A   A 1 42 ? 51.052  5.390   -13.987 1.00 94.49  ? 72  A   A "C2'" 1 
ATOM   887 O  "O2'" . A   A 1 42 ? 51.472  4.434   -13.036 1.00 92.89  ? 72  A   A "O2'" 1 
ATOM   888 C  "C1'" . A   A 1 42 ? 49.686  5.964   -13.603 1.00 94.98  ? 72  A   A "C1'" 1 
ATOM   889 N  N9    . A   A 1 42 ? 48.822  6.272   -14.747 1.00 93.88  ? 72  A   A N9    1 
ATOM   890 C  C8    . A   A 1 42 ? 48.617  7.491   -15.347 1.00 90.27  ? 72  A   A C8    1 
ATOM   891 N  N7    . A   A 1 42 ? 47.738  7.459   -16.321 1.00 90.30  ? 72  A   A N7    1 
ATOM   892 C  C5    . A   A 1 42 ? 47.346  6.127   -16.378 1.00 91.09  ? 72  A   A C5    1 
ATOM   893 C  C6    . A   A 1 42 ? 46.423  5.440   -17.201 1.00 89.44  ? 72  A   A C6    1 
ATOM   894 N  N6    . A   A 1 42 ? 45.706  6.033   -18.158 1.00 89.50  ? 72  A   A N6    1 
ATOM   895 N  N1    . A   A 1 42 ? 46.264  4.110   -17.000 1.00 85.91  ? 72  A   A N1    1 
ATOM   896 C  C2    . A   A 1 42 ? 46.987  3.519   -16.042 1.00 88.71  ? 72  A   A C2    1 
ATOM   897 N  N3    . A   A 1 42 ? 47.886  4.054   -15.204 1.00 92.45  ? 72  A   A N3    1 
ATOM   898 C  C4    . A   A 1 42 ? 48.017  5.379   -15.425 1.00 93.31  ? 72  A   A C4    1 
ATOM   899 P  P     . G   A 1 43 ? 54.231  6.065   -15.006 1.00 100.58 ? 73  G   A P     1 
ATOM   900 O  OP1   . G   A 1 43 ? 55.631  5.876   -14.512 1.00 98.01  ? 73  G   A OP1   1 
ATOM   901 O  OP2   . G   A 1 43 ? 53.921  7.173   -15.952 1.00 100.97 ? 73  G   A OP2   1 
ATOM   902 O  "O5'" . G   A 1 43 ? 53.729  4.696   -15.650 1.00 96.50  ? 73  G   A "O5'" 1 
ATOM   903 C  "C5'" . G   A 1 43 ? 53.905  3.480   -14.943 1.00 93.25  ? 73  G   A "C5'" 1 
ATOM   904 C  "C4'" . G   A 1 43 ? 52.979  2.410   -15.464 1.00 90.46  ? 73  G   A "C4'" 1 
ATOM   905 O  "O4'" . G   A 1 43 ? 51.612  2.902   -15.539 1.00 89.67  ? 73  G   A "O4'" 1 
ATOM   906 C  "C3'" . G   A 1 43 ? 53.201  1.905   -16.873 1.00 87.95  ? 73  G   A "C3'" 1 
ATOM   907 O  "O3'" . G   A 1 43 ? 54.285  0.997   -16.936 1.00 88.69  ? 73  G   A "O3'" 1 
ATOM   908 C  "C2'" . G   A 1 43 ? 51.903  1.153   -17.105 1.00 86.60  ? 73  G   A "C2'" 1 
ATOM   909 O  "O2'" . G   A 1 43 ? 51.905  -0.074  -16.409 1.00 85.10  ? 73  G   A "O2'" 1 
ATOM   910 C  "C1'" . G   A 1 43 ? 50.887  2.100   -16.462 1.00 86.81  ? 73  G   A "C1'" 1 
ATOM   911 N  N9    . G   A 1 43 ? 50.250  2.947   -17.469 1.00 85.79  ? 73  G   A N9    1 
ATOM   912 C  C8    . G   A 1 43 ? 50.513  4.268   -17.766 1.00 83.25  ? 73  G   A C8    1 
ATOM   913 N  N7    . G   A 1 43 ? 49.795  4.719   -18.764 1.00 80.62  ? 73  G   A N7    1 
ATOM   914 C  C5    . G   A 1 43 ? 49.004  3.636   -19.142 1.00 81.52  ? 73  G   A C5    1 
ATOM   915 C  C6    . G   A 1 43 ? 48.024  3.511   -20.180 1.00 78.29  ? 73  G   A C6    1 
ATOM   916 O  O6    . G   A 1 43 ? 47.650  4.357   -20.991 1.00 76.52  ? 73  G   A O6    1 
ATOM   917 N  N1    . G   A 1 43 ? 47.468  2.235   -20.212 1.00 77.28  ? 73  G   A N1    1 
ATOM   918 C  C2    . G   A 1 43 ? 47.802  1.207   -19.363 1.00 79.21  ? 73  G   A C2    1 
ATOM   919 N  N2    . G   A 1 43 ? 47.150  0.050   -19.546 1.00 79.02  ? 73  G   A N2    1 
ATOM   920 N  N3    . G   A 1 43 ? 48.709  1.305   -18.400 1.00 80.75  ? 73  G   A N3    1 
ATOM   921 C  C4    . G   A 1 43 ? 49.267  2.538   -18.348 1.00 83.34  ? 73  G   A C4    1 
ATOM   922 P  P     . A   A 1 44 ? 54.862  0.560   -18.374 1.00 90.78  ? 74  A   A P     1 
ATOM   923 O  OP1   . A   A 1 44 ? 56.048  -0.319  -18.155 1.00 89.01  ? 74  A   A OP1   1 
ATOM   924 O  OP2   . A   A 1 44 ? 55.011  1.812   -19.178 1.00 88.86  ? 74  A   A OP2   1 
ATOM   925 O  "O5'" . A   A 1 44 ? 53.686  -0.323  -19.005 1.00 88.44  ? 74  A   A "O5'" 1 
ATOM   926 C  "C5'" . A   A 1 44 ? 53.326  -1.579  -18.428 1.00 88.33  ? 74  A   A "C5'" 1 
ATOM   927 C  "C4'" . A   A 1 44 ? 52.215  -2.247  -19.220 1.00 87.14  ? 74  A   A "C4'" 1 
ATOM   928 O  "O4'" . A   A 1 44 ? 50.983  -1.483  -19.122 1.00 88.51  ? 74  A   A "O4'" 1 
ATOM   929 C  "C3'" . A   A 1 44 ? 52.429  -2.410  -20.715 1.00 86.30  ? 74  A   A "C3'" 1 
ATOM   930 O  "O3'" . A   A 1 44 ? 53.235  -3.548  -20.975 1.00 86.15  ? 74  A   A "O3'" 1 
ATOM   931 C  "C2'" . A   A 1 44 ? 50.995  -2.595  -21.199 1.00 85.83  ? 74  A   A "C2'" 1 
ATOM   932 O  "O2'" . A   A 1 44 ? 50.463  -3.869  -20.879 1.00 82.70  ? 74  A   A "O2'" 1 
ATOM   933 C  "C1'" . A   A 1 44 ? 50.278  -1.547  -20.354 1.00 85.98  ? 74  A   A "C1'" 1 
ATOM   934 N  N9    . A   A 1 44 ? 50.335  -0.221  -20.968 1.00 84.22  ? 74  A   A N9    1 
ATOM   935 C  C8    . A   A 1 44 ? 51.212  0.787   -20.659 1.00 81.76  ? 74  A   A C8    1 
ATOM   936 N  N7    . A   A 1 44 ? 51.041  1.876   -21.367 1.00 81.75  ? 74  A   A N7    1 
ATOM   937 C  C5    . A   A 1 44 ? 49.981  1.567   -22.200 1.00 81.90  ? 74  A   A C5    1 
ATOM   938 C  C6    . A   A 1 44 ? 49.322  2.308   -23.183 1.00 81.32  ? 74  A   A C6    1 
ATOM   939 N  N6    . A   A 1 44 ? 49.664  3.557   -23.505 1.00 81.26  ? 74  A   A N6    1 
ATOM   940 N  N1    . A   A 1 44 ? 48.294  1.718   -23.832 1.00 81.30  ? 74  A   A N1    1 
ATOM   941 C  C2    . A   A 1 44 ? 47.966  0.455   -23.504 1.00 80.92  ? 74  A   A C2    1 
ATOM   942 N  N3    . A   A 1 44 ? 48.515  -0.349  -22.595 1.00 81.75  ? 74  A   A N3    1 
ATOM   943 C  C4    . A   A 1 44 ? 49.530  0.276   -21.968 1.00 84.29  ? 74  A   A C4    1 
HETATM 944 P  P1    . PGP A 1 45 ? 53.827  -5.526  -27.220 1.00 89.08  ? 75  PGP A P1    1 
HETATM 945 O  O4P   . PGP A 1 45 ? 54.253  -6.954  -27.176 1.00 84.21  ? 75  PGP A O4P   1 
HETATM 946 O  O5P   . PGP A 1 45 ? 54.690  -4.473  -26.601 1.00 91.00  ? 75  PGP A O5P   1 
HETATM 947 O  O6P   . PGP A 1 45 ? 53.616  -5.124  -28.747 1.00 94.31  ? 75  PGP A O6P   1 
HETATM 948 P  P     . PGP A 1 45 ? 53.868  -3.766  -22.436 1.00 86.38  ? 75  PGP A P     1 
HETATM 949 O  OP1   . PGP A 1 45 ? 54.306  -5.188  -22.446 1.00 88.63  ? 75  PGP A OP1   1 
HETATM 950 O  OP2   . PGP A 1 45 ? 54.844  -2.687  -22.750 1.00 87.07  ? 75  PGP A OP2   1 
HETATM 951 O  "O5'" . PGP A 1 45 ? 52.632  -3.601  -23.431 1.00 86.05  ? 75  PGP A "O5'" 1 
HETATM 952 C  "C5'" . PGP A 1 45 ? 51.675  -4.650  -23.590 1.00 85.26  ? 75  PGP A "C5'" 1 
HETATM 953 C  "C4'" . PGP A 1 45 ? 50.937  -4.494  -24.901 1.00 83.83  ? 75  PGP A "C4'" 1 
HETATM 954 O  "O4'" . PGP A 1 45 ? 50.026  -3.366  -24.844 1.00 81.27  ? 75  PGP A "O4'" 1 
HETATM 955 C  "C3'" . PGP A 1 45 ? 51.822  -4.222  -26.106 1.00 83.81  ? 75  PGP A "C3'" 1 
HETATM 956 O  "O3'" . PGP A 1 45 ? 52.338  -5.461  -26.603 1.00 87.20  ? 75  PGP A "O3'" 1 
HETATM 957 C  "C2'" . PGP A 1 45 ? 50.852  -3.538  -27.073 1.00 81.55  ? 75  PGP A "C2'" 1 
HETATM 958 O  "O2'" . PGP A 1 45 ? 50.045  -4.453  -27.798 1.00 80.91  ? 75  PGP A "O2'" 1 
HETATM 959 C  "C1'" . PGP A 1 45 ? 49.967  -2.736  -26.112 1.00 77.94  ? 75  PGP A "C1'" 1 
HETATM 960 N  N9    . PGP A 1 45 ? 50.336  -1.335  -25.928 1.00 73.10  ? 75  PGP A N9    1 
HETATM 961 C  C8    . PGP A 1 45 ? 51.193  -0.827  -24.982 1.00 70.86  ? 75  PGP A C8    1 
HETATM 962 N  N7    . PGP A 1 45 ? 51.294  0.473   -25.026 1.00 69.05  ? 75  PGP A N7    1 
HETATM 963 C  C5    . PGP A 1 45 ? 50.461  0.848   -26.073 1.00 70.26  ? 75  PGP A C5    1 
HETATM 964 C  C6    . PGP A 1 45 ? 50.151  2.138   -26.583 1.00 71.32  ? 75  PGP A C6    1 
HETATM 965 O  O6    . PGP A 1 45 ? 50.579  3.231   -26.209 1.00 76.97  ? 75  PGP A O6    1 
HETATM 966 N  N1    . PGP A 1 45 ? 49.241  2.075   -27.635 1.00 69.92  ? 75  PGP A N1    1 
HETATM 967 C  C2    . PGP A 1 45 ? 48.702  0.919   -28.139 1.00 72.75  ? 75  PGP A C2    1 
HETATM 968 N  N2    . PGP A 1 45 ? 47.826  1.067   -29.154 1.00 71.61  ? 75  PGP A N2    1 
HETATM 969 N  N3    . PGP A 1 45 ? 48.994  -0.298  -27.678 1.00 73.38  ? 75  PGP A N3    1 
HETATM 970 C  C4    . PGP A 1 45 ? 49.870  -0.254  -26.648 1.00 71.81  ? 75  PGP A C4    1 
HETATM 971 LU LU    . LU  B 2 .  ? 55.772  -6.348  -24.015 0.55 68.92  ? 1   LU  A LU    1 
HETATM 972 MG MG    . MG  C 3 .  ? 11.326  15.038  -11.082 1.00 73.63  ? 2   MG  A MG    1 
HETATM 973 S  S     . SO4 D 4 .  ? -53.441 -10.209 18.604  1.00 148.72 ? 3   SO4 A S     1 
HETATM 974 O  O1    . SO4 D 4 .  ? -53.047 -8.974  17.893  1.00 147.36 ? 3   SO4 A O1    1 
HETATM 975 O  O2    . SO4 D 4 .  ? -53.149 -10.066 20.044  1.00 147.73 ? 3   SO4 A O2    1 
HETATM 976 O  O3    . SO4 D 4 .  ? -54.888 -10.445 18.415  1.00 148.03 ? 3   SO4 A O3    1 
HETATM 977 O  O4    . SO4 D 4 .  ? -52.679 -11.358 18.071  1.00 148.27 ? 3   SO4 A O4    1 
HETATM 978 S  S     . SO4 E 4 .  ? -17.136 2.574   11.919  1.00 101.13 ? 4   SO4 A S     1 
HETATM 979 O  O1    . SO4 E 4 .  ? -16.567 2.120   13.209  1.00 99.92  ? 4   SO4 A O1    1 
HETATM 980 O  O2    . SO4 E 4 .  ? -17.720 1.417   11.206  1.00 99.39  ? 4   SO4 A O2    1 
HETATM 981 O  O3    . SO4 E 4 .  ? -16.059 3.162   11.097  1.00 102.86 ? 4   SO4 A O3    1 
HETATM 982 O  O4    . SO4 E 4 .  ? -18.181 3.596   12.161  1.00 99.16  ? 4   SO4 A O4    1 
HETATM 983 O  O     . HOH F 5 .  ? 36.086  8.977   -18.980 1.00 51.33  ? 101 HOH A O     1 
HETATM 984 O  O     . HOH F 5 .  ? 31.762  13.558  -13.562 1.00 62.06  ? 102 HOH A O     1 
HETATM 985 O  O     . HOH F 5 .  ? -15.473 3.378   -1.357  1.00 84.93  ? 103 HOH A O     1 
HETATM 986 O  O     . HOH F 5 .  ? -25.000 -5.401  13.614  1.00 63.30  ? 104 HOH A O     1 
HETATM 987 O  O     . HOH F 5 .  ? 4.712   -2.983  -14.397 1.00 65.20  ? 105 HOH A O     1 
HETATM 988 O  O     . HOH F 5 .  ? 15.703  10.642  -3.484  1.00 59.89  ? 106 HOH A O     1 
# 
